data_4E0S
#
_entry.id   4E0S
#
_cell.length_a   158.949
_cell.length_b   227.529
_cell.length_c   278.157
_cell.angle_alpha   90.00
_cell.angle_beta   90.00
_cell.angle_gamma   90.00
#
_symmetry.space_group_name_H-M   'I 21 21 21'
#
loop_
_entity.id
_entity.type
_entity.pdbx_description
1 polymer 'Complement C5'
2 polymer 'Complement component C6'
3 branched 2-acetamido-2-deoxy-beta-D-glucopyranose-(1-4)-2-acetamido-2-deoxy-beta-D-glucopyranose
4 branched beta-D-glucopyranose-(1-3)-alpha-L-fucopyranose
5 non-polymer 'SODIUM ION'
6 non-polymer 'CALCIUM ION'
7 non-polymer alpha-D-mannopyranose
#
loop_
_entity_poly.entity_id
_entity_poly.type
_entity_poly.pdbx_seq_one_letter_code
_entity_poly.pdbx_strand_id
1 'polypeptide(L)'
;MGLLGILCFLIFLGKTWGQEQTYVISAPKIFRVGASENIVIQVYGYTEAFDATISIKSYPDKKFSYSSGHVHLSSENKFQ
NSAILTIQPKQLPGGQNPVSYVYLEVVSKHFSKSKRMPITYDNGFLFIHTDKPVYTPDQSVKVRVYSLNDDLKPAKRETV
LTFIDPEGSEVDMVEEIDHIGIISFPDFKIPSNPRYGMWTIKAKYKEDFSTTGTAYFEVKEYVLPHFSVSIEPEYNFIGY
KNFKNFEITIKARYFYNKVVTEADVYITFGIREDLKDDQKEMMQTAMQNTMLINGIAQVTFDSETAVKELSYYSLEDLNN
KYLYIAVTVIESTGGFSEEAEIPGIKYVLSPYKLNLVATPLFLKPGIPYPIKVQVKDSLDQLVGGVPVTLNAQTIDVNQE
TSDLDPSKSVTRVDDGVASFVLNLPSGVTVLEFNVKTDAPDLPEENQAREGYRAIAYSSLSQSYLYIDWTDNHKALLVGE
HLNIIVTPKSPYIDKITHYNYLILSKGKIIHFGTREKFSDASYQSINIPVTQNMVPSSRLLVYYIVTGEQTAELVSDSVW
LNIEEKCGNQLQVHLSPDADAYSPGQTVSLNMATGMDSWVALAAVDSAVYGVQRGAKKPLERVFQFLEKSDLGCGAGGGL
NNANVFHLAGLTFLTNANADDSQENDEPCKEILRPRRTLQKKIEEIAAKYKHSVVKKCCYDGACVNNDETCEQRAARISL
GPRCIKAFTECCVVASQLRANISHKDMQLGRLHMKTLLPVSKPEIRSYFPESWLWEVHLVPRRKQLQFALPDSLTTWEIQ
GIGISNTGICVADTVKAKVFKDVFLEMNIPYSVVRGEQIQLKGTVYNYRTSGMQFCVKMSAVEGICTSESPVIDHQGTKS
SKCVRQKVEGSSSHLVTFTVLPLEIGLHNINFSLETWFGKEILVKTLRVVPEGVKRESYSGVTLDPRGIYGTISRRKEFP
YRIPLDLVPKTEIKRILSVKGLLVGEILSAVLSQEGINILTHLPKGSAEAELMSVVPVFYVFHYLETGNHWNIFHSDPLI
EKQKLKKKLKEGMLSIMSYRNADYSYSVWKGGSASTWLTAFALRVLGQVNKYVEQNQNSICNSLLWLVENYQLDNGSFKE
NSQYQPIKLQGTLPVEARENSLYLTAFTVIGIRKAFDICPLVKIDTALIKADNFLLENTLPAQSTFTLAISAYALSLGDK
THPQFRSIVSALKREALVKGNPPIYRFWKDNLQHKDSSVPNTGTARMVETTAYALLTSLNLKDINYVNPVIKWLSEEQRY
GGGFYSTQDTINAIEGLTEYSLLVKQLRLSMDIDVSYKHKGALHNYKMTDKNFLGRPVEVLLNDDLIVSTGFGSGLATVH
VTTVVHKTSTSEEVCSFYLKIDTQDIEASHYRGYGNSDYKRIVACASYKPSREESSSGSSHAVMDISLPTGISANEEDLK
ALVEGVDQLFTDYQIKDGHVILQLNSIPSSDFLCVRFRIFELFEVGFLSPATFTVYEYHRPDKQCTMFYSTSNIKIQKVC
EGAACKCVEADCGQMQEELDLTISAETRKQTACKPEIAYAYKVSITSITVENVFVKYKATLLDIYKTGEAVAEKDSEITF
IKKVTCTNAELVKGRQYLIMGKEALQIKYNFSFRYIYPLDSLTWIEYWPRDTTCSSCQAFLANLDEFAEDIFLNGC
;
A
2 'polypeptide(L)'
;CFCDHYAWTQWTSCSKTCNSGTQSRHRQIVVDKYYQENFCEQICSKQETRECNWQRCPINCLLGDFGPWSDCDPCIEKQS
KVRSVLRPSQFGGQPCTAPLVAFQPCIPSKLCKIEEADCKNKFRCDSGRCIARKLECNGENDCGDNSDERDCGRTKAVCT
RKYNPIPSVQLMGNGFHFLAGEPRGEVLDNSFTGGICKTVKSSRTSNPYRVPANLENVGFEVQTAEDDLKTDFYKDLTSL
GHNENQQGSFSSQGGSSFSVPIFYSSKRSENINHNSAFKQAIQASHKKDSSFIRIHKVMKVLNFTTKAKDLHLSDVFLKA
LNHLPLEYNSALYSRIFDDFGTHYFTSGSLGGVYDLLYQFSSEELKNSGLTEEEAKHCVRIETKKRVLFAKKTKVEHRCT
TNKLSEKHEGSFIQGAEKSISLIRGGRSEYGAALAWEKGSSGLEEKTFSEWLESVKENPAVIDFELAPIVDLVRNIPCAV
TKRNNLRKALQEYAAKFDPCQCAPCPNNGRPTLSGTECLCVCQSGTYGENCEKQSPDYKSNAVDGQWGCWSSWSTCDATY
KRSRTRECNNPAPQRGGKRCEGEKRQEEDCTFSIMENNGQPCINDDEEMKEVDLPEIEADSGCPQPVPPENGFIRNEKQL
YLVGEDVEISCLTGFETVGYQYFRCLPDGTWRQGDVECQRTECIKPVVQEVLTITPFQRLYRIGESIELTCPKGFVVAGP
SRYTCQGNSWTPPISNSLTCEKDTLTKLKGHCQLGQKQSGSECICMSPEEDCSHHSEDLCVFDTDSNDYFTSPACKFLAE
KCLNNQQLHFLHIGSCQDGRQLEWGLERTRLSSNSTKKESCGYDTCYDWEKCSASTSKCVCLLPPQCFKGGNQLYCVKMG
SSTSEKTLNICEVGTIRCANRKMEILHPGKCLA
;
B
#
# COMPACT_ATOMS: atom_id res chain seq x y z
N GLU A 20 -31.18 46.71 11.65
CA GLU A 20 -30.38 45.46 11.82
C GLU A 20 -28.97 45.59 11.23
N GLN A 21 -27.98 45.06 11.94
CA GLN A 21 -26.61 44.95 11.41
C GLN A 21 -26.32 43.51 10.98
N THR A 22 -26.05 43.30 9.68
CA THR A 22 -25.59 42.01 9.16
C THR A 22 -24.22 42.18 8.53
N TYR A 23 -23.29 41.28 8.82
CA TYR A 23 -21.93 41.37 8.26
C TYR A 23 -21.61 40.18 7.38
N VAL A 24 -20.68 40.40 6.44
CA VAL A 24 -20.20 39.37 5.53
C VAL A 24 -18.68 39.45 5.28
N ILE A 25 -18.07 38.28 5.19
CA ILE A 25 -16.68 38.11 4.78
C ILE A 25 -16.68 37.05 3.68
N SER A 26 -15.90 37.28 2.64
CA SER A 26 -15.81 36.33 1.56
C SER A 26 -14.35 36.00 1.36
N ALA A 27 -14.04 34.71 1.28
CA ALA A 27 -12.67 34.28 1.12
C ALA A 27 -12.63 33.06 0.22
N PRO A 28 -11.47 32.79 -0.41
CA PRO A 28 -11.35 31.62 -1.24
C PRO A 28 -11.63 30.39 -0.41
N LYS A 29 -12.34 29.44 -1.02
CA LYS A 29 -12.67 28.14 -0.39
C LYS A 29 -11.49 27.52 0.39
N ILE A 30 -10.31 27.58 -0.22
CA ILE A 30 -9.07 27.06 0.33
C ILE A 30 -7.97 28.09 0.01
N PHE A 31 -7.01 28.25 0.91
CA PHE A 31 -5.87 29.11 0.63
C PHE A 31 -4.82 28.36 -0.16
N ARG A 32 -4.00 29.11 -0.87
CA ARG A 32 -2.86 28.57 -1.57
C ARG A 32 -1.63 29.21 -1.00
N VAL A 33 -0.62 28.39 -0.80
CA VAL A 33 0.67 28.82 -0.31
C VAL A 33 1.39 29.71 -1.34
N GLY A 34 1.76 30.91 -0.89
CA GLY A 34 2.48 31.87 -1.71
C GLY A 34 1.56 32.57 -2.69
N ALA A 35 0.27 32.42 -2.51
CA ALA A 35 -0.67 33.13 -3.35
C ALA A 35 -1.09 34.36 -2.62
N SER A 36 -1.19 35.46 -3.34
CA SER A 36 -1.75 36.68 -2.79
C SER A 36 -3.26 36.56 -2.73
N GLU A 37 -3.71 35.86 -1.69
CA GLU A 37 -5.10 35.49 -1.51
C GLU A 37 -5.92 36.69 -1.07
N ASN A 38 -6.87 37.07 -1.90
CA ASN A 38 -7.65 38.24 -1.65
C ASN A 38 -8.93 37.91 -0.88
N ILE A 39 -9.25 38.76 0.09
CA ILE A 39 -10.38 38.58 1.01
C ILE A 39 -11.31 39.80 0.97
N VAL A 40 -12.47 39.65 0.34
CA VAL A 40 -13.44 40.75 0.28
C VAL A 40 -14.23 40.83 1.59
N ILE A 41 -14.32 42.03 2.12
CA ILE A 41 -15.09 42.31 3.35
C ILE A 41 -16.20 43.34 3.06
N GLN A 42 -17.45 42.94 3.25
CA GLN A 42 -18.61 43.82 2.97
C GLN A 42 -19.61 43.77 4.09
N VAL A 43 -20.14 44.94 4.43
CA VAL A 43 -20.98 45.07 5.60
C VAL A 43 -22.09 46.08 5.38
N TYR A 44 -23.14 45.96 6.18
CA TYR A 44 -24.22 46.90 6.17
C TYR A 44 -24.29 47.54 7.57
N GLY A 45 -23.13 48.02 8.01
CA GLY A 45 -22.96 48.70 9.30
C GLY A 45 -23.50 50.13 9.32
N TYR A 46 -23.46 50.76 10.49
CA TYR A 46 -23.86 52.18 10.64
C TYR A 46 -22.88 53.03 9.85
N THR A 47 -23.29 54.24 9.45
CA THR A 47 -22.38 55.13 8.72
C THR A 47 -21.08 55.28 9.48
N GLU A 48 -21.20 55.55 10.77
CA GLU A 48 -20.07 55.49 11.68
C GLU A 48 -18.94 54.57 11.16
N ALA A 49 -17.93 55.18 10.55
CA ALA A 49 -16.78 54.46 9.98
C ALA A 49 -15.98 53.78 11.09
N PHE A 50 -15.19 52.77 10.73
CA PHE A 50 -14.45 51.99 11.72
C PHE A 50 -13.31 51.18 11.12
N ASP A 51 -12.27 50.93 11.92
CA ASP A 51 -11.17 50.03 11.54
C ASP A 51 -11.53 48.53 11.74
N ALA A 52 -10.76 47.66 11.08
CA ALA A 52 -11.01 46.21 11.10
C ALA A 52 -9.75 45.44 10.71
N THR A 53 -9.12 44.79 11.69
CA THR A 53 -7.97 43.90 11.44
C THR A 53 -8.45 42.52 10.95
N ILE A 54 -7.70 41.90 10.05
CA ILE A 54 -8.01 40.58 9.53
C ILE A 54 -6.69 39.82 9.42
N SER A 55 -6.67 38.57 9.87
CA SER A 55 -5.41 37.81 9.93
C SER A 55 -5.54 36.31 9.66
N ILE A 56 -4.43 35.67 9.30
CA ILE A 56 -4.34 34.21 9.14
C ILE A 56 -3.37 33.55 10.15
N LYS A 57 -3.96 32.85 11.11
CA LYS A 57 -3.24 32.24 12.25
C LYS A 57 -3.19 30.70 12.16
N SER A 58 -2.27 30.07 12.91
CA SER A 58 -2.00 28.61 12.84
C SER A 58 -3.10 27.78 13.46
N TYR A 59 -2.90 26.47 13.47
CA TYR A 59 -3.93 25.56 13.98
C TYR A 59 -3.79 25.35 15.50
N PRO A 60 -4.86 24.89 16.19
CA PRO A 60 -4.97 24.89 17.62
C PRO A 60 -4.03 25.77 18.46
N ASP A 61 -3.91 27.02 18.04
CA ASP A 61 -3.24 28.07 18.81
C ASP A 61 -3.01 29.26 17.91
N LYS A 62 -3.67 30.36 18.25
CA LYS A 62 -3.54 31.56 17.43
C LYS A 62 -2.28 32.35 17.81
N LYS A 63 -1.20 31.60 18.09
CA LYS A 63 0.11 32.15 18.42
C LYS A 63 0.73 32.88 17.23
N PHE A 64 1.16 32.13 16.22
CA PHE A 64 1.76 32.70 15.03
C PHE A 64 0.66 33.29 14.15
N SER A 65 0.84 34.54 13.77
CA SER A 65 -0.07 35.19 12.84
C SER A 65 0.73 35.53 11.58
N TYR A 66 0.56 34.72 10.54
CA TYR A 66 1.43 34.77 9.37
C TYR A 66 1.27 36.03 8.56
N SER A 67 0.05 36.55 8.54
CA SER A 67 -0.23 37.87 7.97
C SER A 67 -1.50 38.47 8.53
N SER A 68 -1.51 39.79 8.66
CA SER A 68 -2.69 40.53 9.06
C SER A 68 -2.79 41.81 8.27
N GLY A 69 -4.03 42.26 8.07
CA GLY A 69 -4.34 43.35 7.16
C GLY A 69 -5.28 44.37 7.75
N HIS A 70 -4.81 45.61 7.81
CA HIS A 70 -5.58 46.65 8.42
C HIS A 70 -6.36 47.40 7.39
N VAL A 71 -7.55 46.86 7.09
CA VAL A 71 -8.45 47.50 6.14
C VAL A 71 -9.36 48.55 6.79
N HIS A 72 -9.23 49.81 6.39
CA HIS A 72 -10.13 50.86 6.88
C HIS A 72 -11.26 51.15 5.94
N LEU A 73 -12.48 50.89 6.39
CA LEU A 73 -13.69 51.11 5.60
C LEU A 73 -14.53 52.28 6.12
N SER A 74 -15.49 52.72 5.29
CA SER A 74 -16.42 53.82 5.62
C SER A 74 -17.38 54.09 4.44
N SER A 75 -18.22 55.11 4.58
CA SER A 75 -19.05 55.65 3.48
C SER A 75 -18.16 56.09 2.30
N GLU A 76 -16.88 56.18 2.60
CA GLU A 76 -15.80 56.40 1.64
C GLU A 76 -15.76 55.30 0.56
N ASN A 77 -15.64 54.04 0.99
CA ASN A 77 -15.61 52.91 0.05
C ASN A 77 -16.89 52.10 0.08
N LYS A 78 -18.02 52.81 0.11
CA LYS A 78 -19.33 52.18 0.12
C LYS A 78 -19.30 50.90 1.00
N PHE A 79 -18.60 50.98 2.13
CA PHE A 79 -18.41 49.85 3.07
C PHE A 79 -17.93 48.54 2.46
N GLN A 80 -16.79 48.61 1.77
CA GLN A 80 -16.19 47.45 1.13
C GLN A 80 -14.69 47.56 0.91
N ASN A 81 -13.95 46.51 1.28
CA ASN A 81 -12.49 46.47 1.09
C ASN A 81 -11.95 45.16 0.55
N SER A 82 -10.69 45.23 0.16
CA SER A 82 -9.92 44.12 -0.33
C SER A 82 -8.68 44.06 0.54
N ALA A 83 -8.21 42.85 0.83
CA ALA A 83 -6.96 42.69 1.56
C ALA A 83 -6.15 41.54 1.01
N ILE A 84 -4.88 41.82 0.76
CA ILE A 84 -4.02 40.79 0.22
C ILE A 84 -3.12 40.20 1.31
N LEU A 85 -3.69 39.24 2.04
CA LEU A 85 -2.95 38.40 2.97
C LEU A 85 -2.15 37.41 2.16
N THR A 86 -1.05 36.89 2.73
CA THR A 86 -0.27 35.82 2.10
C THR A 86 0.53 34.91 3.06
N ILE A 87 0.65 33.65 2.64
CA ILE A 87 1.23 32.60 3.48
C ILE A 87 2.49 31.97 2.86
N GLN A 88 3.63 32.24 3.47
CA GLN A 88 4.92 31.80 2.94
C GLN A 88 5.48 30.73 3.85
N PRO A 89 6.56 30.06 3.42
CA PRO A 89 7.43 29.14 4.22
C PRO A 89 7.78 29.47 5.71
N LYS A 90 6.77 29.33 6.60
CA LYS A 90 6.92 29.32 8.08
C LYS A 90 6.13 28.10 8.60
N GLN A 91 6.83 27.02 8.91
CA GLN A 91 6.27 25.69 8.70
C GLN A 91 6.92 24.64 9.61
N LEU A 92 6.78 23.36 9.24
CA LEU A 92 7.54 22.25 9.83
C LEU A 92 8.24 21.40 8.75
N PRO A 93 9.50 21.76 8.39
CA PRO A 93 10.30 21.15 7.30
C PRO A 93 10.87 19.72 7.49
N GLY A 94 11.35 19.39 8.68
CA GLY A 94 12.09 18.13 8.92
C GLY A 94 11.32 17.03 9.64
N GLY A 95 11.26 15.85 9.01
CA GLY A 95 10.33 14.81 9.44
C GLY A 95 8.93 15.30 9.13
N GLN A 96 8.71 15.60 7.85
CA GLN A 96 7.55 16.37 7.33
C GLN A 96 6.20 16.15 7.99
N ASN A 97 5.62 17.24 8.50
CA ASN A 97 4.25 17.23 8.99
C ASN A 97 3.52 18.45 8.44
N PRO A 98 3.70 18.76 7.14
CA PRO A 98 3.31 20.10 6.66
C PRO A 98 1.83 20.37 6.88
N VAL A 99 1.52 21.49 7.52
CA VAL A 99 0.21 21.73 8.14
C VAL A 99 -0.95 21.59 7.17
N SER A 100 -2.04 20.99 7.65
CA SER A 100 -3.24 20.78 6.86
C SER A 100 -4.18 21.99 6.93
N TYR A 101 -4.08 22.78 8.01
CA TYR A 101 -5.06 23.83 8.31
C TYR A 101 -4.52 25.17 8.79
N VAL A 102 -5.36 26.20 8.62
CA VAL A 102 -5.12 27.54 9.14
C VAL A 102 -6.43 28.26 9.54
N TYR A 103 -6.29 29.46 10.10
CA TYR A 103 -7.41 30.13 10.76
C TYR A 103 -7.52 31.55 10.25
N LEU A 104 -8.59 31.85 9.52
CA LEU A 104 -8.92 33.24 9.20
C LEU A 104 -9.52 33.92 10.42
N GLU A 105 -9.20 35.20 10.61
CA GLU A 105 -9.76 35.92 11.76
C GLU A 105 -10.14 37.34 11.41
N VAL A 106 -11.19 37.81 12.08
CA VAL A 106 -11.66 39.17 11.97
C VAL A 106 -11.65 39.80 13.37
N VAL A 107 -10.93 40.92 13.48
CA VAL A 107 -10.90 41.71 14.69
C VAL A 107 -11.42 43.11 14.34
N SER A 108 -12.49 43.56 14.99
CA SER A 108 -13.01 44.91 14.76
C SER A 108 -13.76 45.40 15.98
N LYS A 109 -13.85 46.72 16.11
CA LYS A 109 -14.67 47.37 17.14
C LYS A 109 -16.05 46.75 17.18
N HIS A 110 -16.69 46.66 16.01
CA HIS A 110 -18.07 46.20 15.92
C HIS A 110 -18.26 44.72 16.04
N PHE A 111 -17.29 43.91 15.64
CA PHE A 111 -17.48 42.48 15.70
C PHE A 111 -16.23 41.63 15.50
N SER A 112 -16.37 40.35 15.82
CA SER A 112 -15.34 39.37 15.50
C SER A 112 -15.92 38.00 15.16
N LYS A 113 -15.11 37.19 14.48
CA LYS A 113 -15.35 35.75 14.33
C LYS A 113 -14.10 35.09 13.77
N SER A 114 -14.14 33.77 13.63
CA SER A 114 -13.02 33.02 13.05
C SER A 114 -13.39 31.72 12.33
N LYS A 115 -12.56 31.39 11.34
CA LYS A 115 -12.76 30.24 10.45
C LYS A 115 -11.58 29.29 10.44
N ARG A 116 -11.93 28.02 10.34
CA ARG A 116 -10.97 27.00 10.14
C ARG A 116 -10.96 26.73 8.64
N MET A 117 -9.82 26.99 7.98
CA MET A 117 -9.71 26.77 6.52
C MET A 117 -8.49 25.99 5.99
N PRO A 118 -8.72 24.97 5.11
CA PRO A 118 -7.62 24.10 4.66
C PRO A 118 -6.55 24.84 3.88
N ILE A 119 -5.42 24.17 3.63
CA ILE A 119 -4.30 24.76 2.90
C ILE A 119 -3.58 23.79 1.95
N THR A 120 -3.36 24.27 0.72
CA THR A 120 -2.68 23.51 -0.36
C THR A 120 -1.33 24.10 -0.74
N TYR A 121 -0.47 23.25 -1.28
CA TYR A 121 0.82 23.70 -1.76
C TYR A 121 0.86 23.72 -3.27
N ASP A 122 -0.27 23.39 -3.92
CA ASP A 122 -0.44 23.58 -5.38
C ASP A 122 -0.45 25.09 -5.76
N ASN A 123 0.65 25.55 -6.37
CA ASN A 123 0.84 26.95 -6.70
C ASN A 123 1.52 27.17 -8.05
N GLY A 124 0.70 27.50 -9.04
CA GLY A 124 1.20 27.95 -10.33
C GLY A 124 1.14 26.90 -11.42
N PHE A 125 1.98 27.11 -12.44
CA PHE A 125 1.91 26.36 -13.67
C PHE A 125 3.30 26.06 -14.24
N LEU A 126 3.58 24.78 -14.51
CA LEU A 126 4.84 24.35 -15.14
C LEU A 126 4.55 23.83 -16.54
N PHE A 127 5.08 24.53 -17.53
CA PHE A 127 4.87 24.19 -18.93
C PHE A 127 6.15 23.65 -19.53
N ILE A 128 6.19 22.34 -19.77
CA ILE A 128 7.41 21.69 -20.26
C ILE A 128 7.45 21.75 -21.79
N HIS A 129 8.42 22.48 -22.35
CA HIS A 129 8.49 22.76 -23.78
C HIS A 129 9.61 21.98 -24.40
N THR A 130 9.29 20.81 -24.91
CA THR A 130 10.26 20.01 -25.65
C THR A 130 10.40 20.59 -27.07
N ASP A 131 11.59 20.44 -27.69
CA ASP A 131 11.83 21.04 -29.03
C ASP A 131 10.93 20.48 -30.15
N LYS A 132 10.49 19.23 -29.98
CA LYS A 132 9.61 18.52 -30.91
C LYS A 132 9.15 17.22 -30.25
N PRO A 133 8.02 16.61 -30.72
CA PRO A 133 7.49 15.44 -30.00
C PRO A 133 7.98 14.03 -30.46
N VAL A 134 8.93 13.96 -31.37
CA VAL A 134 9.48 12.65 -31.81
C VAL A 134 10.99 12.64 -32.10
N TYR A 135 11.70 11.66 -31.51
CA TYR A 135 13.16 11.56 -31.64
C TYR A 135 13.68 10.20 -32.04
N THR A 136 14.81 10.22 -32.71
CA THR A 136 15.56 9.03 -33.03
C THR A 136 16.63 8.84 -31.94
N PRO A 137 17.00 7.58 -31.61
CA PRO A 137 18.05 7.42 -30.56
C PRO A 137 19.32 8.15 -30.99
N ASP A 138 20.04 8.74 -30.03
CA ASP A 138 21.20 9.54 -30.40
C ASP A 138 20.79 10.89 -31.05
N GLN A 139 19.62 11.37 -30.70
CA GLN A 139 19.33 12.78 -30.86
C GLN A 139 19.46 13.43 -29.48
N SER A 140 19.67 14.75 -29.46
CA SER A 140 19.62 15.51 -28.20
C SER A 140 18.23 16.07 -28.10
N VAL A 141 17.58 15.88 -26.97
CA VAL A 141 16.27 16.45 -26.76
C VAL A 141 16.45 17.85 -26.16
N LYS A 142 16.14 18.89 -26.93
CA LYS A 142 16.14 20.20 -26.34
C LYS A 142 14.89 20.30 -25.47
N VAL A 143 15.02 20.99 -24.34
CA VAL A 143 13.85 21.19 -23.48
C VAL A 143 14.07 22.44 -22.62
N ARG A 144 12.96 23.11 -22.27
CA ARG A 144 12.93 24.30 -21.39
C ARG A 144 11.59 24.35 -20.64
N VAL A 145 11.45 25.24 -19.65
CA VAL A 145 10.16 25.37 -18.94
C VAL A 145 9.68 26.81 -18.85
N TYR A 146 8.36 26.98 -18.92
CA TYR A 146 7.70 28.22 -18.54
C TYR A 146 6.98 28.03 -17.21
N SER A 147 7.49 28.65 -16.16
CA SER A 147 6.83 28.54 -14.86
C SER A 147 6.17 29.84 -14.45
N LEU A 148 4.93 29.74 -13.97
CA LEU A 148 4.14 30.88 -13.49
C LEU A 148 3.56 30.64 -12.09
N ASN A 149 3.38 31.71 -11.29
CA ASN A 149 2.76 31.65 -9.94
C ASN A 149 1.28 31.99 -9.98
N ASP A 150 0.57 31.79 -8.88
CA ASP A 150 -0.87 32.05 -8.87
C ASP A 150 -1.24 33.43 -9.38
N ASP A 151 -0.31 34.39 -9.34
CA ASP A 151 -0.60 35.75 -9.85
C ASP A 151 -0.29 36.02 -11.33
N LEU A 152 0.26 35.00 -11.99
CA LEU A 152 0.50 34.99 -13.43
C LEU A 152 1.68 35.85 -13.81
N LYS A 153 2.57 36.03 -12.86
CA LYS A 153 3.83 36.70 -13.05
C LYS A 153 4.97 35.64 -13.02
N PRO A 154 6.20 36.00 -13.46
CA PRO A 154 7.37 35.12 -13.56
C PRO A 154 7.47 34.00 -12.56
N ALA A 155 7.50 34.30 -11.27
CA ALA A 155 7.55 33.29 -10.17
C ALA A 155 8.83 32.45 -10.15
N LYS A 156 9.89 33.08 -9.69
CA LYS A 156 11.25 32.62 -9.89
C LYS A 156 11.58 31.65 -8.80
N ARG A 157 11.59 30.37 -9.17
CA ARG A 157 11.86 29.27 -8.26
C ARG A 157 12.67 28.23 -9.00
N GLU A 158 13.70 27.73 -8.36
CA GLU A 158 14.50 26.73 -9.01
C GLU A 158 13.67 25.45 -9.10
N THR A 159 13.77 24.83 -10.28
CA THR A 159 12.88 23.77 -10.78
C THR A 159 13.62 22.49 -11.20
N VAL A 160 13.07 21.32 -10.86
CA VAL A 160 13.73 20.02 -11.11
C VAL A 160 12.90 19.13 -12.03
N LEU A 161 13.15 19.15 -13.34
CA LEU A 161 12.61 18.09 -14.19
C LEU A 161 13.41 16.79 -14.04
N THR A 162 12.75 15.67 -14.32
CA THR A 162 13.34 14.35 -14.09
C THR A 162 12.89 13.40 -15.20
N PHE A 163 13.85 12.86 -15.92
CA PHE A 163 13.57 12.00 -17.07
C PHE A 163 13.21 10.57 -16.64
N ILE A 164 12.27 9.98 -17.35
CA ILE A 164 11.74 8.68 -17.01
C ILE A 164 11.49 7.86 -18.28
N ASP A 165 12.06 6.67 -18.33
CA ASP A 165 11.95 5.87 -19.54
C ASP A 165 10.54 5.27 -19.78
N PRO A 166 10.31 4.64 -20.95
CA PRO A 166 8.99 4.08 -21.23
C PRO A 166 8.70 2.80 -20.46
N GLU A 167 9.56 2.44 -19.52
CA GLU A 167 9.35 1.30 -18.64
C GLU A 167 9.17 1.78 -17.21
N GLY A 168 8.64 3.01 -17.12
CA GLY A 168 8.35 3.72 -15.86
C GLY A 168 9.52 3.94 -14.92
N SER A 169 10.74 3.89 -15.47
CA SER A 169 11.99 3.83 -14.70
C SER A 169 12.76 5.15 -14.85
N GLU A 170 13.05 5.75 -13.71
CA GLU A 170 13.74 7.03 -13.66
C GLU A 170 15.17 6.87 -14.17
N VAL A 171 15.74 7.95 -14.71
CA VAL A 171 16.92 7.88 -15.59
C VAL A 171 17.95 9.00 -15.35
N ASP A 172 17.50 10.25 -15.45
CA ASP A 172 18.35 11.40 -15.13
C ASP A 172 17.43 12.44 -14.50
N MET A 173 18.03 13.51 -13.99
CA MET A 173 17.39 14.37 -13.06
C MET A 173 18.26 15.60 -13.09
N VAL A 174 17.66 16.78 -13.28
CA VAL A 174 18.48 17.99 -13.34
C VAL A 174 17.74 19.28 -12.96
N GLU A 175 18.44 20.10 -12.19
CA GLU A 175 17.95 21.40 -11.76
C GLU A 175 18.68 22.58 -12.45
N GLU A 176 17.94 23.67 -12.62
CA GLU A 176 18.46 24.96 -13.06
C GLU A 176 17.73 26.04 -12.26
N ILE A 177 18.30 27.23 -12.18
CA ILE A 177 17.56 28.26 -11.51
C ILE A 177 16.69 28.98 -12.55
N ASP A 178 15.62 29.62 -12.08
CA ASP A 178 14.62 30.29 -12.91
C ASP A 178 14.84 31.80 -12.91
N HIS A 179 15.30 32.33 -14.04
CA HIS A 179 15.68 33.74 -14.05
C HIS A 179 14.61 34.73 -14.47
N ILE A 180 13.72 34.36 -15.38
CA ILE A 180 12.65 35.26 -15.89
C ILE A 180 11.28 34.59 -16.08
N GLY A 181 11.29 33.26 -15.97
CA GLY A 181 10.12 32.42 -16.21
C GLY A 181 10.39 31.49 -17.39
N ILE A 182 11.56 31.67 -18.02
CA ILE A 182 11.98 30.85 -19.15
C ILE A 182 13.27 30.09 -18.83
N ILE A 183 13.10 28.99 -18.11
CA ILE A 183 14.22 28.17 -17.67
C ILE A 183 14.75 27.30 -18.78
N SER A 184 16.02 27.52 -19.12
CA SER A 184 16.72 26.77 -20.18
C SER A 184 17.63 25.68 -19.60
N PHE A 185 17.18 24.42 -19.72
CA PHE A 185 17.98 23.27 -19.29
C PHE A 185 18.84 22.79 -20.42
N PRO A 186 19.96 22.16 -20.04
CA PRO A 186 20.90 21.54 -20.95
C PRO A 186 20.24 20.41 -21.69
N ASP A 187 20.66 20.22 -22.95
CA ASP A 187 20.04 19.26 -23.83
C ASP A 187 20.21 17.85 -23.29
N PHE A 188 19.15 17.06 -23.44
CA PHE A 188 19.15 15.70 -22.91
C PHE A 188 19.42 14.69 -24.01
N LYS A 189 20.68 14.30 -24.15
CA LYS A 189 21.01 13.21 -25.05
C LYS A 189 20.37 11.89 -24.58
N ILE A 190 19.60 11.30 -25.49
CA ILE A 190 19.01 9.99 -25.34
C ILE A 190 20.08 8.91 -25.27
N PRO A 191 20.07 8.14 -24.16
CA PRO A 191 20.95 7.06 -23.72
C PRO A 191 21.54 6.15 -24.79
N SER A 192 22.36 5.21 -24.37
CA SER A 192 23.22 4.54 -25.33
C SER A 192 22.64 3.30 -26.00
N ASN A 193 21.87 2.53 -25.25
CA ASN A 193 20.98 1.62 -25.92
C ASN A 193 19.68 1.90 -25.23
N PRO A 194 18.88 2.77 -25.84
CA PRO A 194 17.73 3.22 -25.09
C PRO A 194 16.47 2.47 -25.45
N ARG A 195 15.46 2.66 -24.62
CA ARG A 195 14.23 1.89 -24.70
C ARG A 195 13.16 2.62 -25.50
N TYR A 196 12.68 1.98 -26.57
CA TYR A 196 11.70 2.60 -27.44
C TYR A 196 10.36 2.66 -26.75
N GLY A 197 9.69 3.78 -26.97
CA GLY A 197 8.36 4.01 -26.45
C GLY A 197 8.09 5.44 -26.03
N MET A 198 7.35 5.56 -24.94
CA MET A 198 6.81 6.80 -24.51
C MET A 198 7.60 7.31 -23.31
N TRP A 199 8.50 8.26 -23.54
CA TRP A 199 9.27 8.84 -22.43
C TRP A 199 8.51 9.89 -21.72
N THR A 200 8.96 10.27 -20.53
CA THR A 200 8.21 11.23 -19.71
C THR A 200 9.12 12.25 -19.06
N ILE A 201 8.72 13.50 -19.14
CA ILE A 201 9.42 14.51 -18.39
C ILE A 201 8.46 15.04 -17.32
N LYS A 202 8.86 14.86 -16.05
CA LYS A 202 8.12 15.35 -14.90
C LYS A 202 8.83 16.53 -14.27
N ALA A 203 8.19 17.68 -14.24
CA ALA A 203 8.81 18.85 -13.68
C ALA A 203 8.17 19.25 -12.33
N LYS A 204 8.99 19.62 -11.35
CA LYS A 204 8.54 20.04 -10.00
C LYS A 204 9.45 21.11 -9.42
N TYR A 205 8.93 21.92 -8.49
CA TYR A 205 9.78 22.90 -7.83
C TYR A 205 10.67 22.27 -6.77
N LYS A 206 11.95 22.64 -6.77
CA LYS A 206 12.89 22.17 -5.75
C LYS A 206 12.44 22.65 -4.37
N GLU A 207 11.87 23.86 -4.37
CA GLU A 207 11.21 24.44 -3.20
C GLU A 207 10.04 23.55 -2.76
N ASP A 208 9.31 24.04 -1.76
CA ASP A 208 8.23 23.28 -1.11
C ASP A 208 6.86 23.13 -1.80
N PHE A 209 6.50 24.02 -2.73
CA PHE A 209 5.16 23.98 -3.35
C PHE A 209 4.94 22.66 -4.10
N SER A 210 3.73 22.13 -4.00
CA SER A 210 3.37 20.81 -4.54
C SER A 210 3.43 20.66 -6.09
N THR A 211 3.52 21.77 -6.81
CA THR A 211 3.24 21.83 -8.27
C THR A 211 3.97 20.84 -9.20
N THR A 212 3.23 20.41 -10.21
CA THR A 212 3.55 19.32 -11.09
C THR A 212 3.39 19.75 -12.52
N GLY A 213 4.30 19.31 -13.36
CA GLY A 213 4.11 19.39 -14.79
C GLY A 213 4.52 18.07 -15.43
N THR A 214 3.87 17.72 -16.54
CA THR A 214 4.25 16.54 -17.30
C THR A 214 4.30 16.87 -18.77
N ALA A 215 5.14 16.14 -19.46
CA ALA A 215 5.20 16.18 -20.91
C ALA A 215 5.67 14.81 -21.41
N TYR A 216 5.60 14.61 -22.73
CA TYR A 216 5.89 13.31 -23.31
C TYR A 216 6.62 13.48 -24.60
N PHE A 217 7.54 12.56 -24.88
CA PHE A 217 8.06 12.40 -26.24
C PHE A 217 8.21 10.94 -26.62
N GLU A 218 8.03 10.65 -27.91
CA GLU A 218 8.27 9.33 -28.42
C GLU A 218 9.69 9.18 -28.96
N VAL A 219 10.26 8.04 -28.63
CA VAL A 219 11.48 7.58 -29.22
C VAL A 219 11.13 6.35 -30.07
N LYS A 220 11.44 6.42 -31.37
CA LYS A 220 11.22 5.35 -32.37
C LYS A 220 12.31 5.51 -33.39
N GLU A 221 12.74 4.44 -34.03
CA GLU A 221 13.45 4.64 -35.29
C GLU A 221 12.32 5.12 -36.23
N TYR A 222 12.49 6.31 -36.82
CA TYR A 222 11.45 7.04 -37.57
C TYR A 222 12.21 7.66 -38.74
N VAL A 223 11.61 7.77 -39.91
CA VAL A 223 12.22 8.69 -40.89
C VAL A 223 11.20 9.70 -41.31
N LEU A 224 11.60 10.96 -41.29
CA LEU A 224 10.83 12.07 -41.85
C LEU A 224 10.16 11.51 -43.12
N PRO A 225 8.83 11.70 -43.25
CA PRO A 225 7.95 11.14 -44.29
C PRO A 225 7.63 12.16 -45.35
N HIS A 226 7.88 11.83 -46.62
CA HIS A 226 7.86 12.85 -47.68
C HIS A 226 6.55 13.58 -47.93
N PHE A 227 5.46 12.83 -48.06
CA PHE A 227 4.14 13.44 -48.19
C PHE A 227 3.25 12.89 -47.09
N SER A 228 2.20 13.63 -46.72
CA SER A 228 1.26 13.18 -45.68
C SER A 228 0.00 12.68 -46.33
N VAL A 229 -0.38 11.46 -45.97
CA VAL A 229 -1.63 10.87 -46.46
C VAL A 229 -2.72 11.03 -45.40
N SER A 230 -3.69 11.86 -45.71
CA SER A 230 -4.91 11.94 -44.92
C SER A 230 -5.79 10.79 -45.34
N ILE A 231 -6.73 10.43 -44.48
CA ILE A 231 -7.69 9.35 -44.72
C ILE A 231 -8.95 9.66 -43.92
N GLU A 232 -9.93 10.24 -44.61
CA GLU A 232 -11.18 10.69 -43.99
C GLU A 232 -12.38 9.79 -44.28
N PRO A 233 -12.92 9.18 -43.21
CA PRO A 233 -14.10 8.38 -43.31
C PRO A 233 -15.33 9.29 -43.26
N GLU A 234 -16.48 8.75 -43.64
CA GLU A 234 -17.71 9.55 -43.71
C GLU A 234 -18.26 9.92 -42.33
N TYR A 235 -18.18 8.97 -41.41
CA TYR A 235 -18.57 9.22 -40.04
C TYR A 235 -17.64 8.45 -39.10
N ASN A 236 -17.87 8.62 -37.80
CA ASN A 236 -17.11 7.94 -36.76
C ASN A 236 -17.84 6.72 -36.20
N PHE A 237 -19.13 6.63 -36.48
CA PHE A 237 -19.89 5.40 -36.23
C PHE A 237 -20.21 4.67 -37.53
N ILE A 238 -20.35 3.36 -37.47
CA ILE A 238 -20.89 2.63 -38.60
C ILE A 238 -22.15 1.89 -38.18
N GLY A 239 -23.22 2.18 -38.92
CA GLY A 239 -24.54 1.65 -38.59
C GLY A 239 -25.48 1.52 -39.77
N TYR A 240 -26.77 1.55 -39.47
CA TYR A 240 -27.80 1.12 -40.38
C TYR A 240 -27.76 1.83 -41.73
N LYS A 241 -27.59 3.15 -41.73
CA LYS A 241 -27.50 3.91 -42.98
C LYS A 241 -26.36 3.46 -43.90
N ASN A 242 -25.14 3.41 -43.35
CA ASN A 242 -23.94 3.20 -44.14
C ASN A 242 -23.30 1.84 -43.91
N PHE A 243 -24.05 0.79 -44.20
CA PHE A 243 -23.53 -0.56 -44.03
C PHE A 243 -23.39 -1.32 -45.36
N LYS A 244 -24.05 -0.81 -46.39
CA LYS A 244 -23.76 -1.26 -47.75
C LYS A 244 -22.81 -0.27 -48.43
N ASN A 245 -22.57 0.88 -47.79
CA ASN A 245 -21.57 1.87 -48.24
C ASN A 245 -21.03 2.88 -47.19
N PHE A 246 -19.72 2.91 -47.07
CA PHE A 246 -19.02 3.82 -46.19
C PHE A 246 -18.00 4.57 -47.05
N GLU A 247 -18.18 5.89 -47.20
CA GLU A 247 -17.28 6.66 -48.07
C GLU A 247 -15.95 7.04 -47.38
N ILE A 248 -14.88 6.78 -48.11
CA ILE A 248 -13.53 7.06 -47.66
C ILE A 248 -12.82 7.92 -48.70
N THR A 249 -12.51 9.15 -48.32
CA THR A 249 -11.72 10.02 -49.16
C THR A 249 -10.30 10.02 -48.59
N ILE A 250 -9.32 9.88 -49.47
CA ILE A 250 -7.94 9.92 -49.04
C ILE A 250 -7.19 11.05 -49.78
N LYS A 251 -6.56 11.95 -49.02
CA LYS A 251 -5.96 13.14 -49.62
C LYS A 251 -4.47 13.21 -49.37
N ALA A 252 -3.66 12.77 -50.31
CA ALA A 252 -2.22 12.91 -50.14
C ALA A 252 -1.69 14.21 -50.73
N ARG A 253 -0.69 14.80 -50.10
CA ARG A 253 0.05 15.91 -50.68
C ARG A 253 1.40 16.04 -50.02
N TYR A 254 2.29 16.79 -50.67
CA TYR A 254 3.66 17.01 -50.17
C TYR A 254 3.68 18.09 -49.09
N PHE A 255 4.76 18.13 -48.32
CA PHE A 255 4.84 19.07 -47.21
C PHE A 255 5.28 20.47 -47.62
N TYR A 256 5.54 20.64 -48.92
CA TYR A 256 5.77 21.94 -49.52
C TYR A 256 4.55 22.43 -50.34
N ASN A 257 3.34 22.11 -49.85
CA ASN A 257 2.06 22.56 -50.41
C ASN A 257 1.66 22.21 -51.85
N LYS A 258 2.25 21.19 -52.46
CA LYS A 258 1.79 20.80 -53.81
C LYS A 258 1.38 19.33 -53.86
N VAL A 259 0.11 19.11 -54.21
CA VAL A 259 -0.50 17.81 -54.05
C VAL A 259 0.06 16.77 -55.00
N VAL A 260 -0.27 15.53 -54.70
CA VAL A 260 0.17 14.39 -55.49
C VAL A 260 -0.64 14.22 -56.78
N THR A 261 0.05 14.31 -57.92
CA THR A 261 -0.58 14.09 -59.21
C THR A 261 -0.96 12.62 -59.39
N GLU A 262 0.04 11.78 -59.68
CA GLU A 262 -0.18 10.36 -59.95
C GLU A 262 0.38 9.48 -58.85
N ALA A 263 -0.49 8.61 -58.35
CA ALA A 263 -0.11 7.68 -57.31
C ALA A 263 -0.95 6.40 -57.37
N ASP A 264 -0.31 5.30 -57.02
CA ASP A 264 -0.99 4.04 -57.05
C ASP A 264 -1.44 3.68 -55.64
N VAL A 265 -2.74 3.48 -55.45
CA VAL A 265 -3.28 3.25 -54.09
C VAL A 265 -3.59 1.79 -53.76
N TYR A 266 -3.48 1.43 -52.48
CA TYR A 266 -3.82 0.10 -52.01
C TYR A 266 -4.47 0.22 -50.63
N ILE A 267 -5.75 -0.17 -50.54
CA ILE A 267 -6.45 -0.20 -49.25
C ILE A 267 -6.81 -1.63 -48.81
N THR A 268 -6.53 -1.93 -47.54
CA THR A 268 -7.01 -3.15 -46.90
C THR A 268 -7.80 -2.83 -45.65
N PHE A 269 -8.65 -3.78 -45.29
CA PHE A 269 -9.53 -3.67 -44.14
C PHE A 269 -9.43 -4.91 -43.23
N GLY A 270 -9.87 -4.75 -41.98
CA GLY A 270 -9.78 -5.83 -41.01
C GLY A 270 -10.70 -5.64 -39.83
N ILE A 271 -10.97 -6.74 -39.13
CA ILE A 271 -11.79 -6.76 -37.92
C ILE A 271 -10.92 -6.55 -36.68
N ARG A 272 -11.50 -5.94 -35.66
CA ARG A 272 -10.76 -5.62 -34.48
C ARG A 272 -11.67 -5.57 -33.25
N GLU A 273 -11.12 -6.01 -32.13
CA GLU A 273 -11.85 -6.09 -30.89
C GLU A 273 -11.98 -4.75 -30.19
N ASP A 274 -10.87 -4.02 -30.09
CA ASP A 274 -10.87 -2.72 -29.42
C ASP A 274 -9.75 -1.82 -29.92
N LEU A 275 -9.58 -0.68 -29.24
CA LEU A 275 -8.54 0.27 -29.61
C LEU A 275 -7.23 0.09 -28.86
N LYS A 276 -7.22 -0.76 -27.83
CA LYS A 276 -5.96 -1.10 -27.19
C LYS A 276 -5.49 -2.47 -27.72
N ASP A 277 -6.30 -3.04 -28.62
CA ASP A 277 -5.99 -4.31 -29.29
C ASP A 277 -4.71 -4.24 -30.11
N ASP A 278 -3.70 -4.98 -29.65
CA ASP A 278 -2.40 -5.06 -30.32
C ASP A 278 -2.45 -5.66 -31.75
N GLN A 279 -3.48 -6.47 -32.04
CA GLN A 279 -3.57 -7.18 -33.34
C GLN A 279 -4.99 -7.36 -33.89
N LYS A 280 -5.12 -8.20 -34.91
CA LYS A 280 -6.37 -8.24 -35.70
C LYS A 280 -6.53 -9.45 -36.64
N GLU A 281 -7.72 -9.55 -37.22
CA GLU A 281 -8.05 -10.60 -38.19
C GLU A 281 -8.35 -9.93 -39.53
N MET A 282 -7.43 -10.04 -40.47
CA MET A 282 -7.59 -9.41 -41.79
C MET A 282 -8.80 -9.93 -42.58
N MET A 283 -9.30 -9.13 -43.51
CA MET A 283 -10.29 -9.58 -44.50
C MET A 283 -9.73 -9.49 -45.91
N GLN A 284 -9.63 -10.64 -46.58
CA GLN A 284 -9.27 -10.74 -47.99
C GLN A 284 -10.32 -9.99 -48.82
N THR A 285 -10.15 -9.97 -50.12
CA THR A 285 -11.08 -9.25 -50.99
C THR A 285 -11.29 -7.82 -50.48
N ALA A 286 -10.22 -7.11 -50.16
CA ALA A 286 -10.34 -5.74 -49.68
C ALA A 286 -9.96 -4.77 -50.81
N MET A 287 -10.89 -3.88 -51.19
CA MET A 287 -10.69 -2.95 -52.33
C MET A 287 -9.30 -2.38 -52.46
N GLN A 288 -8.61 -2.77 -53.51
CA GLN A 288 -7.33 -2.16 -53.79
C GLN A 288 -7.24 -1.57 -55.22
N ASN A 289 -6.28 -0.67 -55.37
CA ASN A 289 -5.85 -0.20 -56.67
C ASN A 289 -6.60 0.98 -57.31
N THR A 290 -7.47 1.64 -56.56
CA THR A 290 -7.86 3.03 -56.92
C THR A 290 -6.59 3.86 -57.13
N MET A 291 -6.56 4.72 -58.14
CA MET A 291 -5.41 5.61 -58.34
C MET A 291 -5.71 7.00 -57.82
N LEU A 292 -4.88 7.45 -56.86
CA LEU A 292 -4.91 8.83 -56.43
C LEU A 292 -4.73 9.67 -57.67
N ILE A 293 -5.64 10.62 -57.88
CA ILE A 293 -5.52 11.50 -59.03
C ILE A 293 -5.53 12.94 -58.55
N ASN A 294 -4.40 13.61 -58.73
CA ASN A 294 -4.30 15.04 -58.53
C ASN A 294 -4.79 15.52 -57.14
N GLY A 295 -4.34 14.83 -56.10
CA GLY A 295 -4.67 15.22 -54.73
C GLY A 295 -5.68 14.35 -54.00
N ILE A 296 -6.44 13.55 -54.74
CA ILE A 296 -7.57 12.84 -54.16
C ILE A 296 -7.80 11.44 -54.71
N ALA A 297 -8.40 10.58 -53.88
CA ALA A 297 -9.04 9.32 -54.30
C ALA A 297 -10.21 8.94 -53.36
N GLN A 298 -11.13 8.11 -53.85
CA GLN A 298 -12.32 7.75 -53.08
C GLN A 298 -12.75 6.31 -53.28
N VAL A 299 -13.27 5.71 -52.21
CA VAL A 299 -13.92 4.39 -52.30
C VAL A 299 -15.09 4.29 -51.32
N THR A 300 -16.00 3.36 -51.60
CA THR A 300 -17.15 3.11 -50.73
C THR A 300 -17.13 1.64 -50.27
N PHE A 301 -16.96 1.44 -48.96
CA PHE A 301 -16.72 0.11 -48.38
C PHE A 301 -17.98 -0.63 -47.92
N ASP A 302 -18.38 -1.62 -48.71
CA ASP A 302 -19.55 -2.44 -48.43
C ASP A 302 -19.23 -3.45 -47.34
N SER A 303 -19.57 -3.06 -46.12
CA SER A 303 -19.28 -3.84 -44.94
C SER A 303 -20.04 -5.15 -44.95
N GLU A 304 -21.29 -5.12 -45.43
CA GLU A 304 -22.11 -6.32 -45.50
C GLU A 304 -21.42 -7.48 -46.21
N THR A 305 -20.98 -7.26 -47.47
CA THR A 305 -20.37 -8.30 -48.37
C THR A 305 -18.97 -8.76 -47.95
N ALA A 306 -18.23 -7.86 -47.32
CA ALA A 306 -16.86 -8.12 -46.90
C ALA A 306 -16.78 -8.85 -45.57
N VAL A 307 -17.64 -8.45 -44.65
CA VAL A 307 -17.61 -8.98 -43.29
C VAL A 307 -17.95 -10.46 -43.24
N LYS A 308 -18.87 -10.85 -44.12
CA LYS A 308 -19.32 -12.22 -44.17
C LYS A 308 -18.22 -13.22 -44.60
N GLU A 309 -17.13 -12.73 -45.19
CA GLU A 309 -16.00 -13.60 -45.61
C GLU A 309 -15.17 -14.08 -44.42
N LEU A 310 -15.31 -13.39 -43.29
CA LEU A 310 -14.91 -13.94 -42.01
C LEU A 310 -16.16 -14.62 -41.46
N SER A 311 -16.20 -14.86 -40.15
CA SER A 311 -17.32 -15.61 -39.53
C SER A 311 -18.72 -14.99 -39.76
N TYR A 312 -18.75 -13.65 -39.76
CA TYR A 312 -19.94 -12.86 -39.45
C TYR A 312 -21.05 -12.89 -40.52
N TYR A 313 -22.25 -12.44 -40.13
CA TYR A 313 -23.47 -12.57 -40.96
C TYR A 313 -24.47 -11.40 -40.86
N SER A 314 -24.53 -10.77 -39.68
CA SER A 314 -25.33 -9.54 -39.46
C SER A 314 -24.51 -8.44 -38.74
N LEU A 315 -24.95 -7.18 -38.89
CA LEU A 315 -24.32 -6.06 -38.20
C LEU A 315 -24.56 -6.23 -36.71
N GLU A 316 -25.74 -6.74 -36.38
CA GLU A 316 -26.09 -7.04 -35.02
C GLU A 316 -25.18 -8.11 -34.41
N ASP A 317 -24.71 -9.04 -35.24
CA ASP A 317 -23.66 -9.97 -34.84
C ASP A 317 -22.43 -9.16 -34.47
N LEU A 318 -22.19 -8.10 -35.24
CA LEU A 318 -20.92 -7.36 -35.21
C LEU A 318 -20.89 -6.19 -34.22
N ASN A 319 -21.66 -6.29 -33.14
CA ASN A 319 -21.80 -5.15 -32.25
C ASN A 319 -20.63 -4.93 -31.32
N ASN A 320 -20.38 -3.65 -31.05
CA ASN A 320 -19.27 -3.17 -30.20
C ASN A 320 -17.90 -3.62 -30.70
N LYS A 321 -17.81 -3.82 -32.00
CA LYS A 321 -16.56 -4.20 -32.65
C LYS A 321 -16.10 -3.09 -33.60
N TYR A 322 -14.79 -2.99 -33.75
CA TYR A 322 -14.19 -1.90 -34.49
C TYR A 322 -13.70 -2.38 -35.85
N LEU A 323 -13.57 -1.43 -36.78
CA LEU A 323 -13.15 -1.74 -38.16
C LEU A 323 -11.84 -1.07 -38.48
N TYR A 324 -10.90 -1.85 -39.03
CA TYR A 324 -9.51 -1.39 -39.23
C TYR A 324 -9.23 -1.03 -40.68
N ILE A 325 -8.64 0.15 -40.90
CA ILE A 325 -8.24 0.63 -42.24
C ILE A 325 -6.79 1.02 -42.28
N ALA A 326 -6.09 0.53 -43.31
CA ALA A 326 -4.71 0.87 -43.53
C ALA A 326 -4.49 1.00 -45.03
N VAL A 327 -3.86 2.12 -45.37
CA VAL A 327 -3.68 2.53 -46.76
C VAL A 327 -2.18 2.63 -47.10
N THR A 328 -1.90 2.35 -48.36
CA THR A 328 -0.55 2.48 -48.90
C THR A 328 -0.62 3.18 -50.24
N VAL A 329 -0.04 4.38 -50.26
CA VAL A 329 0.00 5.22 -51.43
C VAL A 329 1.45 5.31 -51.86
N ILE A 330 1.77 4.60 -52.93
CA ILE A 330 3.06 4.75 -53.58
C ILE A 330 2.86 5.66 -54.77
N GLU A 331 3.70 6.69 -54.89
CA GLU A 331 3.66 7.56 -56.05
C GLU A 331 3.94 6.71 -57.29
N SER A 332 3.04 6.79 -58.28
CA SER A 332 3.15 6.04 -59.54
C SER A 332 4.44 6.38 -60.29
N THR A 333 4.62 7.68 -60.49
CA THR A 333 5.74 8.26 -61.23
C THR A 333 6.89 8.73 -60.30
N GLY A 334 6.80 8.46 -58.98
CA GLY A 334 7.62 9.09 -57.91
C GLY A 334 7.99 8.35 -56.63
N GLY A 335 8.72 7.24 -56.83
CA GLY A 335 9.48 6.51 -55.82
C GLY A 335 9.42 7.01 -54.40
N PHE A 336 8.36 6.59 -53.73
CA PHE A 336 8.13 6.82 -52.32
C PHE A 336 6.96 5.94 -51.88
N SER A 337 7.18 5.03 -50.96
CA SER A 337 6.02 4.43 -50.35
C SER A 337 5.59 5.36 -49.25
N GLU A 338 4.31 5.60 -49.11
CA GLU A 338 3.89 6.16 -47.86
C GLU A 338 2.83 5.27 -47.21
N GLU A 339 2.79 5.22 -45.88
CA GLU A 339 1.74 4.47 -45.17
C GLU A 339 0.97 5.36 -44.19
N ALA A 340 -0.31 5.02 -43.99
CA ALA A 340 -1.18 5.71 -43.04
C ALA A 340 -2.33 4.79 -42.67
N GLU A 341 -2.83 4.95 -41.45
CA GLU A 341 -3.87 4.05 -40.95
C GLU A 341 -4.84 4.70 -39.97
N ILE A 342 -6.05 4.14 -39.91
CA ILE A 342 -7.04 4.51 -38.92
C ILE A 342 -7.12 3.37 -37.90
N PRO A 343 -6.85 3.69 -36.61
CA PRO A 343 -6.93 2.71 -35.54
C PRO A 343 -8.16 1.86 -35.72
N GLY A 344 -9.34 2.47 -35.61
CA GLY A 344 -10.61 1.76 -35.78
C GLY A 344 -11.85 2.63 -35.74
N ILE A 345 -12.94 2.09 -36.30
CA ILE A 345 -14.27 2.71 -36.24
C ILE A 345 -15.26 1.72 -35.66
N LYS A 346 -15.95 2.18 -34.64
CA LYS A 346 -16.80 1.32 -33.85
C LYS A 346 -18.07 0.97 -34.62
N TYR A 347 -18.43 -0.30 -34.55
CA TYR A 347 -19.72 -0.77 -35.01
C TYR A 347 -20.63 -0.90 -33.80
N VAL A 348 -21.60 0.01 -33.65
CA VAL A 348 -22.52 -0.03 -32.50
C VAL A 348 -24.00 0.21 -32.85
N LEU A 349 -24.87 -0.56 -32.19
CA LEU A 349 -26.30 -0.30 -32.13
C LEU A 349 -26.51 1.15 -31.73
N SER A 350 -26.21 1.45 -30.46
CA SER A 350 -26.34 2.80 -29.90
C SER A 350 -25.28 3.74 -30.43
N PRO A 351 -25.70 4.58 -31.35
CA PRO A 351 -24.87 5.53 -32.05
C PRO A 351 -24.54 6.76 -31.24
N TYR A 352 -25.24 7.05 -30.14
CA TYR A 352 -25.03 8.34 -29.49
C TYR A 352 -24.92 8.39 -27.96
N LYS A 353 -24.15 9.35 -27.47
CA LYS A 353 -23.98 9.63 -26.04
C LYS A 353 -24.60 10.99 -25.66
N LEU A 354 -24.97 11.17 -24.38
CA LEU A 354 -25.69 12.39 -23.92
C LEU A 354 -25.09 13.03 -22.67
N ASN A 355 -25.14 14.36 -22.58
CA ASN A 355 -24.62 15.04 -21.40
C ASN A 355 -24.86 16.53 -21.37
N LEU A 356 -25.65 16.98 -20.40
CA LEU A 356 -25.84 18.40 -20.14
C LEU A 356 -24.55 19.23 -20.15
N VAL A 357 -24.53 20.31 -20.94
CA VAL A 357 -23.31 21.09 -21.13
C VAL A 357 -23.17 22.26 -20.14
N ALA A 358 -24.16 23.13 -20.07
CA ALA A 358 -24.03 24.25 -19.15
C ALA A 358 -25.31 24.41 -18.38
N THR A 359 -25.61 23.36 -17.64
CA THR A 359 -26.85 23.19 -16.92
C THR A 359 -26.55 23.00 -15.41
N PRO A 360 -26.80 24.04 -14.59
CA PRO A 360 -26.69 23.77 -13.15
C PRO A 360 -27.97 23.09 -12.68
N LEU A 361 -27.81 22.01 -11.92
CA LEU A 361 -28.94 21.11 -11.62
C LEU A 361 -29.89 21.67 -10.57
N PHE A 362 -29.66 22.91 -10.17
CA PHE A 362 -30.48 23.63 -9.19
C PHE A 362 -31.39 24.70 -9.80
N LEU A 363 -32.71 24.54 -9.60
CA LEU A 363 -33.70 25.43 -10.22
C LEU A 363 -34.31 26.48 -9.30
N LYS A 364 -34.74 27.58 -9.90
CA LYS A 364 -35.49 28.62 -9.20
C LYS A 364 -36.95 28.63 -9.69
N PRO A 365 -37.93 28.50 -8.77
CA PRO A 365 -39.38 28.54 -9.12
C PRO A 365 -39.88 29.93 -9.53
N GLY A 366 -40.86 30.01 -10.41
CA GLY A 366 -41.28 31.30 -10.98
C GLY A 366 -40.17 31.93 -11.82
N ILE A 367 -39.41 31.08 -12.49
CA ILE A 367 -38.27 31.45 -13.34
C ILE A 367 -38.37 30.46 -14.51
N PRO A 368 -37.78 30.79 -15.67
CA PRO A 368 -37.63 29.74 -16.67
C PRO A 368 -36.29 29.01 -16.48
N TYR A 369 -36.31 27.68 -16.39
CA TYR A 369 -35.07 26.93 -16.29
C TYR A 369 -34.37 26.84 -17.67
N PRO A 370 -33.01 26.89 -17.69
CA PRO A 370 -32.20 26.69 -18.90
C PRO A 370 -31.59 25.27 -19.01
N ILE A 371 -31.82 24.59 -20.13
CA ILE A 371 -31.24 23.27 -20.34
C ILE A 371 -30.50 23.17 -21.66
N LYS A 372 -29.20 22.94 -21.60
CA LYS A 372 -28.39 22.75 -22.79
C LYS A 372 -27.83 21.31 -22.82
N VAL A 373 -28.35 20.48 -23.73
CA VAL A 373 -27.88 19.08 -23.93
C VAL A 373 -26.85 18.93 -25.08
N GLN A 374 -26.08 17.82 -25.05
CA GLN A 374 -25.00 17.56 -26.02
C GLN A 374 -25.03 16.12 -26.50
N VAL A 375 -24.87 15.95 -27.80
CA VAL A 375 -24.82 14.62 -28.41
C VAL A 375 -23.42 14.34 -28.97
N LYS A 376 -22.92 13.15 -28.66
CA LYS A 376 -21.61 12.70 -29.13
C LYS A 376 -21.67 11.35 -29.86
N ASP A 377 -20.75 11.15 -30.80
CA ASP A 377 -20.53 9.85 -31.44
C ASP A 377 -19.64 8.96 -30.55
N SER A 378 -19.55 7.67 -30.87
CA SER A 378 -18.77 6.69 -30.07
C SER A 378 -17.30 7.08 -29.84
N LEU A 379 -16.82 8.07 -30.60
CA LEU A 379 -15.42 8.49 -30.54
C LEU A 379 -15.26 9.88 -29.93
N ASP A 380 -16.24 10.26 -29.12
CA ASP A 380 -16.14 11.43 -28.24
C ASP A 380 -16.13 12.80 -28.92
N GLN A 381 -16.61 12.86 -30.17
CA GLN A 381 -16.77 14.14 -30.92
C GLN A 381 -18.22 14.48 -31.27
N LEU A 382 -18.44 15.75 -31.60
CA LEU A 382 -19.81 16.26 -31.68
C LEU A 382 -20.56 15.68 -32.86
N VAL A 383 -21.89 15.82 -32.83
CA VAL A 383 -22.72 15.48 -33.97
C VAL A 383 -23.95 16.39 -33.99
N GLY A 384 -24.11 17.11 -35.10
CA GLY A 384 -25.09 18.18 -35.23
C GLY A 384 -26.12 17.88 -36.30
N GLY A 385 -27.31 18.43 -36.14
CA GLY A 385 -28.43 18.09 -37.02
C GLY A 385 -29.35 16.99 -36.48
N VAL A 386 -28.96 16.37 -35.37
CA VAL A 386 -29.76 15.35 -34.68
C VAL A 386 -30.89 16.00 -33.84
N PRO A 387 -32.14 15.52 -33.97
CA PRO A 387 -33.23 16.01 -33.12
C PRO A 387 -33.30 15.34 -31.75
N VAL A 388 -33.77 16.08 -30.75
CA VAL A 388 -33.81 15.60 -29.37
C VAL A 388 -35.14 15.92 -28.71
N THR A 389 -35.81 14.90 -28.19
CA THR A 389 -37.08 15.11 -27.50
C THR A 389 -36.86 15.25 -26.00
N LEU A 390 -37.44 16.29 -25.41
CA LEU A 390 -37.33 16.52 -23.97
C LEU A 390 -38.68 16.33 -23.31
N ASN A 391 -38.82 15.25 -22.56
CA ASN A 391 -40.00 15.01 -21.73
C ASN A 391 -39.77 15.49 -20.29
N ALA A 392 -40.76 16.18 -19.72
CA ALA A 392 -40.60 16.79 -18.39
C ALA A 392 -41.77 16.52 -17.44
N GLN A 393 -41.43 16.41 -16.16
CA GLN A 393 -42.38 16.12 -15.09
C GLN A 393 -42.07 16.96 -13.84
N THR A 394 -43.09 17.59 -13.27
CA THR A 394 -42.94 18.48 -12.11
C THR A 394 -43.74 18.00 -10.91
N ILE A 395 -43.11 18.10 -9.74
CA ILE A 395 -43.83 17.85 -8.50
C ILE A 395 -43.80 19.06 -7.56
N ASP A 396 -44.94 19.31 -6.92
CA ASP A 396 -45.16 20.55 -6.18
C ASP A 396 -44.69 20.42 -4.73
N VAL A 397 -44.50 21.56 -4.06
CA VAL A 397 -44.29 21.62 -2.62
C VAL A 397 -45.44 20.92 -1.91
N ASN A 398 -46.57 20.96 -2.60
CA ASN A 398 -47.80 20.36 -2.15
C ASN A 398 -47.76 18.82 -2.22
N GLN A 399 -46.66 18.26 -2.71
CA GLN A 399 -46.59 16.83 -3.09
C GLN A 399 -47.38 16.53 -4.38
N GLU A 400 -47.81 17.59 -5.05
CA GLU A 400 -48.57 17.47 -6.28
C GLU A 400 -47.64 16.93 -7.38
N THR A 401 -48.19 16.13 -8.29
CA THR A 401 -47.45 15.58 -9.43
C THR A 401 -48.08 16.08 -10.76
N SER A 402 -47.27 16.59 -11.69
CA SER A 402 -47.80 17.24 -12.93
C SER A 402 -46.99 16.92 -14.20
N ASP A 403 -47.66 16.73 -15.34
CA ASP A 403 -46.94 16.51 -16.58
C ASP A 403 -46.80 17.77 -17.42
N LEU A 404 -45.56 18.22 -17.57
CA LEU A 404 -45.26 19.35 -18.44
C LEU A 404 -45.24 18.88 -19.90
N ASP A 405 -45.37 19.82 -20.84
CA ASP A 405 -45.53 19.55 -22.28
C ASP A 405 -44.19 19.20 -22.95
N PRO A 406 -44.11 18.04 -23.65
CA PRO A 406 -42.88 17.59 -24.31
C PRO A 406 -42.39 18.54 -25.40
N SER A 407 -41.09 18.82 -25.40
CA SER A 407 -40.51 19.75 -26.36
C SER A 407 -39.60 19.06 -27.35
N LYS A 408 -39.17 19.84 -28.33
CA LYS A 408 -38.20 19.40 -29.31
C LYS A 408 -37.27 20.54 -29.75
N SER A 409 -36.02 20.17 -29.99
CA SER A 409 -35.05 20.99 -30.69
C SER A 409 -34.11 20.07 -31.50
N VAL A 410 -33.16 20.66 -32.22
CA VAL A 410 -32.22 19.90 -33.03
C VAL A 410 -30.84 20.42 -32.73
N THR A 411 -29.92 19.50 -32.44
CA THR A 411 -28.53 19.82 -32.09
C THR A 411 -27.84 20.67 -33.17
N ARG A 412 -27.34 21.83 -32.72
CA ARG A 412 -26.60 22.77 -33.55
C ARG A 412 -25.41 22.06 -34.24
N VAL A 413 -24.85 22.63 -35.31
CA VAL A 413 -23.69 22.02 -36.00
C VAL A 413 -22.35 22.56 -35.46
N ASP A 414 -22.26 23.86 -35.19
CA ASP A 414 -21.07 24.45 -34.54
C ASP A 414 -20.93 24.08 -33.06
N ASP A 415 -22.05 23.72 -32.43
CA ASP A 415 -22.11 23.40 -30.99
C ASP A 415 -22.03 21.89 -30.75
N GLY A 416 -23.02 21.16 -31.26
CA GLY A 416 -23.34 19.84 -30.75
C GLY A 416 -24.41 19.98 -29.67
N VAL A 417 -24.73 21.24 -29.34
CA VAL A 417 -25.70 21.57 -28.29
C VAL A 417 -27.08 21.93 -28.84
N ALA A 418 -28.08 21.22 -28.35
CA ALA A 418 -29.49 21.59 -28.49
C ALA A 418 -29.97 22.26 -27.20
N SER A 419 -30.63 23.41 -27.33
CA SER A 419 -31.11 24.13 -26.14
C SER A 419 -32.61 24.03 -25.94
N PHE A 420 -33.00 24.14 -24.67
CA PHE A 420 -34.38 23.99 -24.21
C PHE A 420 -34.65 24.94 -23.04
N VAL A 421 -35.90 25.35 -22.91
CA VAL A 421 -36.34 26.18 -21.78
C VAL A 421 -37.75 25.78 -21.35
N LEU A 422 -37.92 25.54 -20.07
CA LEU A 422 -39.24 25.29 -19.52
C LEU A 422 -39.48 26.23 -18.34
N ASN A 423 -40.66 26.86 -18.33
CA ASN A 423 -41.04 27.79 -17.27
C ASN A 423 -41.86 27.03 -16.24
N LEU A 424 -41.24 26.83 -15.09
CA LEU A 424 -41.81 25.99 -14.06
C LEU A 424 -42.87 26.74 -13.25
N PRO A 425 -44.05 26.11 -13.05
CA PRO A 425 -45.05 26.60 -12.09
C PRO A 425 -44.40 26.89 -10.74
N SER A 426 -44.58 28.12 -10.24
CA SER A 426 -43.73 28.63 -9.15
C SER A 426 -43.73 27.81 -7.85
N GLY A 427 -44.79 27.05 -7.58
CA GLY A 427 -44.85 26.18 -6.40
C GLY A 427 -43.94 24.96 -6.46
N VAL A 428 -43.21 24.79 -7.56
CA VAL A 428 -42.37 23.60 -7.80
C VAL A 428 -41.23 23.41 -6.79
N THR A 429 -40.80 22.15 -6.64
CA THR A 429 -39.63 21.78 -5.85
C THR A 429 -38.67 20.93 -6.69
N VAL A 430 -39.20 19.87 -7.30
CA VAL A 430 -38.38 18.88 -8.01
C VAL A 430 -38.81 18.67 -9.48
N LEU A 431 -37.82 18.76 -10.38
CA LEU A 431 -38.02 18.56 -11.80
C LEU A 431 -37.34 17.27 -12.21
N GLU A 432 -38.09 16.42 -12.90
CA GLU A 432 -37.54 15.19 -13.45
C GLU A 432 -37.63 15.26 -14.97
N PHE A 433 -36.49 15.35 -15.65
CA PHE A 433 -36.49 15.40 -17.12
C PHE A 433 -35.78 14.28 -17.88
N ASN A 434 -36.47 13.77 -18.91
CA ASN A 434 -35.90 12.82 -19.86
C ASN A 434 -35.43 13.47 -21.14
N VAL A 435 -34.31 12.96 -21.64
CA VAL A 435 -33.71 13.48 -22.84
C VAL A 435 -33.38 12.29 -23.73
N LYS A 436 -34.10 12.16 -24.84
CA LYS A 436 -33.82 11.12 -25.82
C LYS A 436 -33.63 11.67 -27.23
N THR A 437 -32.79 10.98 -27.98
CA THR A 437 -32.50 11.35 -29.34
C THR A 437 -33.57 10.78 -30.24
N ASP A 438 -33.76 11.43 -31.38
CA ASP A 438 -34.85 11.13 -32.28
C ASP A 438 -34.43 11.11 -33.78
N ALA A 439 -33.18 10.69 -34.05
CA ALA A 439 -32.62 10.61 -35.42
C ALA A 439 -33.41 9.69 -36.33
N PRO A 440 -33.77 10.19 -37.53
CA PRO A 440 -34.75 9.61 -38.47
C PRO A 440 -34.44 8.19 -38.98
N ASP A 441 -33.17 7.79 -38.97
CA ASP A 441 -32.74 6.52 -39.55
C ASP A 441 -32.61 5.38 -38.52
N LEU A 442 -32.53 5.76 -37.24
CA LEU A 442 -32.30 4.80 -36.17
C LEU A 442 -33.56 4.17 -35.62
N PRO A 443 -33.48 2.87 -35.26
CA PRO A 443 -34.56 2.22 -34.54
C PRO A 443 -34.75 2.90 -33.20
N GLU A 444 -36.00 3.05 -32.79
CA GLU A 444 -36.38 3.72 -31.55
C GLU A 444 -35.61 3.21 -30.31
N GLU A 445 -35.42 1.90 -30.22
CA GLU A 445 -34.74 1.28 -29.07
C GLU A 445 -33.25 1.58 -29.05
N ASN A 446 -32.66 1.74 -30.24
CA ASN A 446 -31.23 2.02 -30.37
C ASN A 446 -30.77 3.39 -29.84
N GLN A 447 -31.65 4.38 -29.96
CA GLN A 447 -31.37 5.75 -29.53
C GLN A 447 -31.32 5.87 -28.03
N ALA A 448 -30.26 6.52 -27.57
CA ALA A 448 -30.00 6.62 -26.15
C ALA A 448 -30.77 7.75 -25.47
N ARG A 449 -30.83 7.64 -24.15
CA ARG A 449 -31.50 8.57 -23.27
C ARG A 449 -30.70 8.72 -22.00
N GLU A 450 -30.78 9.91 -21.40
CA GLU A 450 -30.29 10.13 -20.05
C GLU A 450 -31.40 10.86 -19.30
N GLY A 451 -31.49 10.62 -18.00
CA GLY A 451 -32.50 11.23 -17.17
C GLY A 451 -31.83 12.06 -16.10
N TYR A 452 -32.53 13.05 -15.58
CA TYR A 452 -31.96 13.93 -14.57
C TYR A 452 -33.01 14.37 -13.56
N ARG A 453 -32.55 14.87 -12.41
CA ARG A 453 -33.39 15.54 -11.42
C ARG A 453 -32.79 16.90 -11.07
N ALA A 454 -33.64 17.92 -10.99
CA ALA A 454 -33.17 19.22 -10.56
C ALA A 454 -33.96 19.67 -9.34
N ILE A 455 -33.31 20.45 -8.49
CA ILE A 455 -33.84 20.72 -7.17
C ILE A 455 -33.90 22.23 -6.86
N ALA A 456 -34.97 22.65 -6.20
CA ALA A 456 -35.15 24.05 -5.83
C ALA A 456 -34.18 24.52 -4.78
N TYR A 457 -33.62 25.71 -5.02
CA TYR A 457 -32.86 26.47 -4.03
C TYR A 457 -33.74 26.73 -2.79
N SER A 458 -33.46 26.03 -1.69
CA SER A 458 -34.22 26.17 -0.42
C SER A 458 -34.09 27.58 0.22
N SER A 459 -35.23 28.21 0.53
CA SER A 459 -35.26 29.54 1.18
C SER A 459 -36.07 29.53 2.45
N LEU A 460 -35.35 29.59 3.57
CA LEU A 460 -35.95 29.93 4.84
C LEU A 460 -36.78 31.18 4.56
N SER A 461 -36.21 32.05 3.72
CA SER A 461 -36.85 33.28 3.26
C SER A 461 -38.13 33.04 2.47
N GLN A 462 -38.21 31.91 1.78
CA GLN A 462 -39.15 31.77 0.67
C GLN A 462 -38.71 32.73 -0.42
N SER A 463 -37.59 33.40 -0.13
CA SER A 463 -36.92 34.39 -0.98
C SER A 463 -35.92 33.73 -1.96
N TYR A 464 -35.94 34.10 -3.25
CA TYR A 464 -35.00 33.51 -4.24
C TYR A 464 -34.31 34.58 -5.06
N LEU A 465 -33.28 34.19 -5.82
CA LEU A 465 -32.70 35.05 -6.88
C LEU A 465 -32.36 34.28 -8.15
N TYR A 466 -32.44 35.00 -9.27
CA TYR A 466 -32.09 34.53 -10.60
C TYR A 466 -31.45 35.66 -11.41
N ILE A 467 -30.13 35.55 -11.52
CA ILE A 467 -29.36 36.38 -12.39
C ILE A 467 -29.26 35.60 -13.70
N ASP A 468 -29.72 36.18 -14.81
CA ASP A 468 -29.68 35.49 -16.11
C ASP A 468 -28.84 36.17 -17.20
N TRP A 469 -27.76 35.49 -17.57
CA TRP A 469 -26.98 35.83 -18.75
C TRP A 469 -26.47 34.60 -19.46
N THR A 470 -26.76 34.52 -20.75
CA THR A 470 -26.30 33.43 -21.61
C THR A 470 -26.24 33.88 -23.08
N ASP A 471 -25.12 33.58 -23.73
CA ASP A 471 -25.03 33.61 -25.19
C ASP A 471 -24.45 32.29 -25.70
N ASN A 472 -25.26 31.57 -26.48
CA ASN A 472 -24.82 30.37 -27.21
C ASN A 472 -23.85 30.77 -28.29
N HIS A 473 -23.96 32.00 -28.74
CA HIS A 473 -22.93 32.58 -29.54
C HIS A 473 -21.67 32.53 -28.70
N LYS A 474 -21.80 32.68 -27.38
CA LYS A 474 -20.84 32.09 -26.40
C LYS A 474 -19.50 32.79 -26.05
N ALA A 475 -19.22 33.96 -26.61
CA ALA A 475 -17.91 34.59 -26.35
C ALA A 475 -18.04 36.08 -26.04
N LEU A 476 -17.33 36.52 -25.00
CA LEU A 476 -17.27 37.94 -24.66
C LEU A 476 -15.88 38.46 -24.87
N LEU A 477 -15.77 39.71 -25.31
CA LEU A 477 -14.46 40.28 -25.62
C LEU A 477 -14.02 41.35 -24.64
N VAL A 478 -12.82 41.19 -24.08
CA VAL A 478 -12.28 42.18 -23.19
C VAL A 478 -12.48 43.55 -23.81
N GLY A 479 -12.87 44.52 -22.99
CA GLY A 479 -13.20 45.87 -23.48
C GLY A 479 -14.69 46.20 -23.45
N GLU A 480 -15.52 45.21 -23.78
CA GLU A 480 -16.98 45.34 -23.68
C GLU A 480 -17.46 45.78 -22.30
N HIS A 481 -18.77 45.93 -22.17
CA HIS A 481 -19.40 46.15 -20.89
C HIS A 481 -20.56 45.20 -20.80
N LEU A 482 -20.53 44.38 -19.76
CA LEU A 482 -21.49 43.29 -19.61
C LEU A 482 -22.85 43.77 -19.10
N ASN A 483 -23.89 43.48 -19.87
CA ASN A 483 -25.20 43.80 -19.37
C ASN A 483 -26.09 42.62 -18.97
N ILE A 484 -26.35 42.56 -17.67
CA ILE A 484 -26.92 41.39 -17.02
C ILE A 484 -28.18 41.71 -16.21
N ILE A 485 -29.20 40.88 -16.39
CA ILE A 485 -30.56 41.14 -15.85
C ILE A 485 -30.83 40.41 -14.52
N VAL A 486 -31.11 41.18 -13.47
CA VAL A 486 -31.30 40.61 -12.12
C VAL A 486 -32.76 40.57 -11.71
N THR A 487 -33.37 39.37 -11.69
CA THR A 487 -34.77 39.25 -11.28
C THR A 487 -34.92 38.51 -9.93
N PRO A 488 -35.33 39.24 -8.86
CA PRO A 488 -35.45 38.60 -7.53
C PRO A 488 -36.86 38.11 -7.14
N LYS A 489 -37.56 37.41 -8.04
CA LYS A 489 -38.94 36.93 -7.76
C LYS A 489 -39.07 36.15 -6.44
N SER A 490 -40.13 36.48 -5.68
CA SER A 490 -40.64 35.72 -4.51
C SER A 490 -40.52 36.32 -3.07
N PRO A 491 -39.31 36.81 -2.69
CA PRO A 491 -39.03 37.29 -1.34
C PRO A 491 -40.19 37.89 -0.58
N TYR A 492 -40.40 37.35 0.61
CA TYR A 492 -41.45 37.81 1.51
C TYR A 492 -41.53 39.33 1.44
N ILE A 493 -40.39 40.01 1.50
CA ILE A 493 -40.39 41.45 1.20
C ILE A 493 -39.34 41.86 0.16
N ASP A 494 -39.79 42.69 -0.77
CA ASP A 494 -38.97 43.38 -1.75
C ASP A 494 -38.23 44.58 -1.15
N LYS A 495 -38.17 44.66 0.18
CA LYS A 495 -37.45 45.72 0.90
C LYS A 495 -35.95 45.53 0.76
N ILE A 496 -35.59 44.89 -0.35
CA ILE A 496 -34.20 44.78 -0.75
C ILE A 496 -33.65 46.20 -0.75
N THR A 497 -32.62 46.39 0.05
CA THR A 497 -31.91 47.64 0.08
C THR A 497 -30.87 47.66 -1.05
N HIS A 498 -29.99 46.65 -1.06
CA HIS A 498 -28.90 46.56 -2.05
C HIS A 498 -28.68 45.21 -2.70
N TYR A 499 -28.42 45.23 -4.02
CA TYR A 499 -27.87 44.09 -4.77
C TYR A 499 -26.37 44.09 -4.62
N ASN A 500 -25.82 42.94 -4.27
CA ASN A 500 -24.41 42.84 -3.98
C ASN A 500 -23.74 41.72 -4.78
N TYR A 501 -22.85 42.08 -5.71
CA TYR A 501 -22.13 41.10 -6.55
C TYR A 501 -20.64 40.87 -6.17
N LEU A 502 -20.07 39.84 -6.77
CA LEU A 502 -18.73 39.37 -6.45
C LEU A 502 -18.24 38.59 -7.66
N ILE A 503 -17.08 38.96 -8.20
CA ILE A 503 -16.54 38.31 -9.42
C ILE A 503 -15.20 37.59 -9.20
N LEU A 504 -15.23 36.27 -9.37
CA LEU A 504 -14.05 35.44 -9.26
C LEU A 504 -13.42 35.19 -10.63
N SER A 505 -12.11 34.90 -10.61
CA SER A 505 -11.37 34.46 -11.81
C SER A 505 -10.06 33.77 -11.40
N LYS A 506 -9.87 32.56 -11.92
CA LYS A 506 -8.75 31.71 -11.56
C LYS A 506 -8.59 31.62 -10.03
N GLY A 507 -9.71 31.46 -9.32
CA GLY A 507 -9.73 31.27 -7.85
C GLY A 507 -9.41 32.43 -6.89
N LYS A 508 -9.09 33.60 -7.40
CA LYS A 508 -8.93 34.77 -6.52
C LYS A 508 -10.07 35.74 -6.78
N ILE A 509 -10.68 36.24 -5.69
CA ILE A 509 -11.72 37.24 -5.84
C ILE A 509 -11.04 38.46 -6.43
N ILE A 510 -11.61 39.00 -7.51
CA ILE A 510 -11.00 40.15 -8.18
C ILE A 510 -11.89 41.38 -8.28
N HIS A 511 -13.21 41.18 -8.24
CA HIS A 511 -14.17 42.28 -8.20
C HIS A 511 -15.29 42.13 -7.20
N PHE A 512 -15.83 43.25 -6.74
CA PHE A 512 -16.81 43.28 -5.64
C PHE A 512 -17.50 44.66 -5.68
N GLY A 513 -18.80 44.70 -5.40
CA GLY A 513 -19.52 45.98 -5.44
C GLY A 513 -21.00 45.88 -5.11
N THR A 514 -21.69 47.03 -5.12
CA THR A 514 -23.11 47.11 -4.72
C THR A 514 -23.99 48.05 -5.56
N ARG A 515 -25.15 47.56 -5.97
CA ARG A 515 -26.14 48.34 -6.70
C ARG A 515 -27.41 48.50 -5.87
N GLU A 516 -27.89 49.73 -5.71
CA GLU A 516 -29.12 49.99 -4.94
C GLU A 516 -30.35 49.55 -5.69
N LYS A 517 -31.28 48.96 -4.95
CA LYS A 517 -32.51 48.44 -5.51
C LYS A 517 -33.40 49.59 -6.01
N PHE A 518 -33.83 49.50 -7.26
CA PHE A 518 -34.76 50.46 -7.85
C PHE A 518 -36.17 50.16 -7.35
N SER A 519 -36.82 51.10 -6.67
CA SER A 519 -38.24 50.93 -6.35
C SER A 519 -38.99 50.54 -7.61
N ASP A 520 -38.57 51.19 -8.70
CA ASP A 520 -39.11 51.12 -10.05
C ASP A 520 -39.03 49.75 -10.80
N ALA A 521 -37.99 48.96 -10.55
CA ALA A 521 -37.61 47.87 -11.49
C ALA A 521 -38.20 46.47 -11.32
N SER A 522 -38.19 45.96 -10.09
CA SER A 522 -38.38 44.53 -9.86
C SER A 522 -37.21 43.75 -10.49
N TYR A 523 -37.05 43.87 -11.81
CA TYR A 523 -35.79 43.48 -12.47
C TYR A 523 -35.03 44.70 -13.00
N GLN A 524 -33.70 44.68 -12.82
CA GLN A 524 -32.84 45.79 -13.25
C GLN A 524 -31.49 45.31 -13.77
N SER A 525 -30.79 46.23 -14.44
CA SER A 525 -29.52 45.94 -15.09
C SER A 525 -28.36 46.10 -14.15
N ILE A 526 -27.30 45.32 -14.38
CA ILE A 526 -25.98 45.71 -13.95
C ILE A 526 -25.08 45.84 -15.15
N ASN A 527 -24.34 46.92 -15.18
CA ASN A 527 -23.31 47.04 -16.16
C ASN A 527 -21.95 46.85 -15.50
N ILE A 528 -21.26 45.75 -15.81
CA ILE A 528 -19.92 45.47 -15.27
C ILE A 528 -18.87 45.29 -16.36
N PRO A 529 -17.90 46.22 -16.42
CA PRO A 529 -16.85 46.30 -17.44
C PRO A 529 -15.98 45.03 -17.51
N VAL A 530 -15.96 44.38 -18.66
CA VAL A 530 -15.10 43.18 -18.84
C VAL A 530 -13.60 43.54 -18.95
N THR A 531 -12.81 43.03 -17.99
CA THR A 531 -11.37 43.36 -17.84
C THR A 531 -10.41 42.20 -18.14
N GLN A 532 -9.15 42.51 -18.49
CA GLN A 532 -8.16 41.48 -18.84
C GLN A 532 -7.69 40.60 -17.68
N ASN A 533 -8.21 40.87 -16.48
CA ASN A 533 -7.99 40.00 -15.32
C ASN A 533 -8.78 38.71 -15.46
N MET A 534 -9.75 38.72 -16.36
CA MET A 534 -10.69 37.63 -16.49
C MET A 534 -10.44 36.78 -17.72
N VAL A 535 -9.36 37.07 -18.44
CA VAL A 535 -9.20 36.61 -19.83
C VAL A 535 -9.58 35.13 -20.10
N PRO A 536 -9.06 34.18 -19.31
CA PRO A 536 -9.40 32.80 -19.67
C PRO A 536 -10.88 32.46 -19.39
N SER A 537 -11.37 32.89 -18.23
CA SER A 537 -12.73 32.61 -17.79
C SER A 537 -13.02 33.37 -16.49
N SER A 538 -14.30 33.50 -16.14
CA SER A 538 -14.68 34.08 -14.84
C SER A 538 -16.06 33.63 -14.33
N ARG A 539 -16.29 33.83 -13.03
CA ARG A 539 -17.62 33.65 -12.41
C ARG A 539 -18.04 34.94 -11.72
N LEU A 540 -19.34 35.23 -11.77
CA LEU A 540 -19.85 36.29 -10.94
C LEU A 540 -21.00 35.75 -10.11
N LEU A 541 -21.07 36.24 -8.88
CA LEU A 541 -22.04 35.82 -7.88
C LEU A 541 -22.72 37.07 -7.30
N VAL A 542 -24.02 36.98 -7.08
CA VAL A 542 -24.78 38.11 -6.58
C VAL A 542 -25.67 37.67 -5.44
N TYR A 543 -25.53 38.34 -4.31
CA TYR A 543 -26.38 38.09 -3.16
C TYR A 543 -27.04 39.39 -2.63
N TYR A 544 -28.19 39.25 -1.97
CA TYR A 544 -28.84 40.36 -1.25
C TYR A 544 -29.32 39.89 0.13
N ILE A 545 -29.26 40.78 1.12
CA ILE A 545 -29.76 40.45 2.47
C ILE A 545 -31.23 40.81 2.66
N VAL A 546 -32.02 39.81 3.03
CA VAL A 546 -33.38 40.04 3.49
C VAL A 546 -33.41 39.82 4.99
N THR A 547 -33.50 40.93 5.73
CA THR A 547 -33.59 40.88 7.19
C THR A 547 -35.01 40.51 7.60
N GLY A 548 -35.22 39.23 7.90
CA GLY A 548 -36.52 38.72 8.34
C GLY A 548 -36.96 39.26 9.69
N GLU A 549 -36.44 40.42 10.07
CA GLU A 549 -36.69 41.05 11.37
C GLU A 549 -36.57 40.08 12.56
N GLN A 550 -35.87 38.97 12.35
CA GLN A 550 -35.66 37.94 13.37
C GLN A 550 -34.39 37.11 13.16
N THR A 551 -33.89 37.07 11.92
CA THR A 551 -32.58 36.51 11.54
C THR A 551 -32.44 36.77 10.06
N ALA A 552 -31.51 37.63 9.68
CA ALA A 552 -31.31 37.95 8.27
C ALA A 552 -30.97 36.68 7.47
N GLU A 553 -31.49 36.60 6.24
CA GLU A 553 -31.10 35.53 5.30
C GLU A 553 -30.26 36.10 4.17
N LEU A 554 -29.20 35.38 3.83
CA LEU A 554 -28.42 35.67 2.65
C LEU A 554 -29.00 34.87 1.49
N VAL A 555 -29.21 35.55 0.38
CA VAL A 555 -29.79 34.94 -0.82
C VAL A 555 -28.97 35.29 -2.06
N SER A 556 -28.60 34.28 -2.85
CA SER A 556 -27.71 34.51 -3.99
C SER A 556 -27.90 33.63 -5.26
N ASP A 557 -27.15 34.01 -6.30
CA ASP A 557 -26.93 33.21 -7.51
C ASP A 557 -25.59 33.56 -8.22
N SER A 558 -24.98 32.56 -8.86
CA SER A 558 -23.70 32.73 -9.61
C SER A 558 -23.79 32.22 -11.07
N VAL A 559 -22.91 32.70 -11.94
CA VAL A 559 -22.96 32.34 -13.35
C VAL A 559 -21.57 32.21 -13.94
N TRP A 560 -21.37 31.20 -14.80
CA TRP A 560 -20.04 30.96 -15.41
C TRP A 560 -19.82 31.56 -16.78
N LEU A 561 -18.79 32.39 -16.91
CA LEU A 561 -18.60 33.23 -18.09
C LEU A 561 -17.27 32.99 -18.82
N ASN A 562 -17.26 32.15 -19.85
CA ASN A 562 -16.05 32.02 -20.69
C ASN A 562 -15.86 33.27 -21.53
N ILE A 563 -14.65 33.81 -21.53
CA ILE A 563 -14.43 35.03 -22.30
C ILE A 563 -13.23 34.88 -23.23
N GLU A 564 -12.88 35.98 -23.91
CA GLU A 564 -11.95 36.04 -25.06
C GLU A 564 -10.49 35.85 -24.70
N GLU A 565 -9.78 35.17 -25.58
CA GLU A 565 -8.42 34.77 -25.28
C GLU A 565 -7.37 35.85 -25.60
N LYS A 566 -7.36 36.95 -24.85
CA LYS A 566 -6.43 38.05 -25.18
C LYS A 566 -5.27 38.24 -24.18
N CYS A 567 -4.06 38.19 -24.72
CA CYS A 567 -2.83 38.25 -23.93
C CYS A 567 -2.61 39.63 -23.39
N GLY A 568 -1.78 39.71 -22.36
CA GLY A 568 -1.32 41.00 -21.84
C GLY A 568 -0.26 41.63 -22.73
N ASN A 569 0.52 40.78 -23.36
CA ASN A 569 1.55 41.19 -24.27
C ASN A 569 1.32 40.41 -25.55
N GLN A 570 0.46 40.88 -26.44
CA GLN A 570 0.22 40.11 -27.68
C GLN A 570 1.47 40.11 -28.50
N LEU A 571 2.02 38.93 -28.69
CA LEU A 571 3.15 38.77 -29.56
C LEU A 571 2.69 38.59 -30.99
N GLN A 572 3.31 39.37 -31.88
CA GLN A 572 3.03 39.27 -33.28
C GLN A 572 4.34 39.07 -34.02
N VAL A 573 4.37 37.99 -34.78
CA VAL A 573 5.55 37.55 -35.52
C VAL A 573 5.32 37.59 -37.04
N HIS A 574 6.33 38.07 -37.76
CA HIS A 574 6.27 38.23 -39.22
C HIS A 574 7.57 37.96 -39.88
N LEU A 575 7.50 37.28 -41.01
CA LEU A 575 8.66 37.09 -41.86
C LEU A 575 8.88 38.26 -42.83
N SER A 576 10.16 38.55 -43.12
CA SER A 576 10.56 39.73 -43.91
C SER A 576 9.97 39.75 -45.31
N PRO A 577 10.52 38.92 -46.25
CA PRO A 577 10.04 38.96 -47.62
C PRO A 577 8.64 38.37 -47.71
N ASP A 578 7.68 39.25 -47.96
CA ASP A 578 6.27 38.91 -47.81
C ASP A 578 5.77 37.86 -48.81
N ALA A 579 6.61 37.47 -49.78
CA ALA A 579 6.27 36.44 -50.77
C ALA A 579 5.72 35.14 -50.14
N ASP A 580 4.74 34.54 -50.82
CA ASP A 580 3.95 33.43 -50.26
C ASP A 580 4.59 32.07 -50.47
N ALA A 581 5.54 32.00 -51.39
CA ALA A 581 6.44 30.87 -51.54
C ALA A 581 7.87 31.38 -51.35
N TYR A 582 8.78 30.52 -50.86
CA TYR A 582 10.16 30.92 -50.46
C TYR A 582 11.29 30.17 -51.17
N SER A 583 12.53 30.61 -51.01
CA SER A 583 13.63 29.97 -51.73
C SER A 583 14.62 29.21 -50.84
N PRO A 584 15.01 27.98 -51.28
CA PRO A 584 15.81 27.01 -50.54
C PRO A 584 17.28 27.38 -50.23
N GLY A 585 17.50 28.56 -49.68
CA GLY A 585 18.81 28.91 -49.18
C GLY A 585 18.77 30.26 -48.55
N GLN A 586 17.78 31.03 -48.97
CA GLN A 586 17.68 32.47 -48.77
C GLN A 586 17.71 32.95 -47.32
N THR A 587 18.42 34.05 -47.06
CA THR A 587 18.37 34.69 -45.73
C THR A 587 17.15 35.58 -45.64
N VAL A 588 16.67 35.82 -44.42
CA VAL A 588 15.43 36.56 -44.17
C VAL A 588 15.35 36.94 -42.69
N SER A 589 14.74 38.10 -42.40
CA SER A 589 14.58 38.59 -41.02
C SER A 589 13.19 38.29 -40.45
N LEU A 590 13.13 38.17 -39.12
CA LEU A 590 11.90 37.86 -38.40
C LEU A 590 11.50 39.04 -37.52
N ASN A 591 10.20 39.23 -37.29
CA ASN A 591 9.74 40.35 -36.48
C ASN A 591 9.11 39.99 -35.15
N MET A 592 9.71 40.45 -34.06
CA MET A 592 9.07 40.34 -32.76
C MET A 592 8.24 41.61 -32.42
N ALA A 593 7.04 41.40 -31.85
CA ALA A 593 6.15 42.50 -31.47
C ALA A 593 5.50 42.31 -30.09
N THR A 594 5.51 43.38 -29.29
CA THR A 594 4.97 43.33 -27.93
C THR A 594 4.42 44.65 -27.43
N GLY A 595 3.43 44.54 -26.56
CA GLY A 595 2.77 45.70 -25.98
C GLY A 595 3.56 46.27 -24.84
N MET A 596 4.69 45.63 -24.56
CA MET A 596 5.53 45.99 -23.43
C MET A 596 6.75 45.07 -23.46
N ASP A 597 7.88 45.54 -22.91
CA ASP A 597 9.11 44.72 -22.77
C ASP A 597 8.79 43.25 -22.37
N SER A 598 9.38 42.29 -23.06
CA SER A 598 9.02 40.88 -22.90
C SER A 598 10.19 39.95 -23.19
N TRP A 599 10.07 38.68 -22.78
CA TRP A 599 10.96 37.64 -23.31
C TRP A 599 10.22 36.82 -24.32
N VAL A 600 10.94 36.18 -25.25
CA VAL A 600 10.30 35.36 -26.28
C VAL A 600 11.14 34.10 -26.55
N ALA A 601 10.47 32.98 -26.76
CA ALA A 601 11.15 31.69 -26.90
C ALA A 601 10.79 30.99 -28.20
N LEU A 602 11.75 30.93 -29.10
CA LEU A 602 11.45 30.54 -30.46
C LEU A 602 11.57 29.03 -30.70
N ALA A 603 10.97 28.57 -31.80
CA ALA A 603 11.01 27.16 -32.22
C ALA A 603 10.77 27.04 -33.75
N ALA A 604 11.55 26.21 -34.41
CA ALA A 604 11.28 25.87 -35.81
C ALA A 604 11.15 24.36 -35.93
N VAL A 605 10.05 23.92 -36.51
CA VAL A 605 9.83 22.49 -36.64
C VAL A 605 9.45 22.15 -38.06
N ASP A 606 10.07 21.12 -38.63
CA ASP A 606 9.62 20.66 -39.92
C ASP A 606 8.17 20.19 -39.80
N SER A 607 7.30 20.87 -40.52
CA SER A 607 5.88 20.55 -40.52
C SER A 607 5.59 19.07 -40.92
N ALA A 608 6.59 18.41 -41.50
CA ALA A 608 6.47 16.98 -41.87
C ALA A 608 6.66 16.09 -40.67
N VAL A 609 7.46 16.56 -39.74
CA VAL A 609 7.80 15.81 -38.55
C VAL A 609 6.60 15.63 -37.62
N TYR A 610 5.64 16.55 -37.68
CA TYR A 610 4.35 16.32 -37.03
C TYR A 610 3.65 15.13 -37.65
N GLY A 611 4.01 14.85 -38.90
CA GLY A 611 3.45 13.73 -39.65
C GLY A 611 3.86 12.34 -39.21
N VAL A 612 5.03 12.18 -38.60
CA VAL A 612 5.48 10.86 -38.14
C VAL A 612 4.61 10.21 -37.02
N GLN A 613 4.21 11.01 -36.05
CA GLN A 613 3.29 10.55 -35.01
C GLN A 613 1.88 11.00 -35.37
N ARG A 614 0.90 10.10 -35.28
CA ARG A 614 -0.48 10.55 -35.50
C ARG A 614 -0.93 11.55 -34.42
N GLY A 615 -0.45 11.38 -33.20
CA GLY A 615 -0.63 12.38 -32.14
C GLY A 615 -0.14 13.79 -32.46
N ALA A 616 -0.58 14.76 -31.68
CA ALA A 616 -0.47 16.18 -32.02
C ALA A 616 0.42 17.06 -31.12
N LYS A 617 0.99 18.10 -31.75
CA LYS A 617 1.70 19.22 -31.07
C LYS A 617 0.88 19.74 -29.92
N LYS A 618 1.51 20.14 -28.83
CA LYS A 618 0.77 20.58 -27.63
C LYS A 618 1.28 21.83 -26.86
N PRO A 619 1.93 22.77 -27.56
CA PRO A 619 1.91 24.04 -26.85
C PRO A 619 0.55 24.75 -27.10
N LEU A 620 0.18 25.67 -26.20
CA LEU A 620 -0.96 26.66 -26.35
C LEU A 620 -2.43 26.26 -26.02
N GLU A 621 -2.96 25.35 -26.84
CA GLU A 621 -4.34 24.91 -26.73
C GLU A 621 -4.54 24.68 -25.26
N ARG A 622 -3.56 23.92 -24.79
CA ARG A 622 -3.35 23.62 -23.41
C ARG A 622 -3.17 24.91 -22.55
N VAL A 623 -2.32 25.85 -22.98
CA VAL A 623 -1.93 27.02 -22.14
C VAL A 623 -3.14 27.83 -21.65
N PHE A 624 -4.16 27.90 -22.48
CA PHE A 624 -5.38 28.54 -22.04
C PHE A 624 -6.09 27.70 -20.99
N GLN A 625 -6.19 26.41 -21.24
CA GLN A 625 -6.85 25.48 -20.33
C GLN A 625 -6.14 25.31 -18.96
N PHE A 626 -4.84 24.99 -18.95
CA PHE A 626 -4.06 24.83 -17.70
C PHE A 626 -4.19 26.05 -16.81
N LEU A 627 -4.29 27.19 -17.46
CA LEU A 627 -4.20 28.39 -16.72
C LEU A 627 -5.53 28.67 -16.02
N GLU A 628 -6.61 28.29 -16.67
CA GLU A 628 -7.98 28.39 -16.15
C GLU A 628 -8.43 27.22 -15.25
N LYS A 629 -7.48 26.35 -14.87
CA LYS A 629 -7.78 25.26 -13.95
C LYS A 629 -7.28 25.61 -12.56
N SER A 630 -7.38 26.88 -12.20
CA SER A 630 -7.10 27.29 -10.84
C SER A 630 -8.38 27.74 -10.16
N ASP A 631 -9.50 27.55 -10.87
CA ASP A 631 -10.86 27.93 -10.45
C ASP A 631 -11.42 26.90 -9.47
N LEU A 632 -11.72 27.34 -8.26
CA LEU A 632 -12.16 26.38 -7.26
C LEU A 632 -13.62 26.00 -7.42
N GLY A 633 -14.28 26.59 -8.41
CA GLY A 633 -15.72 26.41 -8.64
C GLY A 633 -16.13 25.06 -9.20
N CYS A 634 -17.32 25.00 -9.78
CA CYS A 634 -17.86 23.78 -10.37
C CYS A 634 -19.26 24.06 -10.85
N GLY A 635 -19.60 23.53 -12.02
CA GLY A 635 -20.92 23.76 -12.59
C GLY A 635 -21.04 25.10 -13.29
N ALA A 636 -22.23 25.40 -13.82
CA ALA A 636 -22.45 26.71 -14.42
C ALA A 636 -22.61 27.76 -13.32
N GLY A 637 -22.42 27.31 -12.08
CA GLY A 637 -22.58 28.13 -10.88
C GLY A 637 -23.87 27.71 -10.23
N GLY A 638 -24.45 28.62 -9.44
CA GLY A 638 -25.83 28.49 -8.93
C GLY A 638 -26.20 27.26 -8.13
N GLY A 639 -26.10 27.37 -6.80
CA GLY A 639 -26.25 26.23 -5.93
C GLY A 639 -27.67 25.91 -5.58
N LEU A 640 -27.81 25.52 -4.30
CA LEU A 640 -29.00 24.87 -3.72
C LEU A 640 -29.27 25.36 -2.28
N ASN A 641 -28.23 25.89 -1.65
CA ASN A 641 -28.35 26.67 -0.45
C ASN A 641 -27.97 28.06 -0.86
N ASN A 642 -27.68 28.89 0.12
CA ASN A 642 -26.92 30.08 -0.15
C ASN A 642 -25.50 29.66 0.02
N ALA A 643 -25.30 28.70 0.93
CA ALA A 643 -23.97 28.17 1.21
C ALA A 643 -23.46 27.41 -0.01
N ASN A 644 -24.26 26.46 -0.49
CA ASN A 644 -23.95 25.75 -1.71
C ASN A 644 -23.46 26.70 -2.83
N VAL A 645 -24.27 27.72 -3.13
CA VAL A 645 -23.98 28.70 -4.18
C VAL A 645 -22.57 29.24 -4.10
N PHE A 646 -22.26 29.83 -2.96
CA PHE A 646 -20.96 30.39 -2.65
C PHE A 646 -19.84 29.36 -2.68
N HIS A 647 -20.16 28.13 -2.28
CA HIS A 647 -19.18 27.05 -2.25
C HIS A 647 -18.91 26.60 -3.66
N LEU A 648 -19.94 26.07 -4.33
CA LEU A 648 -19.84 25.66 -5.74
C LEU A 648 -19.13 26.69 -6.64
N ALA A 649 -19.22 27.95 -6.25
CA ALA A 649 -18.63 29.06 -7.00
C ALA A 649 -17.14 29.26 -6.75
N GLY A 650 -16.55 28.45 -5.88
CA GLY A 650 -15.11 28.53 -5.62
C GLY A 650 -14.78 29.39 -4.42
N LEU A 651 -15.80 29.64 -3.61
CA LEU A 651 -15.67 30.42 -2.39
C LEU A 651 -16.07 29.62 -1.17
N THR A 652 -15.72 30.16 0.00
CA THR A 652 -16.39 29.86 1.27
C THR A 652 -16.37 31.15 2.10
N PHE A 653 -17.42 31.40 2.85
CA PHE A 653 -17.52 32.67 3.53
C PHE A 653 -17.44 32.45 5.02
N LEU A 654 -17.38 33.55 5.76
CA LEU A 654 -17.64 33.59 7.19
C LEU A 654 -18.83 34.53 7.27
N THR A 655 -19.90 34.19 7.98
CA THR A 655 -21.11 35.01 7.87
C THR A 655 -21.94 35.14 9.12
N ASN A 656 -22.56 36.30 9.21
CA ASN A 656 -23.42 36.68 10.30
C ASN A 656 -24.86 36.13 10.24
N ALA A 657 -25.48 36.18 9.08
CA ALA A 657 -26.90 35.80 8.97
C ALA A 657 -27.09 34.31 8.72
N ASN A 658 -26.36 33.80 7.74
CA ASN A 658 -26.37 32.41 7.39
C ASN A 658 -24.91 31.98 7.38
N ALA A 659 -24.53 30.95 8.15
CA ALA A 659 -23.12 30.56 8.18
C ALA A 659 -22.85 29.55 7.06
N ASP A 660 -21.61 29.47 6.59
CA ASP A 660 -21.28 28.57 5.49
C ASP A 660 -20.92 27.17 5.98
N ASP A 661 -21.79 26.20 5.70
CA ASP A 661 -21.59 24.83 6.17
C ASP A 661 -21.41 23.86 5.03
N SER A 662 -20.50 22.90 5.25
CA SER A 662 -20.10 21.79 4.34
C SER A 662 -18.61 21.58 4.52
N GLN A 663 -18.13 20.37 4.29
CA GLN A 663 -16.73 20.21 3.89
C GLN A 663 -16.68 19.11 2.85
N GLU A 664 -17.42 19.35 1.78
CA GLU A 664 -17.59 18.37 0.71
C GLU A 664 -16.91 18.88 -0.57
N ASN A 665 -15.84 19.64 -0.35
CA ASN A 665 -14.87 19.98 -1.37
C ASN A 665 -14.23 18.74 -1.94
N ASP A 666 -14.31 17.66 -1.15
CA ASP A 666 -13.61 16.40 -1.36
C ASP A 666 -13.93 15.61 -2.62
N GLU A 667 -15.20 15.33 -2.86
CA GLU A 667 -15.60 14.62 -4.09
C GLU A 667 -15.24 15.49 -5.30
N PRO A 668 -14.46 14.93 -6.27
CA PRO A 668 -13.75 15.74 -7.27
C PRO A 668 -14.72 16.38 -8.24
N CYS A 669 -14.43 17.59 -8.71
CA CYS A 669 -15.38 18.27 -9.58
C CYS A 669 -15.41 17.70 -11.00
N LYS A 670 -16.63 17.50 -11.48
CA LYS A 670 -16.85 17.24 -12.88
C LYS A 670 -18.16 17.85 -13.30
N GLU A 671 -18.06 18.75 -14.27
CA GLU A 671 -19.14 19.19 -15.12
C GLU A 671 -18.41 19.52 -16.39
N ILE A 672 -19.12 19.84 -17.45
CA ILE A 672 -18.44 20.28 -18.65
C ILE A 672 -18.87 21.70 -18.95
N LEU A 673 -17.90 22.56 -19.23
CA LEU A 673 -18.21 23.96 -19.44
C LEU A 673 -18.15 24.37 -20.91
N ARG A 674 -17.05 24.03 -21.57
CA ARG A 674 -16.91 24.33 -22.99
C ARG A 674 -16.94 23.01 -23.73
N PRO A 675 -17.82 22.87 -24.73
CA PRO A 675 -18.00 21.64 -25.49
C PRO A 675 -16.90 21.39 -26.51
N ARG A 676 -16.16 20.30 -26.32
CA ARG A 676 -14.87 20.16 -26.96
C ARG A 676 -15.01 19.59 -28.36
N SER A 761 31.09 27.64 -62.79
CA SER A 761 30.62 26.77 -61.71
C SER A 761 29.10 26.76 -61.67
N LYS A 762 28.53 27.30 -60.60
CA LYS A 762 27.09 27.46 -60.52
C LYS A 762 26.41 26.18 -59.94
N PRO A 763 27.19 25.34 -59.21
CA PRO A 763 26.55 24.21 -58.49
C PRO A 763 25.68 24.72 -57.35
N GLU A 764 24.70 23.93 -56.92
CA GLU A 764 23.91 24.23 -55.72
C GLU A 764 23.96 23.02 -54.82
N ILE A 765 24.29 23.25 -53.57
CA ILE A 765 24.57 22.16 -52.67
C ILE A 765 23.52 22.16 -51.59
N ARG A 766 22.76 21.07 -51.50
CA ARG A 766 21.75 20.89 -50.42
C ARG A 766 22.20 19.92 -49.35
N SER A 767 22.25 20.38 -48.11
CA SER A 767 23.05 19.68 -47.15
C SER A 767 22.47 19.69 -45.79
N TYR A 768 21.87 20.82 -45.43
CA TYR A 768 21.46 21.06 -44.06
C TYR A 768 19.97 20.86 -43.91
N PHE A 769 19.54 19.69 -43.42
CA PHE A 769 18.13 19.34 -43.23
C PHE A 769 17.77 19.17 -41.76
N PRO A 770 17.72 20.28 -41.00
CA PRO A 770 17.55 20.25 -39.55
C PRO A 770 16.09 20.05 -39.25
N GLU A 771 15.81 19.10 -38.37
CA GLU A 771 14.46 18.85 -38.00
C GLU A 771 13.92 19.99 -37.13
N SER A 772 14.77 20.46 -36.23
CA SER A 772 14.47 21.56 -35.33
C SER A 772 15.59 22.57 -35.34
N TRP A 773 15.23 23.85 -35.35
CA TRP A 773 16.18 24.97 -35.25
C TRP A 773 15.51 26.21 -34.70
N LEU A 774 16.27 27.30 -34.55
CA LEU A 774 15.76 28.49 -33.86
C LEU A 774 15.42 28.23 -32.41
N TRP A 775 16.18 27.36 -31.74
CA TRP A 775 15.89 27.06 -30.33
C TRP A 775 16.63 27.99 -29.49
N GLU A 776 16.28 29.26 -29.66
CA GLU A 776 16.85 30.32 -28.87
C GLU A 776 15.76 31.12 -28.21
N VAL A 777 16.18 31.93 -27.24
CA VAL A 777 15.32 32.83 -26.51
C VAL A 777 15.84 34.25 -26.68
N HIS A 778 14.95 35.24 -26.68
CA HIS A 778 15.36 36.63 -26.90
C HIS A 778 14.67 37.61 -26.02
N LEU A 779 15.43 38.62 -25.62
CA LEU A 779 14.88 39.77 -24.90
C LEU A 779 14.24 40.74 -25.89
N VAL A 780 12.94 40.90 -25.83
CA VAL A 780 12.31 41.79 -26.82
C VAL A 780 11.76 43.09 -26.24
N PRO A 781 12.45 44.24 -26.50
CA PRO A 781 11.98 45.56 -26.01
C PRO A 781 10.76 46.15 -26.74
N ARG A 782 9.72 45.33 -26.96
CA ARG A 782 8.55 45.66 -27.76
C ARG A 782 8.82 45.52 -29.24
N ARG A 783 10.10 45.46 -29.59
CA ARG A 783 10.55 45.41 -30.98
C ARG A 783 11.88 44.69 -31.09
N LYS A 784 11.98 43.82 -32.09
CA LYS A 784 13.24 43.20 -32.49
C LYS A 784 13.11 42.52 -33.85
N GLN A 785 14.25 42.19 -34.42
CA GLN A 785 14.31 41.60 -35.71
C GLN A 785 15.63 40.89 -35.77
N LEU A 786 15.73 39.85 -36.61
CA LEU A 786 16.96 39.05 -36.71
C LEU A 786 17.00 38.17 -37.97
N GLN A 787 18.06 38.31 -38.78
CA GLN A 787 18.15 37.57 -40.06
C GLN A 787 18.95 36.29 -39.94
N PHE A 788 18.58 35.31 -40.77
CA PHE A 788 19.12 33.93 -40.76
C PHE A 788 18.68 33.19 -42.01
N ALA A 789 19.58 32.39 -42.60
CA ALA A 789 19.29 31.73 -43.88
C ALA A 789 18.66 30.36 -43.72
N LEU A 790 17.39 30.26 -44.09
CA LEU A 790 16.61 29.08 -43.78
C LEU A 790 16.97 27.86 -44.61
N PRO A 791 17.05 26.71 -43.94
CA PRO A 791 17.76 25.52 -44.38
C PRO A 791 17.27 24.86 -45.65
N ASP A 792 18.25 24.29 -46.33
CA ASP A 792 18.12 23.67 -47.63
C ASP A 792 17.30 22.41 -47.56
N SER A 793 15.99 22.56 -47.74
CA SER A 793 15.05 21.49 -47.48
C SER A 793 13.65 21.89 -47.96
N LEU A 794 13.08 21.08 -48.84
CA LEU A 794 11.71 21.35 -49.35
C LEU A 794 10.60 20.81 -48.45
N THR A 795 10.06 21.67 -47.60
CA THR A 795 9.05 21.27 -46.61
C THR A 795 8.36 22.52 -46.21
N THR A 796 7.40 22.44 -45.30
CA THR A 796 6.94 23.66 -44.72
C THR A 796 7.61 23.79 -43.37
N TRP A 797 8.29 24.90 -43.15
CA TRP A 797 8.79 25.20 -41.82
C TRP A 797 7.71 25.85 -40.99
N GLU A 798 7.37 25.24 -39.87
CA GLU A 798 6.37 25.78 -38.97
C GLU A 798 7.05 26.32 -37.71
N ILE A 799 7.04 27.63 -37.57
CA ILE A 799 7.90 28.27 -36.58
C ILE A 799 7.06 29.00 -35.53
N GLN A 800 7.02 28.47 -34.32
CA GLN A 800 6.22 29.09 -33.24
C GLN A 800 7.00 29.89 -32.20
N GLY A 801 6.48 31.08 -31.93
CA GLY A 801 7.03 31.97 -30.95
C GLY A 801 6.04 32.17 -29.85
N ILE A 802 6.54 32.08 -28.63
CA ILE A 802 5.77 32.27 -27.43
C ILE A 802 6.58 33.21 -26.54
N GLY A 803 5.89 34.19 -25.97
CA GLY A 803 6.53 35.14 -25.06
C GLY A 803 5.85 35.29 -23.70
N ILE A 804 6.67 35.31 -22.65
CA ILE A 804 6.23 35.56 -21.27
C ILE A 804 6.72 36.93 -20.78
N SER A 805 5.90 37.57 -19.94
CA SER A 805 6.09 38.97 -19.54
C SER A 805 5.37 39.28 -18.24
N ASN A 806 5.74 40.39 -17.58
CA ASN A 806 5.04 40.88 -16.37
C ASN A 806 3.60 40.43 -16.32
N THR A 807 2.90 40.66 -17.43
CA THR A 807 1.49 40.32 -17.59
C THR A 807 1.29 38.82 -17.43
N GLY A 808 2.12 38.05 -18.11
CA GLY A 808 2.04 36.60 -18.05
C GLY A 808 2.54 36.01 -19.35
N ILE A 809 1.98 34.85 -19.69
CA ILE A 809 2.34 34.10 -20.89
C ILE A 809 1.47 34.53 -22.07
N CYS A 810 1.96 34.32 -23.28
CA CYS A 810 1.19 34.48 -24.53
C CYS A 810 1.88 33.76 -25.69
N VAL A 811 1.19 32.80 -26.26
CA VAL A 811 1.69 32.10 -27.43
C VAL A 811 1.12 32.77 -28.62
N ALA A 812 1.96 32.92 -29.65
CA ALA A 812 1.58 33.58 -30.89
C ALA A 812 0.92 32.63 -31.85
N ASP A 813 0.34 33.20 -32.90
CA ASP A 813 -0.04 32.42 -34.05
C ASP A 813 1.24 31.92 -34.70
N THR A 814 1.26 30.61 -34.89
CA THR A 814 2.38 29.96 -35.49
C THR A 814 2.56 30.49 -36.90
N VAL A 815 3.81 30.58 -37.35
CA VAL A 815 4.10 31.06 -38.70
C VAL A 815 4.45 29.91 -39.66
N LYS A 816 3.63 29.68 -40.69
CA LYS A 816 4.00 28.74 -41.72
C LYS A 816 4.97 29.43 -42.66
N ALA A 817 5.96 28.71 -43.16
CA ALA A 817 6.88 29.25 -44.15
C ALA A 817 7.42 28.19 -45.10
N LYS A 818 6.64 27.84 -46.13
CA LYS A 818 7.03 26.79 -47.08
C LYS A 818 8.17 27.23 -47.99
N VAL A 819 9.27 26.49 -47.93
CA VAL A 819 10.40 26.71 -48.83
C VAL A 819 10.36 25.66 -49.93
N PHE A 820 10.64 26.13 -51.14
CA PHE A 820 10.27 25.40 -52.35
C PHE A 820 11.09 25.82 -53.56
N LYS A 821 11.52 24.84 -54.32
CA LYS A 821 12.37 25.02 -55.49
C LYS A 821 11.51 24.61 -56.66
N ASP A 822 11.86 25.01 -57.89
CA ASP A 822 11.09 24.58 -59.09
C ASP A 822 11.44 23.16 -59.56
N VAL A 823 12.63 22.97 -60.12
CA VAL A 823 13.16 21.64 -60.41
C VAL A 823 14.14 21.17 -59.32
N PHE A 824 13.91 19.95 -58.82
CA PHE A 824 14.69 19.36 -57.72
C PHE A 824 14.61 17.83 -57.61
N LEU A 825 15.61 17.26 -56.92
CA LEU A 825 15.66 15.83 -56.57
C LEU A 825 15.65 15.55 -55.05
N GLU A 826 14.78 14.65 -54.59
CA GLU A 826 14.87 14.11 -53.22
C GLU A 826 14.75 12.58 -53.13
N MET A 827 15.76 11.95 -52.53
CA MET A 827 15.88 10.48 -52.41
C MET A 827 15.11 9.91 -51.21
N ASN A 828 14.41 8.78 -51.40
CA ASN A 828 13.80 7.98 -50.31
C ASN A 828 14.83 7.12 -49.53
N ILE A 829 15.51 7.68 -48.52
CA ILE A 829 16.61 7.02 -47.75
C ILE A 829 16.12 6.42 -46.46
N PRO A 830 16.35 5.09 -46.25
CA PRO A 830 15.96 4.40 -45.02
C PRO A 830 16.75 4.89 -43.83
N TYR A 831 16.13 4.78 -42.66
CA TYR A 831 16.71 5.19 -41.42
C TYR A 831 18.09 4.58 -41.29
N SER A 832 18.16 3.27 -41.46
CA SER A 832 19.40 2.55 -41.42
C SER A 832 19.30 1.31 -42.26
N VAL A 833 20.44 0.93 -42.80
CA VAL A 833 20.57 -0.24 -43.65
C VAL A 833 21.63 -1.15 -43.04
N VAL A 834 21.46 -2.45 -43.26
CA VAL A 834 22.37 -3.44 -42.76
C VAL A 834 23.45 -3.78 -43.77
N ARG A 835 24.70 -3.57 -43.36
CA ARG A 835 25.87 -4.04 -44.10
C ARG A 835 25.75 -5.55 -44.39
N GLY A 836 26.05 -5.94 -45.63
CA GLY A 836 25.92 -7.34 -46.02
C GLY A 836 25.02 -7.54 -47.22
N GLU A 837 23.71 -7.50 -47.00
CA GLU A 837 22.80 -7.63 -48.14
C GLU A 837 22.80 -6.38 -48.99
N GLN A 838 22.69 -6.59 -50.29
CA GLN A 838 22.54 -5.51 -51.24
C GLN A 838 21.18 -4.85 -51.17
N ILE A 839 21.17 -3.51 -51.16
CA ILE A 839 19.94 -2.75 -51.06
C ILE A 839 19.65 -1.98 -52.34
N GLN A 840 18.37 -1.71 -52.59
CA GLN A 840 17.98 -0.85 -53.69
C GLN A 840 17.45 0.49 -53.20
N LEU A 841 18.20 1.53 -53.49
CA LEU A 841 17.86 2.89 -53.06
C LEU A 841 16.95 3.63 -54.02
N LYS A 842 15.86 4.13 -53.48
CA LYS A 842 14.86 4.80 -54.29
C LYS A 842 14.98 6.33 -54.27
N GLY A 843 14.17 7.04 -55.07
CA GLY A 843 14.17 8.51 -55.08
C GLY A 843 13.77 9.13 -56.41
N THR A 844 13.03 10.24 -56.35
CA THR A 844 12.45 10.81 -57.56
C THR A 844 12.83 12.26 -57.81
N VAL A 845 13.04 12.59 -59.09
CA VAL A 845 13.25 13.97 -59.58
C VAL A 845 11.89 14.62 -59.86
N TYR A 846 11.75 15.87 -59.44
CA TYR A 846 10.49 16.57 -59.54
C TYR A 846 10.59 17.77 -60.49
N ASN A 847 9.91 17.70 -61.63
CA ASN A 847 9.91 18.77 -62.62
C ASN A 847 8.60 19.52 -62.62
N TYR A 848 8.64 20.74 -62.10
CA TYR A 848 7.45 21.57 -61.96
C TYR A 848 7.35 22.64 -63.07
N ARG A 849 8.40 22.73 -63.89
CA ARG A 849 8.46 23.68 -65.01
C ARG A 849 7.46 23.34 -66.10
N THR A 850 6.90 24.38 -66.75
CA THR A 850 5.88 24.21 -67.80
C THR A 850 6.32 23.56 -69.15
N SER A 851 7.63 23.50 -69.40
CA SER A 851 8.18 22.71 -70.53
C SER A 851 8.83 21.43 -69.97
N GLY A 852 9.19 20.49 -70.85
CA GLY A 852 9.98 19.32 -70.43
C GLY A 852 11.50 19.53 -70.28
N MET A 853 12.24 18.44 -70.06
CA MET A 853 13.71 18.46 -70.05
C MET A 853 14.40 17.09 -70.17
N GLN A 854 15.69 17.12 -70.52
CA GLN A 854 16.61 15.95 -70.48
C GLN A 854 17.53 16.14 -69.28
N PHE A 855 17.64 15.12 -68.43
CA PHE A 855 18.42 15.23 -67.20
C PHE A 855 19.47 14.13 -67.03
N CYS A 856 20.20 14.15 -65.90
CA CYS A 856 21.21 13.11 -65.61
C CYS A 856 21.66 13.01 -64.16
N VAL A 857 21.11 12.04 -63.42
CA VAL A 857 21.53 11.76 -62.04
C VAL A 857 22.72 10.83 -61.99
N LYS A 858 23.56 11.06 -60.99
CA LYS A 858 24.78 10.27 -60.77
C LYS A 858 25.16 10.35 -59.30
N MET A 859 25.54 9.21 -58.75
CA MET A 859 25.83 9.16 -57.35
C MET A 859 27.33 9.30 -57.05
N SER A 860 27.65 9.94 -55.94
CA SER A 860 29.02 9.98 -55.44
C SER A 860 29.17 9.03 -54.23
N ALA A 861 29.82 7.89 -54.42
CA ALA A 861 29.98 6.92 -53.30
C ALA A 861 31.18 7.28 -52.43
N VAL A 862 31.12 6.95 -51.13
CA VAL A 862 32.30 7.08 -50.24
C VAL A 862 33.11 5.79 -50.23
N GLU A 863 34.24 5.78 -49.49
CA GLU A 863 35.20 4.69 -49.52
C GLU A 863 34.61 3.34 -49.17
N GLY A 864 33.62 3.32 -48.29
CA GLY A 864 33.03 2.06 -47.84
C GLY A 864 31.67 1.67 -48.40
N ILE A 865 31.30 2.26 -49.52
CA ILE A 865 30.00 1.98 -50.12
C ILE A 865 30.10 1.73 -51.63
N CYS A 866 29.34 0.74 -52.11
CA CYS A 866 29.43 0.23 -53.49
C CYS A 866 28.42 0.82 -54.47
N THR A 867 28.64 0.57 -55.76
CA THR A 867 27.78 1.08 -56.85
C THR A 867 27.89 0.17 -58.08
N SER A 868 26.96 0.33 -59.03
CA SER A 868 26.87 -0.56 -60.19
C SER A 868 28.09 -0.59 -61.14
N GLU A 869 28.55 0.57 -61.59
CA GLU A 869 29.59 0.63 -62.63
C GLU A 869 30.66 1.72 -62.45
N SER A 870 31.82 1.50 -63.07
CA SER A 870 32.89 2.49 -63.22
C SER A 870 34.26 1.83 -63.06
N LYS A 882 29.25 7.37 -64.82
CA LYS A 882 28.97 7.79 -66.19
C LYS A 882 27.97 8.97 -66.20
N CYS A 883 26.94 8.87 -67.04
CA CYS A 883 25.84 9.83 -67.11
C CYS A 883 24.71 9.24 -67.95
N VAL A 884 23.60 8.93 -67.29
CA VAL A 884 22.53 8.11 -67.87
C VAL A 884 21.38 8.94 -68.41
N ARG A 885 21.61 9.72 -69.46
CA ARG A 885 20.66 10.81 -69.77
C ARG A 885 19.24 10.40 -70.23
N GLN A 886 18.29 10.76 -69.39
CA GLN A 886 16.87 10.45 -69.55
C GLN A 886 16.09 11.71 -69.94
N LYS A 887 14.76 11.67 -69.82
CA LYS A 887 13.83 12.68 -70.40
C LYS A 887 12.54 12.84 -69.57
N VAL A 888 12.40 13.94 -68.87
CA VAL A 888 11.20 14.16 -68.07
C VAL A 888 10.24 15.14 -68.70
N GLU A 889 8.98 14.73 -68.81
CA GLU A 889 7.92 15.59 -69.34
C GLU A 889 7.64 16.84 -68.46
N GLY A 890 7.12 17.88 -69.10
CA GLY A 890 6.60 19.05 -68.40
C GLY A 890 5.62 18.71 -67.27
N SER A 891 5.94 19.20 -66.07
CA SER A 891 5.09 19.02 -64.89
C SER A 891 4.85 17.56 -64.54
N SER A 892 5.94 16.87 -64.18
CA SER A 892 5.91 15.46 -63.80
C SER A 892 6.98 15.07 -62.76
N SER A 893 7.53 13.86 -62.94
CA SER A 893 8.47 13.19 -62.04
C SER A 893 9.07 11.95 -62.73
N HIS A 894 10.26 11.47 -62.32
CA HIS A 894 10.83 10.23 -62.90
C HIS A 894 11.48 9.39 -61.83
N LEU A 895 10.92 8.20 -61.61
CA LEU A 895 11.50 7.25 -60.66
C LEU A 895 12.95 6.93 -61.02
N VAL A 896 13.88 7.31 -60.16
CA VAL A 896 15.25 6.93 -60.37
C VAL A 896 15.74 6.11 -59.21
N THR A 897 16.57 5.12 -59.52
CA THR A 897 17.07 4.24 -58.50
C THR A 897 18.52 3.91 -58.76
N PHE A 898 19.21 3.55 -57.68
CA PHE A 898 20.58 3.05 -57.75
C PHE A 898 20.64 1.85 -56.83
N THR A 899 21.53 0.91 -57.15
CA THR A 899 21.69 -0.28 -56.34
C THR A 899 23.10 -0.30 -55.74
N VAL A 900 23.16 -0.15 -54.41
CA VAL A 900 24.42 -0.12 -53.66
C VAL A 900 24.52 -1.30 -52.72
N LEU A 901 25.72 -1.49 -52.18
CA LEU A 901 25.92 -2.50 -51.17
C LEU A 901 26.93 -2.06 -50.13
N PRO A 902 26.51 -1.97 -48.85
CA PRO A 902 27.33 -1.43 -47.77
C PRO A 902 28.36 -2.43 -47.19
N LEU A 903 29.58 -1.96 -46.95
CA LEU A 903 30.63 -2.81 -46.34
C LEU A 903 31.21 -2.30 -45.03
N GLU A 904 31.34 -0.98 -44.93
CA GLU A 904 31.83 -0.42 -43.70
C GLU A 904 30.70 0.12 -42.89
N ILE A 905 30.69 -0.35 -41.66
CA ILE A 905 29.58 -0.22 -40.74
C ILE A 905 29.57 1.16 -40.12
N GLY A 906 28.38 1.69 -39.90
CA GLY A 906 28.19 3.05 -39.41
C GLY A 906 28.49 4.16 -40.42
N LEU A 907 29.22 3.84 -41.49
CA LEU A 907 29.74 4.85 -42.44
C LEU A 907 28.67 5.64 -43.18
N HIS A 908 28.92 6.94 -43.34
CA HIS A 908 27.90 7.83 -43.88
C HIS A 908 28.37 8.50 -45.13
N ASN A 909 27.56 9.46 -45.58
CA ASN A 909 27.84 10.34 -46.73
C ASN A 909 27.66 9.70 -48.11
N ILE A 910 26.53 10.02 -48.72
CA ILE A 910 26.35 9.78 -50.12
C ILE A 910 25.86 11.08 -50.73
N ASN A 911 26.51 11.46 -51.82
CA ASN A 911 26.06 12.57 -52.66
C ASN A 911 25.21 12.13 -53.85
N PHE A 912 24.18 12.92 -54.13
CA PHE A 912 23.46 12.77 -55.36
C PHE A 912 23.53 14.07 -56.15
N SER A 913 23.95 13.92 -57.40
CA SER A 913 24.15 15.05 -58.27
C SER A 913 23.12 14.99 -59.39
N LEU A 914 22.57 16.16 -59.71
CA LEU A 914 21.48 16.29 -60.68
C LEU A 914 21.88 17.23 -61.83
N GLU A 915 21.74 16.75 -63.06
CA GLU A 915 22.05 17.56 -64.26
C GLU A 915 20.83 17.68 -65.16
N THR A 916 20.37 18.92 -65.38
CA THR A 916 19.20 19.17 -66.21
C THR A 916 19.29 20.48 -67.03
N TRP A 917 18.34 20.63 -67.96
CA TRP A 917 17.93 21.91 -68.52
C TRP A 917 17.67 22.90 -67.42
N PHE A 918 18.33 24.05 -67.48
CA PHE A 918 18.12 25.12 -66.49
C PHE A 918 18.12 24.66 -65.02
N GLY A 919 18.99 23.70 -64.71
CA GLY A 919 19.13 23.25 -63.33
C GLY A 919 20.46 22.59 -63.05
N LYS A 920 20.97 22.78 -61.84
CA LYS A 920 22.11 22.00 -61.39
C LYS A 920 22.06 21.88 -59.89
N GLU A 921 21.92 20.63 -59.44
CA GLU A 921 21.58 20.31 -58.05
C GLU A 921 22.51 19.19 -57.56
N ILE A 922 23.08 19.38 -56.38
CA ILE A 922 23.85 18.31 -55.73
C ILE A 922 23.25 17.96 -54.36
N LEU A 923 23.03 16.66 -54.13
CA LEU A 923 22.35 16.21 -52.93
C LEU A 923 23.31 15.62 -51.92
N VAL A 924 23.28 16.15 -50.70
CA VAL A 924 24.16 15.73 -49.63
C VAL A 924 23.42 14.90 -48.60
N LYS A 925 23.54 13.60 -48.74
CA LYS A 925 22.78 12.73 -47.89
C LYS A 925 23.77 11.97 -47.03
N THR A 926 23.28 11.06 -46.17
CA THR A 926 24.18 10.47 -45.16
C THR A 926 23.81 9.06 -44.74
N LEU A 927 23.70 8.14 -45.69
CA LEU A 927 23.37 6.74 -45.36
C LEU A 927 24.07 6.21 -44.09
N ARG A 928 23.38 5.33 -43.37
CA ARG A 928 23.73 4.90 -42.00
C ARG A 928 23.73 3.38 -42.04
N VAL A 929 24.69 2.72 -41.39
CA VAL A 929 24.74 1.29 -41.62
C VAL A 929 24.94 0.43 -40.38
N VAL A 930 24.26 -0.71 -40.37
CA VAL A 930 24.35 -1.62 -39.24
C VAL A 930 24.82 -3.05 -39.61
N PRO A 931 25.28 -3.79 -38.58
CA PRO A 931 25.80 -5.15 -38.55
C PRO A 931 24.78 -6.29 -38.56
N GLU A 932 25.14 -7.35 -39.28
CA GLU A 932 24.33 -8.58 -39.36
C GLU A 932 24.01 -9.25 -38.00
N GLY A 933 23.34 -10.41 -38.07
CA GLY A 933 23.07 -11.23 -36.91
C GLY A 933 22.08 -10.69 -35.88
N VAL A 934 22.38 -10.97 -34.62
CA VAL A 934 21.49 -10.72 -33.48
C VAL A 934 21.99 -9.53 -32.67
N LYS A 935 21.21 -9.14 -31.67
CA LYS A 935 21.58 -8.07 -30.77
C LYS A 935 21.34 -8.52 -29.33
N ARG A 936 22.15 -9.46 -28.85
CA ARG A 936 22.06 -9.98 -27.47
C ARG A 936 22.36 -8.93 -26.40
N GLU A 937 21.58 -8.95 -25.32
CA GLU A 937 21.76 -8.01 -24.23
C GLU A 937 21.95 -8.80 -22.93
N SER A 938 22.96 -8.39 -22.18
CA SER A 938 23.33 -9.07 -20.94
C SER A 938 23.73 -8.06 -19.88
N TYR A 939 23.25 -8.28 -18.67
CA TYR A 939 23.53 -7.37 -17.59
C TYR A 939 23.87 -8.09 -16.30
N SER A 940 24.64 -7.41 -15.44
CA SER A 940 24.89 -7.82 -14.05
C SER A 940 24.67 -6.66 -13.10
N GLY A 941 25.04 -6.84 -11.83
CA GLY A 941 24.92 -5.76 -10.87
C GLY A 941 25.53 -6.02 -9.52
N VAL A 942 25.48 -4.99 -8.68
CA VAL A 942 25.92 -5.04 -7.28
C VAL A 942 24.96 -4.25 -6.42
N THR A 943 25.03 -4.51 -5.13
CA THR A 943 24.48 -3.54 -4.22
C THR A 943 25.65 -3.04 -3.37
N LEU A 944 25.90 -1.73 -3.43
CA LEU A 944 26.90 -1.08 -2.58
C LEU A 944 26.33 -0.87 -1.21
N ASP A 945 27.01 -1.44 -0.23
CA ASP A 945 26.49 -1.48 1.10
C ASP A 945 27.66 -1.33 2.02
N PRO A 946 28.07 -0.08 2.25
CA PRO A 946 29.31 0.16 2.97
C PRO A 946 29.13 -0.19 4.45
N ARG A 947 27.91 -0.11 4.93
CA ARG A 947 27.68 -0.20 6.35
C ARG A 947 27.30 -1.64 6.76
N GLY A 948 27.53 -2.60 5.87
CA GLY A 948 27.22 -4.02 6.14
C GLY A 948 25.80 -4.23 6.67
N ILE A 949 24.89 -3.33 6.26
CA ILE A 949 23.48 -3.36 6.62
C ILE A 949 22.98 -4.76 6.41
N TYR A 950 23.28 -5.29 5.24
CA TYR A 950 22.85 -6.61 4.94
C TYR A 950 23.59 -7.75 5.68
N GLY A 951 24.74 -7.43 6.31
CA GLY A 951 25.50 -8.40 7.12
C GLY A 951 26.89 -8.63 6.58
N THR A 952 27.14 -8.00 5.45
CA THR A 952 28.39 -8.13 4.75
C THR A 952 28.54 -6.79 4.06
N ILE A 953 29.75 -6.27 4.17
CA ILE A 953 30.09 -4.93 3.73
C ILE A 953 30.51 -5.00 2.25
N SER A 954 29.99 -4.08 1.42
CA SER A 954 30.26 -4.11 -0.02
C SER A 954 30.75 -2.77 -0.55
N ARG A 955 31.95 -2.81 -1.15
CA ARG A 955 32.62 -1.61 -1.65
C ARG A 955 33.15 -1.69 -3.07
N ARG A 956 33.12 -2.88 -3.65
CA ARG A 956 33.73 -3.08 -4.93
C ARG A 956 33.11 -4.26 -5.62
N LYS A 957 32.71 -4.08 -6.86
CA LYS A 957 32.69 -5.24 -7.72
C LYS A 957 33.61 -4.99 -8.89
N GLU A 958 34.02 -6.08 -9.47
CA GLU A 958 34.87 -6.06 -10.61
C GLU A 958 34.13 -6.78 -11.73
N PHE A 959 33.76 -6.01 -12.73
CA PHE A 959 33.16 -6.59 -13.92
C PHE A 959 34.25 -6.67 -15.00
N PRO A 960 34.66 -7.90 -15.34
CA PRO A 960 35.79 -8.12 -16.26
C PRO A 960 35.35 -8.03 -17.72
N TYR A 961 36.20 -7.51 -18.59
CA TYR A 961 35.90 -7.47 -20.03
C TYR A 961 35.97 -8.91 -20.54
N ARG A 962 34.91 -9.34 -21.21
CA ARG A 962 34.89 -10.70 -21.70
C ARG A 962 34.24 -10.74 -23.05
N ILE A 963 34.93 -11.38 -23.98
CA ILE A 963 34.54 -11.42 -25.36
C ILE A 963 34.19 -12.84 -25.75
N PRO A 964 32.97 -13.04 -26.25
CA PRO A 964 32.52 -14.35 -26.69
C PRO A 964 32.85 -14.50 -28.16
N LEU A 965 33.49 -15.60 -28.57
CA LEU A 965 33.81 -15.73 -30.00
C LEU A 965 32.69 -16.39 -30.80
N ASP A 966 31.66 -15.60 -31.03
CA ASP A 966 30.58 -15.98 -31.89
C ASP A 966 30.29 -14.66 -32.53
N LEU A 967 30.95 -13.66 -31.97
CA LEU A 967 30.87 -12.27 -32.35
C LEU A 967 30.89 -12.06 -33.85
N VAL A 968 29.99 -11.20 -34.31
CA VAL A 968 29.98 -10.71 -35.68
C VAL A 968 31.22 -9.89 -35.92
N PRO A 969 31.90 -10.15 -37.05
CA PRO A 969 33.22 -9.56 -37.29
C PRO A 969 33.19 -8.03 -37.26
N LYS A 970 34.27 -7.43 -36.78
CA LYS A 970 34.41 -5.96 -36.77
C LYS A 970 33.31 -5.22 -35.99
N THR A 971 32.90 -5.76 -34.84
CA THR A 971 31.90 -5.08 -34.00
C THR A 971 32.39 -4.86 -32.58
N GLU A 972 32.07 -3.70 -32.00
CA GLU A 972 32.45 -3.43 -30.61
C GLU A 972 31.52 -4.16 -29.67
N ILE A 973 32.02 -4.43 -28.46
CA ILE A 973 31.17 -4.80 -27.36
C ILE A 973 30.91 -3.58 -26.52
N LYS A 974 29.64 -3.19 -26.43
CA LYS A 974 29.23 -2.08 -25.59
C LYS A 974 28.87 -2.53 -24.19
N ARG A 975 28.91 -1.58 -23.26
CA ARG A 975 28.20 -1.73 -21.98
C ARG A 975 27.84 -0.36 -21.42
N ILE A 976 26.84 -0.36 -20.55
CA ILE A 976 26.41 0.87 -19.92
C ILE A 976 26.30 0.69 -18.40
N LEU A 977 26.83 1.68 -17.68
CA LEU A 977 26.78 1.74 -16.24
C LEU A 977 25.64 2.62 -15.82
N SER A 978 24.63 1.98 -15.27
CA SER A 978 23.51 2.67 -14.72
C SER A 978 23.62 2.46 -13.23
N VAL A 979 23.55 3.56 -12.47
CA VAL A 979 23.44 3.42 -11.03
C VAL A 979 22.31 4.29 -10.54
N LYS A 980 21.44 3.62 -9.74
CA LYS A 980 20.21 4.12 -9.13
C LYS A 980 20.37 4.08 -7.62
N GLY A 981 20.65 5.23 -7.01
CA GLY A 981 20.70 5.30 -5.56
C GLY A 981 19.38 4.74 -5.08
N LEU A 982 19.43 3.86 -4.10
CA LEU A 982 18.22 3.33 -3.50
C LEU A 982 17.91 4.05 -2.19
N LEU A 983 17.06 5.08 -2.25
CA LEU A 983 16.64 5.78 -1.05
C LEU A 983 15.31 5.27 -0.57
N VAL A 984 15.22 5.07 0.73
CA VAL A 984 13.97 4.64 1.26
C VAL A 984 13.60 5.41 2.53
N GLY A 985 12.33 5.30 2.85
CA GLY A 985 11.82 5.70 4.13
C GLY A 985 10.82 6.84 4.12
N GLU A 986 9.77 6.64 4.90
CA GLU A 986 9.10 7.74 5.55
C GLU A 986 9.58 7.70 7.03
N ILE A 987 10.30 8.72 7.47
CA ILE A 987 10.83 8.73 8.84
C ILE A 987 9.68 9.05 9.80
N LEU A 988 9.70 8.41 10.96
CA LEU A 988 8.62 8.54 11.96
C LEU A 988 9.28 8.92 13.25
N SER A 989 8.58 9.71 14.06
CA SER A 989 9.13 10.14 15.34
C SER A 989 8.84 9.16 16.50
N ALA A 990 9.92 8.79 17.19
CA ALA A 990 9.83 7.85 18.27
C ALA A 990 10.79 8.41 19.28
N VAL A 991 10.29 9.28 20.12
CA VAL A 991 11.18 9.83 21.13
C VAL A 991 10.73 9.39 22.51
N LEU A 992 11.11 10.16 23.54
CA LEU A 992 10.57 10.04 24.90
C LEU A 992 10.21 11.39 25.51
N SER A 993 9.09 11.43 26.23
CA SER A 993 8.72 12.60 27.01
C SER A 993 9.88 12.95 27.91
N GLN A 994 10.10 14.25 28.12
CA GLN A 994 11.15 14.66 29.02
C GLN A 994 10.93 14.00 30.37
N GLU A 995 9.67 13.79 30.77
CA GLU A 995 9.37 13.26 32.10
C GLU A 995 9.73 11.82 32.16
N GLY A 996 9.21 11.10 31.18
CA GLY A 996 9.23 9.65 31.25
C GLY A 996 10.59 9.29 31.78
N ILE A 997 11.61 9.63 31.02
CA ILE A 997 12.96 9.34 31.42
C ILE A 997 13.17 9.66 32.89
N ASN A 998 12.71 10.86 33.30
CA ASN A 998 12.80 11.34 34.68
C ASN A 998 12.31 10.31 35.62
N ILE A 999 11.12 9.76 35.30
CA ILE A 999 10.72 8.77 36.27
C ILE A 999 11.75 7.64 36.29
N LEU A 1000 11.99 7.03 35.11
CA LEU A 1000 12.84 5.84 35.01
C LEU A 1000 14.15 5.98 35.79
N THR A 1001 14.85 7.08 35.54
CA THR A 1001 16.10 7.37 36.23
C THR A 1001 15.93 7.51 37.75
N HIS A 1002 14.87 8.19 38.19
CA HIS A 1002 14.66 8.41 39.63
C HIS A 1002 14.33 7.17 40.37
N LEU A 1003 13.46 6.34 39.81
CA LEU A 1003 13.00 5.10 40.45
C LEU A 1003 12.06 5.36 41.66
N PRO A 1004 11.58 4.29 42.29
CA PRO A 1004 10.99 4.27 43.63
C PRO A 1004 11.78 3.35 44.56
N LYS A 1005 11.72 3.59 45.86
CA LYS A 1005 12.60 2.85 46.75
C LYS A 1005 11.92 2.25 48.00
N GLY A 1006 12.58 1.26 48.61
CA GLY A 1006 12.07 0.60 49.82
C GLY A 1006 12.24 -0.91 49.88
N SER A 1007 11.34 -1.64 49.19
CA SER A 1007 11.36 -3.12 49.19
C SER A 1007 12.56 -3.66 48.40
N ALA A 1008 13.25 -4.64 48.98
CA ALA A 1008 14.31 -5.34 48.25
C ALA A 1008 13.64 -5.90 47.02
N GLU A 1009 12.44 -6.42 47.23
CA GLU A 1009 11.62 -6.92 46.14
C GLU A 1009 11.58 -5.90 45.01
N ALA A 1010 11.61 -6.41 43.79
CA ALA A 1010 11.67 -5.56 42.60
C ALA A 1010 12.76 -4.47 42.72
N GLU A 1011 13.71 -4.67 43.63
CA GLU A 1011 14.83 -3.76 43.76
C GLU A 1011 15.56 -3.66 42.43
N LEU A 1012 15.92 -4.83 41.90
CA LEU A 1012 16.59 -4.98 40.62
C LEU A 1012 15.73 -4.36 39.53
N MET A 1013 14.45 -4.72 39.58
CA MET A 1013 13.47 -4.22 38.66
C MET A 1013 13.54 -2.71 38.77
N SER A 1014 13.90 -2.25 39.96
CA SER A 1014 14.06 -0.84 40.22
C SER A 1014 15.09 -0.22 39.31
N VAL A 1015 16.16 -0.96 39.03
CA VAL A 1015 17.34 -0.37 38.40
C VAL A 1015 17.61 -0.72 36.95
N VAL A 1016 16.93 -1.71 36.38
CA VAL A 1016 17.25 -2.11 35.02
C VAL A 1016 17.06 -1.00 33.99
N PRO A 1017 15.89 -0.34 34.02
CA PRO A 1017 15.56 0.69 33.05
C PRO A 1017 16.65 1.72 32.80
N VAL A 1018 17.32 2.22 33.84
CA VAL A 1018 18.36 3.25 33.63
C VAL A 1018 19.34 2.86 32.53
N PHE A 1019 19.81 1.62 32.56
CA PHE A 1019 20.67 1.08 31.51
C PHE A 1019 20.14 1.23 30.09
N TYR A 1020 18.86 0.98 29.92
CA TYR A 1020 18.23 1.13 28.63
C TYR A 1020 18.02 2.58 28.26
N VAL A 1021 17.49 3.36 29.19
CA VAL A 1021 17.39 4.78 28.97
C VAL A 1021 18.75 5.44 28.71
N PHE A 1022 19.84 4.80 29.13
CA PHE A 1022 21.18 5.26 28.74
C PHE A 1022 21.56 4.81 27.33
N HIS A 1023 21.34 3.53 27.02
CA HIS A 1023 21.70 2.97 25.69
C HIS A 1023 20.99 3.73 24.63
N TYR A 1024 19.70 3.95 24.82
CA TYR A 1024 18.92 4.74 23.89
C TYR A 1024 19.36 6.20 23.87
N LEU A 1025 19.54 6.80 25.04
CA LEU A 1025 20.02 8.19 25.10
C LEU A 1025 21.42 8.44 24.52
N GLU A 1026 22.35 7.52 24.70
CA GLU A 1026 23.70 7.72 24.13
C GLU A 1026 23.77 7.27 22.70
N THR A 1027 23.46 6.00 22.43
CA THR A 1027 23.59 5.40 21.07
C THR A 1027 22.79 6.16 20.01
N GLY A 1028 21.47 6.31 20.19
CA GLY A 1028 20.73 7.36 19.47
C GLY A 1028 21.07 8.62 20.23
N ASN A 1029 21.83 9.54 19.63
CA ASN A 1029 22.27 10.72 20.41
C ASN A 1029 21.06 11.58 20.67
N HIS A 1030 20.90 11.94 21.93
CA HIS A 1030 19.70 12.61 22.42
C HIS A 1030 19.95 13.21 23.78
N TRP A 1031 21.23 13.31 24.14
CA TRP A 1031 21.66 14.07 25.33
C TRP A 1031 21.07 15.45 25.34
N ASN A 1032 20.62 15.87 24.17
CA ASN A 1032 20.19 17.24 23.91
C ASN A 1032 18.83 17.59 24.47
N ILE A 1033 17.99 16.58 24.69
CA ILE A 1033 16.60 16.73 25.11
C ILE A 1033 16.49 17.58 26.38
N PHE A 1034 17.40 17.41 27.33
CA PHE A 1034 17.32 17.95 28.70
C PHE A 1034 16.91 19.42 28.97
N HIS A 1035 17.49 20.37 28.22
CA HIS A 1035 17.33 21.84 28.40
C HIS A 1035 18.27 22.42 29.41
N SER A 1036 18.80 21.58 30.30
CA SER A 1036 19.90 21.98 31.17
C SER A 1036 21.24 21.65 30.48
N ASP A 1037 22.27 21.37 31.27
CA ASP A 1037 23.58 21.01 30.73
C ASP A 1037 23.69 19.51 30.42
N PRO A 1038 23.63 19.15 29.11
CA PRO A 1038 23.70 17.77 28.65
C PRO A 1038 25.00 17.02 29.03
N LEU A 1039 26.15 17.70 28.96
CA LEU A 1039 27.46 17.10 29.26
C LEU A 1039 27.58 16.51 30.69
N ILE A 1040 27.18 17.30 31.70
CA ILE A 1040 27.24 16.81 33.08
C ILE A 1040 26.09 15.86 33.38
N GLU A 1041 24.93 16.13 32.79
CA GLU A 1041 23.77 15.23 32.89
C GLU A 1041 24.11 13.79 32.47
N LYS A 1042 24.95 13.67 31.43
CA LYS A 1042 25.48 12.39 30.94
C LYS A 1042 26.27 11.70 32.04
N GLN A 1043 27.12 12.48 32.70
CA GLN A 1043 27.89 11.95 33.79
C GLN A 1043 27.03 11.65 35.04
N LYS A 1044 25.94 12.40 35.26
CA LYS A 1044 25.01 12.14 36.39
C LYS A 1044 24.36 10.76 36.29
N LEU A 1045 23.99 10.40 35.07
CA LEU A 1045 23.43 9.07 34.79
C LEU A 1045 24.49 7.98 34.96
N LYS A 1046 25.71 8.26 34.51
CA LYS A 1046 26.82 7.35 34.70
C LYS A 1046 27.02 6.96 36.17
N LYS A 1047 26.97 7.96 37.07
CA LYS A 1047 27.06 7.75 38.53
C LYS A 1047 25.96 6.78 38.98
N LYS A 1048 24.74 7.04 38.52
CA LYS A 1048 23.60 6.21 38.82
C LYS A 1048 23.76 4.81 38.20
N LEU A 1049 24.36 4.79 37.01
CA LEU A 1049 24.60 3.56 36.27
C LEU A 1049 25.62 2.61 36.90
N LYS A 1050 26.70 3.15 37.47
CA LYS A 1050 27.64 2.27 38.17
C LYS A 1050 27.15 1.81 39.55
N GLU A 1051 26.51 2.73 40.31
CA GLU A 1051 25.78 2.37 41.55
C GLU A 1051 24.87 1.16 41.26
N GLY A 1052 23.95 1.37 40.32
CA GLY A 1052 23.04 0.33 39.85
C GLY A 1052 23.66 -0.96 39.35
N MET A 1053 24.89 -0.89 38.82
CA MET A 1053 25.67 -2.02 38.27
C MET A 1053 26.08 -3.03 39.33
N LEU A 1054 26.50 -2.50 40.47
CA LEU A 1054 26.89 -3.36 41.55
C LEU A 1054 25.61 -3.80 42.27
N SER A 1055 24.58 -2.96 42.20
CA SER A 1055 23.27 -3.25 42.78
C SER A 1055 22.75 -4.60 42.31
N ILE A 1056 22.96 -4.90 41.02
CA ILE A 1056 22.52 -6.19 40.46
C ILE A 1056 23.36 -7.35 41.01
N MET A 1057 24.64 -7.07 41.23
CA MET A 1057 25.58 -8.07 41.69
C MET A 1057 25.12 -8.71 43.01
N SER A 1058 24.27 -7.98 43.71
CA SER A 1058 23.73 -8.43 44.96
C SER A 1058 23.06 -9.76 44.69
N TYR A 1059 22.45 -9.91 43.52
CA TYR A 1059 21.77 -11.19 43.29
C TYR A 1059 22.62 -12.30 42.66
N ARG A 1060 23.93 -12.09 42.69
CA ARG A 1060 24.89 -13.10 42.26
C ARG A 1060 25.36 -14.06 43.36
N ASN A 1061 25.36 -15.36 43.06
CA ASN A 1061 25.75 -16.43 44.02
C ASN A 1061 27.23 -16.72 44.11
N ALA A 1062 27.51 -17.79 44.84
CA ALA A 1062 28.85 -18.31 45.02
C ALA A 1062 29.46 -18.64 43.68
N ASP A 1063 28.78 -19.52 42.98
CA ASP A 1063 29.26 -20.11 41.73
C ASP A 1063 29.06 -19.19 40.52
N TYR A 1064 28.63 -17.95 40.79
CA TYR A 1064 28.40 -16.88 39.79
C TYR A 1064 27.01 -16.89 39.11
N SER A 1065 26.09 -17.70 39.66
CA SER A 1065 24.72 -17.80 39.19
C SER A 1065 23.82 -16.84 39.96
N TYR A 1066 23.01 -16.09 39.23
CA TYR A 1066 22.13 -15.10 39.83
C TYR A 1066 20.95 -15.68 40.61
N SER A 1067 20.66 -15.05 41.73
CA SER A 1067 19.52 -15.43 42.57
C SER A 1067 18.59 -14.22 43.05
N VAL A 1068 17.48 -14.47 43.72
CA VAL A 1068 16.78 -13.34 44.40
C VAL A 1068 17.32 -13.22 45.84
N TRP A 1069 17.46 -14.37 46.50
CA TRP A 1069 18.09 -14.44 47.80
C TRP A 1069 19.15 -15.50 47.84
N LYS A 1070 20.32 -15.15 48.38
CA LYS A 1070 21.43 -16.10 48.41
C LYS A 1070 20.91 -17.32 49.11
N GLY A 1071 20.25 -17.08 50.23
CA GLY A 1071 19.62 -18.15 50.95
C GLY A 1071 18.64 -18.67 49.92
N GLY A 1072 17.97 -17.72 49.28
CA GLY A 1072 16.98 -17.98 48.24
C GLY A 1072 17.24 -19.20 47.39
N SER A 1073 17.51 -18.99 46.12
CA SER A 1073 17.86 -20.10 45.25
C SER A 1073 18.52 -19.53 44.01
N ALA A 1074 19.29 -20.36 43.33
CA ALA A 1074 19.88 -19.93 42.08
C ALA A 1074 18.81 -20.12 41.04
N SER A 1075 18.58 -19.11 40.21
CA SER A 1075 17.54 -19.21 39.19
C SER A 1075 18.12 -19.14 37.79
N THR A 1076 17.79 -20.12 36.96
CA THR A 1076 18.25 -20.14 35.58
C THR A 1076 17.67 -18.94 34.87
N TRP A 1077 16.43 -18.59 35.20
CA TRP A 1077 15.80 -17.43 34.57
C TRP A 1077 16.56 -16.17 34.79
N LEU A 1078 16.74 -15.76 36.04
CA LEU A 1078 17.40 -14.50 36.29
C LEU A 1078 18.84 -14.44 35.74
N THR A 1079 19.57 -15.56 35.84
CA THR A 1079 20.95 -15.64 35.32
C THR A 1079 21.06 -15.18 33.86
N ALA A 1080 20.20 -15.72 33.01
CA ALA A 1080 20.11 -15.27 31.65
C ALA A 1080 19.77 -13.79 31.59
N PHE A 1081 18.78 -13.36 32.38
CA PHE A 1081 18.33 -11.97 32.35
C PHE A 1081 19.40 -10.99 32.83
N ALA A 1082 20.37 -11.48 33.59
CA ALA A 1082 21.46 -10.61 34.00
C ALA A 1082 22.43 -10.31 32.84
N LEU A 1083 22.85 -11.38 32.18
CA LEU A 1083 23.81 -11.29 31.11
C LEU A 1083 23.26 -10.44 29.98
N ARG A 1084 21.93 -10.47 29.86
CA ARG A 1084 21.19 -9.68 28.89
C ARG A 1084 21.32 -8.17 29.22
N VAL A 1085 21.15 -7.82 30.51
CA VAL A 1085 21.29 -6.42 31.02
C VAL A 1085 22.73 -5.96 30.95
N LEU A 1086 23.63 -6.83 31.39
CA LEU A 1086 25.05 -6.54 31.39
C LEU A 1086 25.59 -6.29 29.98
N GLY A 1087 25.18 -7.14 29.04
CA GLY A 1087 25.72 -7.14 27.67
C GLY A 1087 25.46 -5.83 26.97
N GLN A 1088 24.25 -5.31 27.15
CA GLN A 1088 23.86 -4.03 26.56
C GLN A 1088 24.64 -2.88 27.19
N VAL A 1089 24.84 -2.97 28.49
CA VAL A 1089 25.63 -2.00 29.22
C VAL A 1089 27.14 -2.07 28.91
N ASN A 1090 27.67 -3.26 28.65
CA ASN A 1090 29.13 -3.43 28.46
C ASN A 1090 29.72 -2.43 27.47
N LYS A 1091 28.97 -2.13 26.41
CA LYS A 1091 29.29 -1.09 25.41
C LYS A 1091 30.04 0.12 25.95
N TYR A 1092 29.46 0.75 26.98
CA TYR A 1092 29.96 2.03 27.50
C TYR A 1092 30.34 2.01 29.00
N VAL A 1093 30.10 0.86 29.65
CA VAL A 1093 30.55 0.62 31.04
C VAL A 1093 31.22 -0.76 31.12
N GLU A 1094 32.55 -0.75 31.03
CA GLU A 1094 33.34 -1.97 30.94
C GLU A 1094 33.09 -2.90 32.10
N GLN A 1095 32.89 -4.19 31.78
CA GLN A 1095 32.52 -5.17 32.78
C GLN A 1095 33.70 -6.02 33.27
N ASN A 1096 33.46 -6.69 34.41
CA ASN A 1096 34.35 -7.72 34.90
C ASN A 1096 34.28 -8.92 33.98
N GLN A 1097 35.32 -9.08 33.16
CA GLN A 1097 35.34 -10.10 32.12
C GLN A 1097 35.26 -11.52 32.64
N ASN A 1098 36.19 -11.85 33.54
CA ASN A 1098 36.21 -13.17 34.15
C ASN A 1098 34.87 -13.55 34.80
N SER A 1099 34.20 -12.59 35.42
CA SER A 1099 32.84 -12.77 35.98
C SER A 1099 31.84 -13.27 34.92
N ILE A 1100 31.57 -12.39 33.96
CA ILE A 1100 30.66 -12.68 32.84
C ILE A 1100 30.80 -14.13 32.35
N CYS A 1101 32.05 -14.62 32.29
CA CYS A 1101 32.40 -15.94 31.78
C CYS A 1101 31.88 -17.09 32.63
N ASN A 1102 32.29 -17.09 33.89
CA ASN A 1102 31.88 -18.14 34.80
C ASN A 1102 30.36 -18.16 34.97
N SER A 1103 29.78 -16.96 34.94
CA SER A 1103 28.33 -16.76 35.00
C SER A 1103 27.70 -17.44 33.78
N LEU A 1104 28.34 -17.30 32.62
CA LEU A 1104 27.90 -17.95 31.40
C LEU A 1104 28.02 -19.46 31.52
N LEU A 1105 29.23 -19.90 31.86
CA LEU A 1105 29.54 -21.32 31.90
C LEU A 1105 28.65 -22.09 32.86
N TRP A 1106 28.10 -21.36 33.83
CA TRP A 1106 27.16 -21.94 34.75
C TRP A 1106 26.00 -22.49 33.98
N LEU A 1107 25.32 -21.62 33.20
CA LEU A 1107 24.10 -22.02 32.48
C LEU A 1107 24.39 -23.18 31.55
N VAL A 1108 25.44 -23.05 30.77
CA VAL A 1108 25.73 -24.00 29.70
C VAL A 1108 26.15 -25.38 30.22
N GLU A 1109 27.06 -25.42 31.19
CA GLU A 1109 27.61 -26.69 31.68
C GLU A 1109 26.66 -27.43 32.61
N ASN A 1110 25.70 -26.69 33.16
CA ASN A 1110 24.77 -27.22 34.16
C ASN A 1110 23.29 -27.29 33.72
N TYR A 1111 22.87 -26.37 32.85
CA TYR A 1111 21.42 -26.19 32.55
C TYR A 1111 21.01 -26.27 31.07
N GLN A 1112 21.59 -27.23 30.36
CA GLN A 1112 21.32 -27.50 28.93
C GLN A 1112 21.14 -29.01 28.71
N LEU A 1113 19.96 -29.43 28.24
CA LEU A 1113 19.73 -30.83 27.85
C LEU A 1113 20.60 -31.26 26.64
N ASP A 1114 20.53 -32.56 26.31
CA ASP A 1114 21.21 -33.19 25.17
C ASP A 1114 20.67 -32.72 23.83
N ASN A 1115 19.65 -31.86 23.88
CA ASN A 1115 19.01 -31.33 22.70
C ASN A 1115 19.00 -29.80 22.67
N GLY A 1116 19.96 -29.20 23.39
CA GLY A 1116 20.13 -27.75 23.43
C GLY A 1116 19.26 -27.00 24.41
N SER A 1117 18.05 -27.51 24.65
CA SER A 1117 17.04 -26.80 25.45
C SER A 1117 17.44 -26.60 26.91
N PHE A 1118 17.11 -25.44 27.44
CA PHE A 1118 17.48 -25.09 28.80
C PHE A 1118 16.39 -25.39 29.82
N LYS A 1119 16.79 -25.56 31.08
CA LYS A 1119 15.85 -25.88 32.14
C LYS A 1119 15.96 -24.88 33.28
N GLU A 1120 14.81 -24.51 33.86
CA GLU A 1120 14.76 -23.70 35.06
C GLU A 1120 15.08 -24.61 36.24
N ASN A 1121 16.02 -24.17 37.08
CA ASN A 1121 16.66 -25.03 38.11
C ASN A 1121 15.79 -25.62 39.21
N SER A 1122 14.92 -24.83 39.80
CA SER A 1122 14.10 -25.33 40.88
C SER A 1122 13.81 -24.24 41.86
N GLN A 1123 13.09 -24.58 42.92
CA GLN A 1123 12.69 -23.59 43.89
C GLN A 1123 11.85 -22.66 43.05
N TYR A 1124 11.41 -23.20 41.92
CA TYR A 1124 10.60 -22.45 40.98
C TYR A 1124 9.85 -21.40 41.75
N GLN A 1125 9.93 -20.18 41.27
CA GLN A 1125 9.23 -19.09 41.92
C GLN A 1125 8.56 -18.23 40.87
N PRO A 1126 7.21 -18.01 41.01
CA PRO A 1126 6.57 -16.90 40.29
C PRO A 1126 7.15 -15.59 40.81
N ILE A 1127 7.52 -14.72 39.89
CA ILE A 1127 8.15 -13.45 40.22
C ILE A 1127 7.28 -12.31 39.69
N LYS A 1128 7.15 -11.22 40.41
CA LYS A 1128 6.31 -10.15 39.87
C LYS A 1128 6.88 -9.61 38.54
N LEU A 1129 8.19 -9.44 38.51
CA LEU A 1129 8.90 -8.91 37.35
C LEU A 1129 8.72 -9.77 36.11
N GLN A 1130 8.75 -11.08 36.29
CA GLN A 1130 8.68 -12.04 35.19
C GLN A 1130 7.38 -11.93 34.36
N GLY A 1131 6.26 -11.74 35.03
CA GLY A 1131 4.99 -11.54 34.34
C GLY A 1131 4.51 -12.68 33.45
N THR A 1132 4.40 -12.38 32.16
CA THR A 1132 3.81 -13.26 31.15
C THR A 1132 4.65 -14.50 30.83
N LEU A 1133 5.86 -14.57 31.40
CA LEU A 1133 6.80 -15.66 31.12
C LEU A 1133 6.22 -17.05 31.42
N PRO A 1134 5.40 -17.16 32.48
CA PRO A 1134 4.82 -18.46 32.82
C PRO A 1134 4.04 -19.00 31.63
N VAL A 1135 4.16 -20.30 31.37
CA VAL A 1135 3.60 -20.94 30.16
C VAL A 1135 3.34 -22.44 30.39
N GLU A 1136 2.56 -23.11 29.53
CA GLU A 1136 2.21 -24.49 29.88
C GLU A 1136 2.63 -25.56 28.91
N ALA A 1137 3.03 -26.68 29.49
CA ALA A 1137 3.53 -27.79 28.73
C ALA A 1137 4.93 -27.39 28.31
N ARG A 1138 5.50 -28.08 27.35
CA ARG A 1138 6.82 -27.76 26.83
C ARG A 1138 6.90 -26.31 26.47
N GLU A 1139 5.77 -25.80 26.04
CA GLU A 1139 5.71 -24.41 25.75
C GLU A 1139 6.69 -23.59 26.66
N ASN A 1140 6.91 -23.85 27.97
CA ASN A 1140 7.92 -23.15 28.85
C ASN A 1140 9.42 -23.41 28.58
N SER A 1141 9.73 -24.61 28.11
CA SER A 1141 11.06 -24.95 27.63
C SER A 1141 11.45 -24.02 26.49
N LEU A 1142 10.51 -23.78 25.61
CA LEU A 1142 10.71 -22.94 24.44
C LEU A 1142 10.95 -21.50 24.88
N TYR A 1143 10.00 -20.90 25.61
CA TYR A 1143 10.20 -19.56 26.19
C TYR A 1143 11.58 -19.44 26.81
N LEU A 1144 11.94 -20.39 27.68
CA LEU A 1144 13.18 -20.23 28.43
C LEU A 1144 14.43 -20.39 27.55
N THR A 1145 14.48 -21.48 26.81
CA THR A 1145 15.58 -21.71 25.87
C THR A 1145 15.85 -20.47 25.05
N ALA A 1146 14.78 -19.87 24.53
CA ALA A 1146 14.90 -18.66 23.74
C ALA A 1146 15.33 -17.45 24.58
N PHE A 1147 14.85 -17.36 25.82
CA PHE A 1147 15.16 -16.21 26.67
C PHE A 1147 16.59 -16.25 27.16
N THR A 1148 17.05 -17.46 27.47
CA THR A 1148 18.44 -17.64 27.85
C THR A 1148 19.36 -17.53 26.61
N VAL A 1149 18.87 -17.87 25.42
CA VAL A 1149 19.66 -17.71 24.20
C VAL A 1149 19.98 -16.24 24.05
N ILE A 1150 18.99 -15.39 24.38
CA ILE A 1150 19.07 -13.94 24.20
C ILE A 1150 20.13 -13.30 25.09
N GLY A 1151 20.08 -13.62 26.37
CA GLY A 1151 21.20 -13.27 27.25
C GLY A 1151 22.56 -13.62 26.63
N ILE A 1152 22.76 -14.90 26.27
CA ILE A 1152 24.05 -15.42 25.79
C ILE A 1152 24.50 -14.77 24.50
N ARG A 1153 23.55 -14.51 23.60
CA ARG A 1153 23.85 -13.73 22.39
C ARG A 1153 24.34 -12.35 22.78
N LYS A 1154 23.55 -11.64 23.58
CA LYS A 1154 23.83 -10.26 24.01
C LYS A 1154 25.22 -9.98 24.62
N ALA A 1155 25.76 -10.97 25.33
CA ALA A 1155 27.00 -10.76 26.04
C ALA A 1155 28.11 -11.72 25.63
N PHE A 1156 27.90 -12.42 24.51
CA PHE A 1156 28.89 -13.37 23.96
C PHE A 1156 30.23 -12.69 23.68
N ASP A 1157 30.17 -11.47 23.12
CA ASP A 1157 31.33 -10.60 22.82
C ASP A 1157 32.42 -10.59 23.88
N ILE A 1158 31.98 -10.63 25.13
CA ILE A 1158 32.80 -10.36 26.28
C ILE A 1158 33.58 -11.62 26.65
N CYS A 1159 33.01 -12.78 26.33
CA CYS A 1159 33.67 -14.02 26.65
C CYS A 1159 33.57 -15.05 25.54
N PRO A 1160 34.03 -14.70 24.33
CA PRO A 1160 33.89 -15.63 23.21
C PRO A 1160 34.61 -16.96 23.48
N LEU A 1161 33.82 -17.94 23.87
CA LEU A 1161 34.34 -19.24 24.23
C LEU A 1161 33.91 -20.24 23.19
N VAL A 1162 34.88 -21.01 22.70
CA VAL A 1162 34.68 -22.06 21.70
C VAL A 1162 33.60 -23.01 22.17
N LYS A 1163 33.59 -23.22 23.48
CA LYS A 1163 32.69 -24.12 24.16
C LYS A 1163 31.25 -23.58 24.23
N ILE A 1164 31.09 -22.27 24.41
CA ILE A 1164 29.74 -21.69 24.51
C ILE A 1164 29.16 -21.28 23.15
N ASP A 1165 30.04 -21.11 22.16
CA ASP A 1165 29.57 -20.94 20.79
C ASP A 1165 28.88 -22.22 20.38
N THR A 1166 29.49 -23.37 20.69
CA THR A 1166 28.88 -24.69 20.48
C THR A 1166 27.54 -24.76 21.16
N ALA A 1167 27.52 -24.37 22.44
CA ALA A 1167 26.29 -24.32 23.22
C ALA A 1167 25.21 -23.54 22.50
N LEU A 1168 25.61 -22.45 21.84
CA LEU A 1168 24.68 -21.64 21.04
C LEU A 1168 24.15 -22.40 19.82
N ILE A 1169 25.06 -23.06 19.11
CA ILE A 1169 24.72 -23.92 17.97
C ILE A 1169 23.63 -24.97 18.32
N LYS A 1170 23.90 -25.83 19.30
CA LYS A 1170 22.93 -26.80 19.81
C LYS A 1170 21.55 -26.20 20.22
N ALA A 1171 21.58 -25.03 20.85
CA ALA A 1171 20.39 -24.35 21.36
C ALA A 1171 19.55 -23.78 20.23
N ASP A 1172 20.21 -23.09 19.31
CA ASP A 1172 19.58 -22.47 18.13
C ASP A 1172 18.84 -23.54 17.35
N ASN A 1173 19.51 -24.67 17.11
CA ASN A 1173 18.90 -25.80 16.44
C ASN A 1173 17.64 -26.27 17.13
N PHE A 1174 17.65 -26.30 18.46
CA PHE A 1174 16.42 -26.65 19.15
C PHE A 1174 15.30 -25.74 18.71
N LEU A 1175 15.52 -24.43 18.84
CA LEU A 1175 14.48 -23.44 18.56
C LEU A 1175 13.93 -23.52 17.13
N LEU A 1176 14.81 -23.71 16.15
CA LEU A 1176 14.40 -23.93 14.75
C LEU A 1176 13.58 -25.17 14.60
N GLU A 1177 14.17 -26.28 15.02
CA GLU A 1177 13.67 -27.62 14.73
C GLU A 1177 12.47 -27.97 15.63
N ASN A 1178 12.18 -27.09 16.58
CA ASN A 1178 11.13 -27.36 17.55
C ASN A 1178 10.14 -26.22 17.80
N THR A 1179 10.14 -25.24 16.91
CA THR A 1179 9.14 -24.20 17.01
C THR A 1179 8.01 -24.50 16.07
N LEU A 1180 8.32 -25.00 14.87
CA LEU A 1180 7.42 -24.75 13.72
C LEU A 1180 5.90 -24.84 13.93
N PRO A 1181 5.38 -25.97 14.46
CA PRO A 1181 3.91 -25.97 14.66
C PRO A 1181 3.52 -25.12 15.87
N ALA A 1182 3.41 -23.80 15.62
CA ALA A 1182 3.40 -22.74 16.65
C ALA A 1182 2.39 -22.86 17.79
N GLN A 1183 2.91 -22.85 19.01
CA GLN A 1183 2.10 -23.08 20.20
C GLN A 1183 1.41 -21.81 20.73
N SER A 1184 2.13 -20.70 20.76
CA SER A 1184 1.61 -19.42 21.19
C SER A 1184 2.24 -18.29 20.38
N THR A 1185 1.53 -17.17 20.36
CA THR A 1185 2.04 -15.96 19.69
C THR A 1185 3.27 -15.41 20.42
N PHE A 1186 3.18 -15.44 21.75
CA PHE A 1186 4.27 -15.05 22.64
C PHE A 1186 5.49 -15.97 22.44
N THR A 1187 5.25 -17.28 22.30
CA THR A 1187 6.29 -18.29 22.01
C THR A 1187 6.89 -18.12 20.60
N LEU A 1188 6.03 -17.92 19.62
CA LEU A 1188 6.48 -17.66 18.26
C LEU A 1188 7.48 -16.49 18.21
N ALA A 1189 7.08 -15.38 18.81
CA ALA A 1189 7.83 -14.09 18.85
C ALA A 1189 9.23 -14.03 19.51
N ILE A 1190 9.35 -14.39 20.80
CA ILE A 1190 10.66 -14.51 21.44
C ILE A 1190 11.54 -15.46 20.62
N SER A 1191 11.03 -16.68 20.37
CA SER A 1191 11.70 -17.67 19.53
C SER A 1191 12.23 -17.05 18.23
N ALA A 1192 11.34 -16.36 17.52
CA ALA A 1192 11.71 -15.64 16.30
C ALA A 1192 12.83 -14.64 16.61
N TYR A 1193 12.65 -13.86 17.66
CA TYR A 1193 13.63 -12.86 18.08
C TYR A 1193 15.00 -13.42 18.42
N ALA A 1194 15.01 -14.58 19.08
CA ALA A 1194 16.24 -15.27 19.48
C ALA A 1194 17.09 -15.79 18.30
N LEU A 1195 16.41 -16.36 17.32
CA LEU A 1195 17.06 -16.79 16.09
C LEU A 1195 17.41 -15.57 15.26
N SER A 1196 16.62 -14.51 15.41
CA SER A 1196 16.85 -13.20 14.80
C SER A 1196 18.21 -12.59 15.21
N LEU A 1197 18.78 -13.08 16.30
CA LEU A 1197 20.08 -12.61 16.74
C LEU A 1197 21.20 -13.58 16.35
N GLY A 1198 20.92 -14.44 15.36
CA GLY A 1198 21.86 -15.48 14.97
C GLY A 1198 22.13 -15.50 13.48
N ASP A 1199 21.82 -16.63 12.85
CA ASP A 1199 21.83 -16.70 11.38
C ASP A 1199 20.46 -16.36 10.82
N LYS A 1200 20.38 -15.18 10.24
CA LYS A 1200 19.12 -14.62 9.81
C LYS A 1200 18.85 -14.90 8.34
N THR A 1201 19.66 -15.79 7.76
CA THR A 1201 19.43 -16.22 6.37
C THR A 1201 18.89 -17.66 6.33
N HIS A 1202 18.92 -18.37 7.46
CA HIS A 1202 18.57 -19.82 7.56
C HIS A 1202 17.20 -20.22 7.07
N PRO A 1203 17.13 -21.29 6.23
CA PRO A 1203 15.87 -21.78 5.65
C PRO A 1203 14.73 -21.92 6.66
N GLN A 1204 14.95 -22.73 7.67
CA GLN A 1204 13.99 -22.89 8.74
C GLN A 1204 13.57 -21.55 9.37
N PHE A 1205 14.54 -20.65 9.60
CA PHE A 1205 14.29 -19.38 10.32
C PHE A 1205 13.31 -18.50 9.59
N ARG A 1206 13.55 -18.32 8.29
CA ARG A 1206 12.71 -17.49 7.45
C ARG A 1206 11.31 -18.11 7.29
N SER A 1207 11.25 -19.43 7.38
CA SER A 1207 9.99 -20.16 7.47
C SER A 1207 9.22 -19.66 8.71
N ILE A 1208 9.90 -19.69 9.86
CA ILE A 1208 9.35 -19.25 11.12
C ILE A 1208 8.88 -17.79 11.01
N VAL A 1209 9.75 -16.92 10.51
CA VAL A 1209 9.48 -15.48 10.46
C VAL A 1209 8.23 -15.20 9.64
N SER A 1210 8.04 -16.03 8.62
CA SER A 1210 6.87 -15.94 7.76
C SER A 1210 5.62 -16.25 8.59
N ALA A 1211 5.64 -17.37 9.32
CA ALA A 1211 4.57 -17.70 10.23
C ALA A 1211 4.14 -16.50 11.12
N LEU A 1212 5.11 -15.90 11.82
CA LEU A 1212 4.84 -14.78 12.72
C LEU A 1212 4.20 -13.66 11.95
N LYS A 1213 4.85 -13.35 10.83
CA LYS A 1213 4.51 -12.23 9.95
C LYS A 1213 3.07 -12.35 9.39
N ARG A 1214 2.50 -13.55 9.54
CA ARG A 1214 1.19 -13.89 9.00
C ARG A 1214 0.10 -13.81 10.07
N GLU A 1215 0.52 -13.72 11.33
CA GLU A 1215 -0.43 -13.66 12.44
C GLU A 1215 -0.85 -12.26 12.77
N ALA A 1216 -0.16 -11.30 12.17
CA ALA A 1216 -0.25 -9.87 12.51
C ALA A 1216 -1.69 -9.27 12.41
N LEU A 1217 -1.98 -8.25 13.22
CA LEU A 1217 -3.25 -7.48 13.17
C LEU A 1217 -3.05 -6.14 12.52
N VAL A 1218 -4.05 -5.66 11.79
CA VAL A 1218 -3.94 -4.37 11.10
C VAL A 1218 -5.16 -3.46 11.23
N LYS A 1219 -4.93 -2.16 11.29
CA LYS A 1219 -6.01 -1.19 11.24
C LYS A 1219 -5.77 -0.23 10.10
N GLY A 1220 -6.73 -0.22 9.17
CA GLY A 1220 -6.62 0.44 7.88
C GLY A 1220 -5.86 -0.45 6.91
N ASN A 1221 -6.41 -0.64 5.71
CA ASN A 1221 -5.63 -1.24 4.62
C ASN A 1221 -5.49 -0.31 3.43
N PRO A 1222 -4.24 -0.07 2.99
CA PRO A 1222 -3.04 -0.71 3.53
C PRO A 1222 -2.82 -0.33 5.00
N PRO A 1223 -2.13 -1.19 5.75
CA PRO A 1223 -1.96 -1.03 7.18
C PRO A 1223 -1.43 0.36 7.58
N ILE A 1224 -2.04 0.92 8.61
CA ILE A 1224 -1.56 2.15 9.25
C ILE A 1224 -0.99 1.74 10.60
N TYR A 1225 -1.61 0.73 11.19
CA TYR A 1225 -1.25 0.23 12.49
C TYR A 1225 -1.06 -1.27 12.40
N ARG A 1226 0.01 -1.77 13.05
CA ARG A 1226 0.27 -3.22 13.15
C ARG A 1226 0.80 -3.70 14.50
N PHE A 1227 0.23 -4.82 14.99
CA PHE A 1227 0.55 -5.41 16.29
C PHE A 1227 0.17 -6.88 16.33
N TRP A 1228 0.39 -7.53 17.48
CA TRP A 1228 0.10 -8.95 17.60
C TRP A 1228 -0.64 -9.17 18.88
N LYS A 1229 -1.64 -10.04 18.83
CA LYS A 1229 -2.36 -10.37 20.05
C LYS A 1229 -2.00 -11.80 20.38
N ASP A 1230 -1.92 -12.13 21.66
CA ASP A 1230 -1.58 -13.51 22.03
C ASP A 1230 -2.81 -14.37 22.19
N ASN A 1231 -2.95 -15.33 21.28
CA ASN A 1231 -4.09 -16.21 21.26
C ASN A 1231 -3.87 -17.40 20.35
N LEU A 1232 -4.75 -18.39 20.53
CA LEU A 1232 -4.81 -19.60 19.72
C LEU A 1232 -6.30 -19.81 19.48
N GLN A 1233 -6.67 -20.63 18.50
CA GLN A 1233 -8.11 -20.78 18.22
C GLN A 1233 -8.88 -21.45 19.36
N HIS A 1234 -8.20 -22.31 20.12
CA HIS A 1234 -8.79 -22.83 21.35
C HIS A 1234 -8.40 -21.93 22.49
N LYS A 1235 -9.33 -21.14 23.01
CA LYS A 1235 -8.99 -20.26 24.13
C LYS A 1235 -9.86 -19.03 24.10
N ASP A 1236 -11.15 -19.24 23.99
CA ASP A 1236 -12.09 -18.12 23.87
C ASP A 1236 -13.12 -18.08 25.01
N SER A 1237 -13.22 -16.91 25.64
CA SER A 1237 -14.17 -16.69 26.72
C SER A 1237 -14.66 -15.26 26.62
N SER A 1238 -15.85 -14.98 27.13
CA SER A 1238 -16.38 -13.63 27.09
C SER A 1238 -15.74 -12.86 28.22
N VAL A 1239 -14.45 -12.60 28.09
CA VAL A 1239 -13.69 -11.92 29.12
C VAL A 1239 -12.69 -10.89 28.58
N PRO A 1240 -12.41 -9.87 29.40
CA PRO A 1240 -11.46 -8.79 29.13
C PRO A 1240 -10.01 -9.27 29.17
N ASN A 1241 -9.72 -10.19 30.09
CA ASN A 1241 -8.36 -10.69 30.31
C ASN A 1241 -7.66 -11.38 29.12
N THR A 1242 -8.37 -12.17 28.32
CA THR A 1242 -7.70 -12.83 27.19
C THR A 1242 -7.13 -11.81 26.21
N GLY A 1243 -7.90 -10.76 25.95
CA GLY A 1243 -7.40 -9.67 25.12
C GLY A 1243 -6.58 -8.88 26.11
N THR A 1244 -5.48 -9.47 26.54
CA THR A 1244 -4.65 -8.88 27.59
C THR A 1244 -3.24 -8.52 27.16
N ALA A 1245 -2.84 -7.32 27.54
CA ALA A 1245 -1.48 -6.82 27.30
C ALA A 1245 -0.44 -7.85 26.89
N ARG A 1246 -0.39 -9.03 27.46
CA ARG A 1246 0.67 -9.90 26.98
C ARG A 1246 1.10 -9.49 25.57
N MET A 1247 0.15 -9.04 24.77
CA MET A 1247 0.43 -8.67 23.40
C MET A 1247 1.51 -7.58 23.29
N VAL A 1248 1.56 -6.58 24.14
CA VAL A 1248 2.59 -5.60 23.92
C VAL A 1248 3.94 -6.27 23.95
N GLU A 1249 4.14 -7.19 24.88
CA GLU A 1249 5.40 -7.90 24.90
C GLU A 1249 5.62 -8.69 23.60
N THR A 1250 4.63 -9.47 23.17
CA THR A 1250 4.79 -10.33 21.99
C THR A 1250 5.07 -9.54 20.70
N THR A 1251 4.29 -8.50 20.44
CA THR A 1251 4.55 -7.59 19.30
C THR A 1251 5.86 -6.79 19.44
N ALA A 1252 6.34 -6.58 20.67
CA ALA A 1252 7.65 -5.96 20.91
C ALA A 1252 8.78 -6.87 20.44
N TYR A 1253 8.60 -8.18 20.66
CA TYR A 1253 9.54 -9.21 20.17
C TYR A 1253 9.46 -9.33 18.64
N ALA A 1254 8.28 -9.13 18.07
CA ALA A 1254 8.14 -9.11 16.63
C ALA A 1254 8.88 -7.90 16.09
N LEU A 1255 8.60 -6.73 16.65
CA LEU A 1255 9.25 -5.49 16.20
C LEU A 1255 10.76 -5.64 16.23
N LEU A 1256 11.25 -6.16 17.33
CA LEU A 1256 12.68 -6.39 17.49
C LEU A 1256 13.24 -7.40 16.48
N THR A 1257 12.43 -8.38 16.09
CA THR A 1257 12.83 -9.39 15.10
C THR A 1257 13.02 -8.76 13.74
N SER A 1258 11.99 -8.08 13.29
CA SER A 1258 12.05 -7.44 12.01
C SER A 1258 13.09 -6.31 11.99
N LEU A 1259 13.20 -5.53 13.07
CA LEU A 1259 14.23 -4.49 13.16
C LEU A 1259 15.64 -5.03 12.95
N ASN A 1260 15.83 -6.31 13.21
CA ASN A 1260 17.09 -6.95 12.92
C ASN A 1260 17.21 -7.29 11.44
N LEU A 1261 16.11 -7.75 10.84
CA LEU A 1261 16.04 -8.00 9.39
C LEU A 1261 16.17 -6.72 8.53
N LYS A 1262 16.05 -5.56 9.19
CA LYS A 1262 16.12 -4.26 8.53
C LYS A 1262 15.13 -4.15 7.36
N ASP A 1263 13.92 -4.62 7.64
CA ASP A 1263 12.78 -4.50 6.74
C ASP A 1263 11.90 -3.35 7.25
N ILE A 1264 12.38 -2.12 7.05
CA ILE A 1264 11.69 -0.96 7.62
C ILE A 1264 10.25 -0.83 7.17
N ASN A 1265 9.98 -1.26 5.94
CA ASN A 1265 8.63 -1.25 5.38
C ASN A 1265 7.62 -1.94 6.28
N TYR A 1266 8.03 -3.09 6.83
CA TYR A 1266 7.20 -3.85 7.75
C TYR A 1266 7.07 -3.14 9.08
N VAL A 1267 8.19 -2.62 9.54
CA VAL A 1267 8.32 -2.06 10.87
C VAL A 1267 7.53 -0.77 11.14
N ASN A 1268 7.39 0.08 10.13
CA ASN A 1268 6.77 1.40 10.35
C ASN A 1268 5.43 1.47 11.07
N PRO A 1269 4.42 0.70 10.61
CA PRO A 1269 3.11 0.80 11.26
C PRO A 1269 3.14 0.31 12.70
N VAL A 1270 4.18 -0.44 13.04
CA VAL A 1270 4.33 -1.01 14.36
C VAL A 1270 4.81 0.03 15.32
N ILE A 1271 5.87 0.76 14.99
CA ILE A 1271 6.34 1.74 15.95
C ILE A 1271 5.41 2.96 16.00
N LYS A 1272 4.73 3.26 14.89
CA LYS A 1272 3.69 4.28 14.91
C LYS A 1272 2.70 3.82 15.96
N TRP A 1273 2.18 2.61 15.77
CA TRP A 1273 1.26 2.01 16.74
C TRP A 1273 1.83 1.79 18.11
N LEU A 1274 3.06 1.30 18.21
CA LEU A 1274 3.59 1.11 19.55
C LEU A 1274 3.67 2.48 20.17
N SER A 1275 4.11 3.44 19.38
CA SER A 1275 4.02 4.80 19.81
C SER A 1275 2.59 5.08 20.22
N GLU A 1276 1.67 4.74 19.32
CA GLU A 1276 0.25 5.02 19.47
C GLU A 1276 -0.27 4.22 20.63
N GLU A 1277 0.51 3.19 20.97
CA GLU A 1277 0.21 2.21 22.00
C GLU A 1277 0.07 2.80 23.39
N GLN A 1278 0.91 3.75 23.73
CA GLN A 1278 0.86 4.27 25.09
C GLN A 1278 -0.57 4.75 25.32
N ARG A 1279 -1.11 5.46 24.36
CA ARG A 1279 -2.49 5.90 24.50
C ARG A 1279 -3.49 4.74 24.54
N TYR A 1280 -3.36 3.82 23.61
CA TYR A 1280 -4.28 2.69 23.59
C TYR A 1280 -4.00 1.76 24.76
N GLY A 1281 -2.73 1.46 24.96
CA GLY A 1281 -2.25 0.63 26.06
C GLY A 1281 -2.44 1.15 27.47
N GLY A 1282 -2.39 2.47 27.64
CA GLY A 1282 -2.40 3.09 28.96
C GLY A 1282 -0.99 3.14 29.50
N GLY A 1283 -0.35 1.98 29.61
CA GLY A 1283 1.06 1.90 29.94
C GLY A 1283 1.49 0.46 29.82
N PHE A 1284 2.79 0.25 29.92
CA PHE A 1284 3.30 -1.09 29.76
C PHE A 1284 3.24 -1.66 31.15
N TYR A 1285 2.31 -2.58 31.38
CA TYR A 1285 2.15 -3.16 32.73
C TYR A 1285 3.49 -3.38 33.48
N SER A 1286 4.34 -4.29 33.00
CA SER A 1286 5.62 -4.55 33.72
C SER A 1286 6.96 -4.28 33.00
N THR A 1287 7.98 -3.89 33.76
CA THR A 1287 9.30 -3.63 33.23
C THR A 1287 9.75 -4.64 32.19
N GLN A 1288 9.26 -5.87 32.26
CA GLN A 1288 9.89 -6.73 31.27
C GLN A 1288 9.62 -6.16 29.90
N ASP A 1289 8.38 -6.00 29.50
CA ASP A 1289 8.21 -5.51 28.13
C ASP A 1289 8.83 -4.13 27.92
N THR A 1290 8.81 -3.29 28.96
CA THR A 1290 9.27 -1.90 28.80
C THR A 1290 10.77 -1.78 28.44
N ILE A 1291 11.55 -2.76 28.84
CA ILE A 1291 12.95 -2.86 28.43
C ILE A 1291 13.04 -3.13 26.92
N ASN A 1292 12.14 -3.97 26.40
CA ASN A 1292 12.18 -4.40 25.00
C ASN A 1292 11.60 -3.35 24.07
N ALA A 1293 10.56 -2.68 24.53
CA ALA A 1293 10.01 -1.58 23.80
C ALA A 1293 11.10 -0.53 23.64
N ILE A 1294 11.78 -0.19 24.74
CA ILE A 1294 12.84 0.85 24.66
C ILE A 1294 13.96 0.45 23.70
N GLU A 1295 14.43 -0.79 23.77
CA GLU A 1295 15.47 -1.27 22.85
C GLU A 1295 15.00 -1.28 21.41
N GLY A 1296 13.69 -1.44 21.23
CA GLY A 1296 13.04 -1.22 19.93
C GLY A 1296 13.27 0.19 19.43
N LEU A 1297 12.62 1.15 20.07
CA LEU A 1297 12.80 2.57 19.77
C LEU A 1297 14.25 2.94 19.61
N THR A 1298 15.12 2.40 20.46
CA THR A 1298 16.57 2.61 20.28
C THR A 1298 17.00 2.08 18.89
N GLU A 1299 16.91 0.77 18.65
CA GLU A 1299 17.38 0.16 17.38
C GLU A 1299 16.89 0.83 16.10
N TYR A 1300 15.64 1.25 16.11
CA TYR A 1300 15.01 1.93 14.98
C TYR A 1300 15.63 3.28 14.69
N SER A 1301 15.76 4.11 15.72
CA SER A 1301 16.31 5.46 15.55
C SER A 1301 17.76 5.43 15.04
N LEU A 1302 18.35 4.24 15.06
CA LEU A 1302 19.74 4.00 14.64
C LEU A 1302 19.78 3.01 13.50
N LEU A 1303 18.62 2.56 13.08
CA LEU A 1303 18.51 1.90 11.80
C LEU A 1303 18.27 2.96 10.76
N VAL A 1304 17.48 3.97 11.10
CA VAL A 1304 17.24 5.11 10.24
C VAL A 1304 18.59 5.65 9.84
N LYS A 1305 19.45 5.83 10.84
CA LYS A 1305 20.71 6.53 10.66
C LYS A 1305 21.61 5.78 9.70
N GLN A 1306 21.69 4.46 9.84
CA GLN A 1306 22.46 3.60 8.92
C GLN A 1306 21.99 3.75 7.47
N LEU A 1307 20.68 3.90 7.31
CA LEU A 1307 20.03 3.69 6.04
C LEU A 1307 20.12 4.89 5.08
N ARG A 1308 20.16 6.11 5.63
CA ARG A 1308 20.22 7.35 4.86
C ARG A 1308 21.33 7.31 3.82
N LEU A 1309 21.00 7.75 2.61
CA LEU A 1309 21.94 7.71 1.48
C LEU A 1309 22.95 8.89 1.43
N SER A 1310 24.20 8.61 1.80
CA SER A 1310 25.33 9.53 1.59
C SER A 1310 26.49 8.77 0.97
N MET A 1311 26.29 8.42 -0.29
CA MET A 1311 27.24 7.61 -1.01
C MET A 1311 28.25 8.44 -1.79
N ASP A 1312 29.26 7.75 -2.31
CA ASP A 1312 30.31 8.42 -3.03
C ASP A 1312 30.92 7.43 -3.95
N ILE A 1313 30.18 7.05 -4.97
CA ILE A 1313 30.60 5.94 -5.83
C ILE A 1313 31.59 6.35 -6.89
N ASP A 1314 32.50 5.43 -7.20
CA ASP A 1314 33.52 5.63 -8.22
C ASP A 1314 33.59 4.46 -9.21
N VAL A 1315 33.37 4.78 -10.49
CA VAL A 1315 33.63 3.83 -11.56
C VAL A 1315 34.95 4.18 -12.24
N SER A 1316 35.78 3.16 -12.46
CA SER A 1316 37.04 3.32 -13.14
C SER A 1316 37.50 2.08 -13.92
N TYR A 1317 38.34 2.30 -14.94
CA TYR A 1317 39.04 1.22 -15.63
C TYR A 1317 40.25 0.78 -14.79
N LYS A 1318 40.38 -0.53 -14.59
CA LYS A 1318 41.51 -1.11 -13.87
C LYS A 1318 42.90 -0.68 -14.39
N HIS A 1319 43.04 -0.52 -15.71
CA HIS A 1319 44.32 -0.15 -16.34
C HIS A 1319 44.28 1.21 -17.00
N LYS A 1320 43.37 1.39 -17.95
CA LYS A 1320 43.21 2.68 -18.63
C LYS A 1320 42.67 3.67 -17.63
N GLY A 1321 42.45 4.90 -18.10
CA GLY A 1321 42.11 6.04 -17.25
C GLY A 1321 40.97 5.95 -16.22
N ALA A 1322 40.70 7.09 -15.60
CA ALA A 1322 39.54 7.24 -14.74
C ALA A 1322 38.33 7.57 -15.59
N LEU A 1323 37.35 6.68 -15.57
CA LEU A 1323 36.00 6.93 -16.11
C LEU A 1323 35.28 7.74 -15.08
N HIS A 1324 34.11 8.31 -15.37
CA HIS A 1324 33.59 9.27 -14.37
C HIS A 1324 33.10 8.61 -13.10
N ASN A 1325 32.67 9.42 -12.15
CA ASN A 1325 32.24 8.91 -10.87
C ASN A 1325 31.35 9.91 -10.18
N TYR A 1326 30.29 9.41 -9.56
CA TYR A 1326 29.26 10.30 -9.07
C TYR A 1326 28.88 10.12 -7.65
N LYS A 1327 28.82 11.29 -7.01
CA LYS A 1327 28.44 11.56 -5.62
C LYS A 1327 26.93 11.60 -5.49
N MET A 1328 26.41 10.65 -4.74
CA MET A 1328 25.02 10.36 -4.77
C MET A 1328 24.46 10.55 -3.38
N THR A 1329 23.38 11.31 -3.25
CA THR A 1329 22.76 11.56 -1.93
C THR A 1329 21.22 11.42 -1.95
N ASP A 1330 20.58 11.84 -0.85
CA ASP A 1330 19.13 11.96 -0.76
C ASP A 1330 18.63 12.93 -1.82
N LYS A 1331 19.29 14.06 -1.89
CA LYS A 1331 18.97 15.09 -2.85
C LYS A 1331 19.22 14.65 -4.33
N ASN A 1332 20.29 13.92 -4.61
CA ASN A 1332 20.67 13.62 -5.99
C ASN A 1332 20.90 12.15 -6.34
N PHE A 1333 20.06 11.29 -5.77
CA PHE A 1333 20.09 9.86 -6.03
C PHE A 1333 19.85 9.51 -7.49
N LEU A 1334 20.29 8.34 -7.91
CA LEU A 1334 20.23 7.94 -9.33
C LEU A 1334 20.89 8.99 -10.19
N GLY A 1335 22.14 9.28 -9.86
CA GLY A 1335 22.92 10.32 -10.49
C GLY A 1335 22.90 10.29 -12.01
N ARG A 1336 23.09 9.11 -12.60
CA ARG A 1336 23.13 9.05 -14.06
C ARG A 1336 23.17 7.64 -14.61
N PRO A 1337 23.13 7.55 -15.97
CA PRO A 1337 23.67 6.47 -16.77
C PRO A 1337 24.83 6.98 -17.60
N VAL A 1338 25.93 6.23 -17.63
CA VAL A 1338 27.04 6.50 -18.56
C VAL A 1338 27.57 5.28 -19.33
N GLU A 1339 28.09 5.54 -20.53
CA GLU A 1339 28.58 4.53 -21.44
C GLU A 1339 29.91 3.94 -20.99
N VAL A 1340 30.22 2.73 -21.45
CA VAL A 1340 31.58 2.18 -21.29
C VAL A 1340 32.34 2.20 -22.60
N LEU A 1341 33.36 3.03 -22.61
CA LEU A 1341 34.10 3.30 -23.80
C LEU A 1341 35.05 2.14 -24.18
N LEU A 1342 35.87 1.71 -23.24
CA LEU A 1342 37.10 0.98 -23.58
C LEU A 1342 37.13 -0.37 -22.90
N ASN A 1343 37.90 -1.29 -23.44
CA ASN A 1343 37.81 -2.68 -22.97
C ASN A 1343 38.81 -3.10 -21.89
N ASP A 1344 38.60 -2.50 -20.72
CA ASP A 1344 39.44 -2.62 -19.53
C ASP A 1344 38.47 -3.03 -18.42
N ASP A 1345 38.81 -4.07 -17.69
CA ASP A 1345 38.00 -4.48 -16.54
C ASP A 1345 37.39 -3.24 -15.79
N LEU A 1346 36.08 -3.30 -15.53
CA LEU A 1346 35.35 -2.23 -14.81
C LEU A 1346 35.25 -2.36 -13.27
N ILE A 1347 35.65 -1.30 -12.55
CA ILE A 1347 35.72 -1.34 -11.09
C ILE A 1347 34.95 -0.22 -10.41
N VAL A 1348 33.81 -0.61 -9.83
CA VAL A 1348 32.89 0.30 -9.15
C VAL A 1348 33.08 0.21 -7.65
N SER A 1349 33.25 1.36 -6.99
CA SER A 1349 33.83 1.32 -5.65
C SER A 1349 33.69 2.54 -4.76
N THR A 1350 32.99 2.42 -3.64
CA THR A 1350 32.92 3.52 -2.68
C THR A 1350 33.85 3.29 -1.50
N GLY A 1351 34.30 4.35 -0.86
CA GLY A 1351 35.00 4.20 0.42
C GLY A 1351 33.92 4.04 1.48
N PHE A 1352 34.28 4.20 2.75
CA PHE A 1352 33.27 4.27 3.80
C PHE A 1352 32.24 5.36 3.49
N GLY A 1353 30.96 5.01 3.53
CA GLY A 1353 29.85 5.95 3.34
C GLY A 1353 28.61 5.29 3.90
N SER A 1354 27.48 6.00 3.92
CA SER A 1354 26.27 5.40 4.51
C SER A 1354 25.07 5.33 3.57
N GLY A 1355 24.57 4.13 3.34
CA GLY A 1355 23.34 3.96 2.57
C GLY A 1355 23.17 2.65 1.83
N LEU A 1356 22.49 2.73 0.69
CA LEU A 1356 22.23 1.58 -0.13
C LEU A 1356 22.17 2.01 -1.59
N ALA A 1357 23.11 1.58 -2.41
CA ALA A 1357 23.06 1.94 -3.82
C ALA A 1357 23.04 0.72 -4.75
N THR A 1358 22.39 0.84 -5.91
CA THR A 1358 22.35 -0.29 -6.85
C THR A 1358 23.12 0.01 -8.16
N VAL A 1359 24.08 -0.85 -8.50
CA VAL A 1359 24.84 -0.77 -9.77
C VAL A 1359 24.41 -1.79 -10.87
N HIS A 1360 23.93 -1.31 -12.01
CA HIS A 1360 23.59 -2.22 -13.13
C HIS A 1360 24.51 -2.05 -14.29
N VAL A 1361 24.96 -3.16 -14.86
CA VAL A 1361 25.90 -3.14 -15.96
C VAL A 1361 25.29 -3.98 -17.01
N THR A 1362 24.52 -3.26 -17.82
CA THR A 1362 23.84 -3.81 -18.97
C THR A 1362 24.82 -3.77 -20.15
N THR A 1363 25.26 -4.92 -20.63
CA THR A 1363 26.15 -4.95 -21.79
C THR A 1363 25.45 -5.41 -23.07
N VAL A 1364 25.84 -4.77 -24.18
CA VAL A 1364 25.20 -4.85 -25.49
C VAL A 1364 26.15 -5.49 -26.49
N VAL A 1365 25.77 -6.62 -27.07
CA VAL A 1365 26.68 -7.34 -27.93
C VAL A 1365 25.95 -7.91 -29.16
N HIS A 1366 26.69 -8.20 -30.23
CA HIS A 1366 26.11 -8.78 -31.43
C HIS A 1366 26.76 -10.08 -31.76
N LYS A 1367 25.98 -11.10 -32.05
CA LYS A 1367 26.58 -12.33 -32.55
C LYS A 1367 25.94 -12.85 -33.84
N THR A 1368 26.75 -13.55 -34.64
CA THR A 1368 26.36 -14.10 -35.93
C THR A 1368 25.22 -15.05 -35.72
N SER A 1369 24.52 -15.43 -36.78
CA SER A 1369 23.45 -16.39 -36.62
C SER A 1369 23.91 -17.79 -36.26
N THR A 1370 24.82 -18.39 -37.05
CA THR A 1370 25.13 -19.82 -36.89
C THR A 1370 26.05 -20.22 -35.71
N SER A 1371 25.98 -19.51 -34.58
CA SER A 1371 26.73 -19.91 -33.38
C SER A 1371 25.83 -20.74 -32.47
N GLU A 1372 26.35 -21.82 -31.89
CA GLU A 1372 25.56 -22.68 -30.98
C GLU A 1372 24.71 -21.87 -30.01
N GLU A 1373 25.29 -20.77 -29.51
CA GLU A 1373 24.61 -19.79 -28.65
C GLU A 1373 23.17 -19.61 -29.11
N VAL A 1374 23.02 -19.15 -30.35
CA VAL A 1374 21.72 -18.82 -30.90
C VAL A 1374 21.18 -19.97 -31.74
N CYS A 1375 21.85 -20.31 -32.85
CA CYS A 1375 21.29 -21.24 -33.83
C CYS A 1375 21.53 -22.71 -33.55
N SER A 1376 20.60 -23.53 -34.03
CA SER A 1376 20.70 -24.99 -33.95
C SER A 1376 20.49 -25.67 -35.30
N PHE A 1377 20.26 -24.89 -36.34
CA PHE A 1377 19.94 -25.45 -37.67
C PHE A 1377 20.73 -24.82 -38.82
N TYR A 1378 20.85 -25.55 -39.93
CA TYR A 1378 21.57 -25.07 -41.10
C TYR A 1378 20.56 -24.57 -42.11
N LEU A 1379 20.69 -23.31 -42.50
CA LEU A 1379 19.71 -22.66 -43.34
C LEU A 1379 20.26 -22.26 -44.67
N LYS A 1380 19.37 -22.20 -45.65
CA LYS A 1380 19.65 -21.55 -46.92
C LYS A 1380 18.34 -21.26 -47.65
N ILE A 1381 18.39 -20.30 -48.56
CA ILE A 1381 17.20 -19.80 -49.21
C ILE A 1381 17.62 -18.91 -50.37
N ASP A 1382 16.88 -19.00 -51.47
CA ASP A 1382 17.05 -18.08 -52.61
C ASP A 1382 15.86 -18.13 -53.58
N THR A 1383 15.52 -16.97 -54.13
CA THR A 1383 14.39 -16.85 -55.03
C THR A 1383 14.81 -17.17 -56.48
N GLN A 1384 13.95 -17.91 -57.20
CA GLN A 1384 14.18 -18.22 -58.63
C GLN A 1384 13.16 -17.51 -59.52
N ASP A 1385 13.60 -17.10 -60.70
CA ASP A 1385 12.68 -16.78 -61.79
C ASP A 1385 12.39 -18.10 -62.53
N ILE A 1386 11.13 -18.54 -62.54
CA ILE A 1386 10.78 -19.82 -63.17
C ILE A 1386 10.30 -19.71 -64.63
N GLU A 1387 11.23 -19.34 -65.52
CA GLU A 1387 11.18 -19.65 -66.97
C GLU A 1387 12.48 -19.20 -67.62
N ASP A 1398 3.32 -12.78 -64.38
CA ASP A 1398 4.57 -13.23 -63.79
C ASP A 1398 4.38 -14.02 -62.50
N TYR A 1399 5.37 -14.86 -62.22
CA TYR A 1399 5.41 -15.70 -61.02
C TYR A 1399 6.87 -15.84 -60.54
N LYS A 1400 7.23 -15.14 -59.48
CA LYS A 1400 8.47 -15.45 -58.74
C LYS A 1400 8.17 -16.67 -57.84
N ARG A 1401 9.18 -17.23 -57.18
CA ARG A 1401 9.05 -18.54 -56.50
C ARG A 1401 10.21 -18.83 -55.55
N ILE A 1402 9.90 -19.25 -54.33
CA ILE A 1402 10.89 -19.38 -53.25
C ILE A 1402 11.25 -20.84 -53.00
N VAL A 1403 12.56 -21.11 -52.82
CA VAL A 1403 13.03 -22.43 -52.43
C VAL A 1403 13.84 -22.32 -51.12
N ALA A 1404 13.13 -22.37 -50.00
CA ALA A 1404 13.70 -22.28 -48.64
C ALA A 1404 13.86 -23.64 -47.98
N CYS A 1405 15.06 -23.87 -47.46
CA CYS A 1405 15.48 -25.20 -47.04
C CYS A 1405 16.07 -25.13 -45.66
N ALA A 1406 16.09 -26.27 -44.98
CA ALA A 1406 16.60 -26.32 -43.62
C ALA A 1406 17.21 -27.65 -43.23
N SER A 1407 18.07 -27.58 -42.21
CA SER A 1407 18.54 -28.75 -41.50
C SER A 1407 18.77 -28.36 -40.04
N TYR A 1408 18.57 -29.32 -39.14
CA TYR A 1408 18.75 -29.15 -37.70
C TYR A 1408 20.15 -29.63 -37.31
N LYS A 1409 20.86 -28.83 -36.50
CA LYS A 1409 22.16 -29.23 -35.93
C LYS A 1409 21.95 -30.49 -35.09
N PRO A 1410 22.76 -31.51 -35.33
CA PRO A 1410 22.78 -32.68 -34.48
C PRO A 1410 23.87 -32.56 -33.43
N SER A 1411 23.47 -32.26 -32.20
CA SER A 1411 24.43 -32.09 -31.09
C SER A 1411 25.00 -33.42 -30.61
N ARG A 1412 26.24 -33.41 -30.15
CA ARG A 1412 26.85 -34.62 -29.57
C ARG A 1412 25.86 -35.34 -28.65
N GLU A 1413 25.18 -34.57 -27.78
CA GLU A 1413 24.10 -35.05 -26.92
C GLU A 1413 22.90 -35.52 -27.76
N GLU A 1414 22.51 -34.68 -28.72
CA GLU A 1414 21.34 -34.91 -29.57
C GLU A 1414 21.42 -36.20 -30.38
N SER A 1415 20.25 -36.76 -30.72
CA SER A 1415 20.17 -37.89 -31.64
C SER A 1415 20.36 -37.43 -33.09
N SER A 1416 21.00 -38.27 -33.90
CA SER A 1416 21.20 -37.96 -35.32
C SER A 1416 19.87 -38.01 -36.09
N SER A 1417 18.81 -38.40 -35.38
CA SER A 1417 17.46 -38.42 -35.93
C SER A 1417 17.05 -37.07 -36.50
N GLY A 1418 17.11 -36.03 -35.67
CA GLY A 1418 16.59 -34.72 -36.04
C GLY A 1418 15.77 -34.03 -34.94
N SER A 1419 15.25 -32.85 -35.24
CA SER A 1419 14.62 -32.05 -34.20
C SER A 1419 13.18 -32.40 -33.91
N SER A 1420 12.72 -31.99 -32.72
CA SER A 1420 11.30 -31.94 -32.40
C SER A 1420 10.59 -31.05 -33.41
N HIS A 1421 9.25 -30.97 -33.35
CA HIS A 1421 8.53 -30.06 -34.27
C HIS A 1421 9.12 -28.70 -34.22
N ALA A 1422 9.46 -28.23 -35.41
CA ALA A 1422 10.10 -26.96 -35.61
C ALA A 1422 9.21 -26.16 -36.56
N VAL A 1423 9.41 -24.85 -36.56
CA VAL A 1423 8.58 -23.93 -37.32
C VAL A 1423 9.46 -23.08 -38.21
N MET A 1424 9.08 -22.98 -39.49
CA MET A 1424 9.74 -22.09 -40.42
C MET A 1424 8.88 -20.87 -40.70
N ASP A 1425 9.49 -19.70 -40.54
CA ASP A 1425 8.82 -18.43 -40.61
C ASP A 1425 9.52 -17.58 -41.65
N ILE A 1426 8.89 -17.51 -42.80
CA ILE A 1426 9.44 -16.79 -43.92
C ILE A 1426 8.72 -15.45 -44.03
N SER A 1427 9.39 -14.38 -43.62
CA SER A 1427 8.88 -13.00 -43.73
C SER A 1427 8.89 -12.56 -45.19
N LEU A 1428 7.75 -12.12 -45.71
CA LEU A 1428 7.67 -11.65 -47.07
C LEU A 1428 7.88 -10.16 -47.09
N PRO A 1429 8.62 -9.67 -48.08
CA PRO A 1429 8.87 -8.23 -48.23
C PRO A 1429 7.56 -7.52 -48.44
N THR A 1430 7.55 -6.24 -48.14
CA THR A 1430 6.31 -5.48 -48.11
C THR A 1430 5.61 -5.58 -49.47
N GLY A 1431 4.32 -5.98 -49.44
CA GLY A 1431 3.52 -6.17 -50.63
C GLY A 1431 3.92 -7.37 -51.46
N ILE A 1432 4.14 -8.51 -50.82
CA ILE A 1432 4.44 -9.74 -51.57
C ILE A 1432 3.56 -10.90 -51.08
N SER A 1433 2.43 -11.10 -51.75
CA SER A 1433 1.52 -12.20 -51.42
C SER A 1433 2.11 -13.54 -51.79
N ALA A 1434 1.54 -14.60 -51.21
CA ALA A 1434 1.92 -15.95 -51.57
C ALA A 1434 0.82 -16.68 -52.39
N ASN A 1435 1.22 -17.80 -53.01
CA ASN A 1435 0.28 -18.70 -53.69
C ASN A 1435 -0.37 -19.66 -52.67
N GLU A 1436 -1.55 -19.28 -52.15
CA GLU A 1436 -2.24 -20.09 -51.12
C GLU A 1436 -2.26 -21.60 -51.47
N GLU A 1437 -2.61 -21.91 -52.72
CA GLU A 1437 -2.66 -23.28 -53.26
C GLU A 1437 -1.36 -24.08 -53.09
N ASP A 1438 -0.23 -23.50 -53.50
CA ASP A 1438 1.07 -24.15 -53.41
C ASP A 1438 1.36 -24.68 -51.99
N LEU A 1439 1.02 -23.89 -50.97
CA LEU A 1439 1.25 -24.23 -49.56
C LEU A 1439 0.39 -25.44 -49.18
N LYS A 1440 -0.92 -25.29 -49.34
CA LYS A 1440 -1.91 -26.37 -49.22
C LYS A 1440 -1.36 -27.71 -49.71
N ALA A 1441 -0.71 -27.67 -50.87
CA ALA A 1441 -0.20 -28.85 -51.59
C ALA A 1441 0.79 -29.70 -50.81
N LEU A 1442 1.59 -29.08 -49.96
CA LEU A 1442 2.60 -29.82 -49.24
C LEU A 1442 2.20 -30.21 -47.82
N VAL A 1443 1.12 -29.60 -47.31
CA VAL A 1443 0.54 -29.98 -46.02
C VAL A 1443 -0.65 -30.96 -46.19
N GLU A 1444 -1.46 -30.70 -47.21
CA GLU A 1444 -2.69 -31.46 -47.43
C GLU A 1444 -2.48 -32.72 -48.30
N GLY A 1445 -1.23 -33.00 -48.65
CA GLY A 1445 -0.83 -34.25 -49.31
C GLY A 1445 -0.32 -35.19 -48.24
N VAL A 1446 -0.93 -36.37 -48.16
CA VAL A 1446 -0.81 -37.28 -46.99
C VAL A 1446 0.62 -37.81 -46.75
N ASP A 1447 1.48 -37.67 -47.77
CA ASP A 1447 2.93 -37.83 -47.60
C ASP A 1447 3.53 -36.46 -47.22
N GLN A 1448 2.83 -35.81 -46.31
CA GLN A 1448 3.03 -34.42 -45.91
C GLN A 1448 4.42 -34.05 -45.41
N LEU A 1449 5.01 -33.10 -46.10
CA LEU A 1449 6.22 -32.45 -45.68
C LEU A 1449 5.97 -31.65 -44.39
N PHE A 1450 4.78 -31.06 -44.29
CA PHE A 1450 4.41 -30.17 -43.17
C PHE A 1450 3.06 -30.52 -42.59
N THR A 1451 2.80 -30.03 -41.38
CA THR A 1451 1.57 -30.32 -40.66
C THR A 1451 0.58 -29.17 -40.60
N ASP A 1452 1.01 -28.00 -41.09
CA ASP A 1452 0.28 -26.75 -40.87
C ASP A 1452 0.83 -25.58 -41.72
N TYR A 1453 -0.06 -24.67 -42.13
CA TYR A 1453 0.37 -23.39 -42.71
C TYR A 1453 -0.54 -22.23 -42.30
N GLN A 1454 -0.02 -21.01 -42.46
CA GLN A 1454 -0.77 -19.77 -42.20
C GLN A 1454 0.02 -18.51 -42.57
N ILE A 1455 -0.72 -17.45 -42.93
CA ILE A 1455 -0.13 -16.15 -43.28
C ILE A 1455 -0.53 -15.05 -42.29
N LYS A 1456 0.34 -14.78 -41.31
CA LYS A 1456 0.18 -13.67 -40.33
C LYS A 1456 0.99 -12.47 -40.79
N ASP A 1457 0.32 -11.34 -41.01
CA ASP A 1457 0.97 -10.14 -41.54
C ASP A 1457 1.80 -10.49 -42.78
N GLY A 1458 3.10 -10.17 -42.74
CA GLY A 1458 4.04 -10.44 -43.83
C GLY A 1458 4.50 -11.89 -43.87
N HIS A 1459 4.37 -12.55 -42.73
CA HIS A 1459 4.94 -13.88 -42.51
C HIS A 1459 4.19 -15.05 -43.11
N VAL A 1460 4.94 -16.01 -43.65
CA VAL A 1460 4.39 -17.31 -44.02
C VAL A 1460 4.89 -18.32 -42.98
N ILE A 1461 3.96 -18.97 -42.31
CA ILE A 1461 4.32 -19.80 -41.17
C ILE A 1461 4.00 -21.27 -41.39
N LEU A 1462 5.04 -22.03 -41.71
CA LEU A 1462 4.98 -23.49 -41.87
C LEU A 1462 5.43 -24.18 -40.59
N GLN A 1463 4.99 -25.42 -40.38
CA GLN A 1463 5.32 -26.20 -39.16
C GLN A 1463 5.41 -27.70 -39.43
N LEU A 1464 6.34 -28.36 -38.76
CA LEU A 1464 6.56 -29.78 -38.99
C LEU A 1464 6.95 -30.53 -37.73
N ASN A 1465 7.05 -31.86 -37.86
CA ASN A 1465 7.38 -32.78 -36.77
C ASN A 1465 8.86 -32.84 -36.42
N SER A 1466 9.67 -32.87 -37.45
CA SER A 1466 11.11 -32.83 -37.29
C SER A 1466 11.73 -32.38 -38.59
N ILE A 1467 12.93 -31.81 -38.49
CA ILE A 1467 13.68 -31.45 -39.67
C ILE A 1467 14.87 -32.40 -39.80
N PRO A 1468 14.86 -33.24 -40.85
CA PRO A 1468 15.96 -34.13 -41.22
C PRO A 1468 17.34 -33.53 -40.98
N SER A 1469 18.14 -34.21 -40.18
CA SER A 1469 19.52 -33.81 -40.01
C SER A 1469 20.38 -34.56 -41.00
N SER A 1470 19.88 -35.69 -41.50
CA SER A 1470 20.55 -36.43 -42.57
C SER A 1470 21.00 -35.51 -43.72
N ASP A 1471 20.08 -34.72 -44.25
CA ASP A 1471 20.41 -33.75 -45.31
C ASP A 1471 19.45 -32.57 -45.29
N PHE A 1472 19.28 -31.91 -46.44
CA PHE A 1472 18.40 -30.76 -46.56
C PHE A 1472 16.98 -31.10 -46.93
N LEU A 1473 16.05 -30.32 -46.36
CA LEU A 1473 14.63 -30.45 -46.62
C LEU A 1473 14.10 -29.10 -47.07
N CYS A 1474 13.31 -29.10 -48.14
CA CYS A 1474 12.87 -27.87 -48.76
C CYS A 1474 11.39 -27.80 -49.03
N VAL A 1475 10.86 -26.61 -48.75
CA VAL A 1475 9.57 -26.18 -49.26
C VAL A 1475 9.82 -25.23 -50.45
N ARG A 1476 9.05 -25.42 -51.52
CA ARG A 1476 8.99 -24.44 -52.60
C ARG A 1476 7.56 -23.95 -52.80
N PHE A 1477 7.41 -22.63 -52.94
CA PHE A 1477 6.11 -22.00 -53.14
C PHE A 1477 6.24 -20.67 -53.89
N ARG A 1478 5.21 -20.31 -54.65
CA ARG A 1478 5.24 -19.08 -55.45
C ARG A 1478 4.84 -17.86 -54.62
N ILE A 1479 5.41 -16.71 -54.98
CA ILE A 1479 5.06 -15.41 -54.40
C ILE A 1479 4.94 -14.37 -55.51
N PHE A 1480 3.72 -14.00 -55.88
CA PHE A 1480 3.59 -12.91 -56.84
C PHE A 1480 3.80 -11.55 -56.18
N GLU A 1481 4.41 -10.64 -56.94
CA GLU A 1481 4.55 -9.23 -56.57
C GLU A 1481 3.20 -8.55 -56.74
N LEU A 1482 2.24 -8.96 -55.92
CA LEU A 1482 0.85 -8.49 -55.93
C LEU A 1482 0.81 -6.98 -56.08
N PHE A 1483 1.83 -6.35 -55.51
CA PHE A 1483 2.13 -4.98 -55.82
C PHE A 1483 3.60 -4.60 -55.66
N GLU A 1484 3.97 -3.48 -56.26
CA GLU A 1484 5.30 -2.93 -56.15
C GLU A 1484 5.18 -1.75 -55.19
N VAL A 1485 5.89 -1.86 -54.07
CA VAL A 1485 6.16 -0.72 -53.21
C VAL A 1485 7.47 -0.27 -53.76
N GLY A 1486 7.56 1.01 -54.10
CA GLY A 1486 8.77 1.59 -54.66
C GLY A 1486 9.99 1.22 -53.84
N PHE A 1487 10.06 1.71 -52.61
CA PHE A 1487 11.20 1.41 -51.76
C PHE A 1487 10.96 0.25 -50.79
N LEU A 1488 11.98 -0.61 -50.58
CA LEU A 1488 11.93 -1.66 -49.54
C LEU A 1488 13.26 -2.06 -48.94
N SER A 1489 13.16 -3.00 -48.00
CA SER A 1489 14.26 -3.57 -47.24
C SER A 1489 14.10 -5.10 -47.21
N PRO A 1490 15.18 -5.83 -46.85
CA PRO A 1490 15.11 -7.29 -46.88
C PRO A 1490 14.30 -7.84 -45.72
N ALA A 1491 13.57 -8.93 -45.98
CA ALA A 1491 12.82 -9.59 -44.94
C ALA A 1491 13.62 -10.80 -44.48
N THR A 1492 13.05 -11.55 -43.54
CA THR A 1492 13.79 -12.56 -42.82
C THR A 1492 13.30 -13.98 -43.09
N PHE A 1493 14.21 -14.94 -42.95
CA PHE A 1493 13.89 -16.38 -42.93
C PHE A 1493 14.39 -17.02 -41.63
N THR A 1494 13.48 -17.10 -40.67
CA THR A 1494 13.74 -17.51 -39.29
C THR A 1494 13.13 -18.89 -38.99
N VAL A 1495 13.95 -19.86 -38.56
CA VAL A 1495 13.49 -21.25 -38.25
C VAL A 1495 14.08 -21.88 -36.98
N TYR A 1496 13.21 -22.32 -36.08
CA TYR A 1496 13.54 -22.62 -34.70
C TYR A 1496 12.76 -23.80 -34.13
N GLU A 1497 13.19 -24.32 -32.99
CA GLU A 1497 12.45 -25.38 -32.26
C GLU A 1497 11.35 -24.74 -31.38
N TYR A 1498 10.13 -25.26 -31.47
CA TYR A 1498 8.93 -24.58 -30.91
C TYR A 1498 9.04 -24.38 -29.42
N HIS A 1499 9.67 -25.34 -28.77
CA HIS A 1499 9.77 -25.33 -27.34
C HIS A 1499 11.01 -24.62 -26.87
N ARG A 1500 11.68 -23.91 -27.78
CA ARG A 1500 12.84 -23.07 -27.46
C ARG A 1500 13.07 -21.86 -28.39
N PRO A 1501 12.41 -20.70 -28.10
CA PRO A 1501 12.64 -19.38 -28.73
C PRO A 1501 14.09 -18.88 -28.89
N ASP A 1502 15.01 -19.36 -28.07
CA ASP A 1502 16.43 -18.94 -28.11
C ASP A 1502 17.20 -19.60 -29.27
N LYS A 1503 16.83 -20.83 -29.63
CA LYS A 1503 17.39 -21.48 -30.81
C LYS A 1503 16.59 -21.04 -32.01
N GLN A 1504 16.77 -19.76 -32.33
CA GLN A 1504 16.12 -19.10 -33.44
C GLN A 1504 17.25 -18.70 -34.37
N CYS A 1505 17.27 -19.28 -35.58
CA CYS A 1505 18.21 -18.91 -36.63
C CYS A 1505 17.46 -18.07 -37.64
N THR A 1506 17.94 -16.85 -37.82
CA THR A 1506 17.29 -15.92 -38.69
C THR A 1506 18.30 -15.67 -39.77
N MET A 1507 17.86 -15.77 -41.01
CA MET A 1507 18.72 -15.45 -42.14
C MET A 1507 18.06 -14.36 -43.00
N PHE A 1508 18.87 -13.41 -43.47
CA PHE A 1508 18.42 -12.39 -44.41
C PHE A 1508 18.39 -12.92 -45.83
N TYR A 1509 17.50 -12.37 -46.62
CA TYR A 1509 17.43 -12.69 -48.03
C TYR A 1509 16.70 -11.56 -48.71
N SER A 1510 16.94 -11.38 -49.99
CA SER A 1510 16.22 -10.38 -50.77
C SER A 1510 15.23 -10.95 -51.82
N THR A 1511 14.18 -10.21 -52.10
CA THR A 1511 13.12 -10.69 -52.98
C THR A 1511 13.43 -10.36 -54.41
N SER A 1512 14.35 -9.43 -54.59
CA SER A 1512 14.72 -9.01 -55.93
C SER A 1512 16.08 -9.59 -56.17
N ASN A 1513 16.36 -10.01 -57.39
CA ASN A 1513 17.66 -10.55 -57.64
C ASN A 1513 18.49 -9.64 -58.50
N ILE A 1514 19.64 -9.25 -57.96
CA ILE A 1514 20.77 -8.84 -58.78
C ILE A 1514 22.09 -9.16 -58.11
N LYS A 1515 23.07 -8.39 -58.53
CA LYS A 1515 24.41 -8.78 -58.36
C LYS A 1515 25.26 -7.62 -57.86
N ILE A 1516 25.99 -7.86 -56.79
CA ILE A 1516 27.19 -7.08 -56.51
C ILE A 1516 28.03 -7.94 -55.61
N GLN A 1517 29.20 -8.33 -56.08
CA GLN A 1517 29.90 -9.36 -55.36
C GLN A 1517 30.86 -8.66 -54.40
N LYS A 1518 30.93 -9.09 -53.16
CA LYS A 1518 31.86 -8.41 -52.30
C LYS A 1518 33.17 -9.20 -52.39
N VAL A 1519 34.18 -8.63 -53.03
CA VAL A 1519 35.41 -9.37 -53.32
C VAL A 1519 36.52 -8.86 -52.45
N CYS A 1520 37.24 -9.79 -51.83
CA CYS A 1520 38.17 -9.45 -50.78
C CYS A 1520 39.59 -9.88 -51.13
N GLU A 1521 40.55 -9.03 -50.79
CA GLU A 1521 41.97 -9.34 -50.94
C GLU A 1521 42.79 -8.69 -49.83
N GLY A 1522 43.73 -9.45 -49.28
CA GLY A 1522 44.61 -8.94 -48.20
C GLY A 1522 43.95 -8.33 -46.96
N ALA A 1523 42.86 -8.95 -46.51
CA ALA A 1523 42.04 -8.46 -45.37
C ALA A 1523 41.26 -7.18 -45.71
N ALA A 1524 41.21 -6.85 -47.01
CA ALA A 1524 40.46 -5.69 -47.49
C ALA A 1524 39.45 -6.13 -48.55
N CYS A 1525 38.25 -5.58 -48.48
CA CYS A 1525 37.17 -5.92 -49.42
C CYS A 1525 36.82 -4.77 -50.33
N LYS A 1526 36.57 -5.08 -51.60
CA LYS A 1526 36.07 -4.12 -52.57
C LYS A 1526 35.22 -4.82 -53.62
N CYS A 1527 33.99 -4.34 -53.78
CA CYS A 1527 33.02 -4.93 -54.70
C CYS A 1527 33.34 -4.77 -56.20
N VAL A 1528 32.82 -5.76 -56.94
CA VAL A 1528 32.76 -5.81 -58.40
C VAL A 1528 31.47 -6.52 -58.74
N GLU A 1529 31.08 -6.46 -60.01
CA GLU A 1529 29.87 -7.10 -60.49
C GLU A 1529 30.28 -8.02 -61.60
N ALA A 1530 29.74 -9.23 -61.60
CA ALA A 1530 30.16 -10.23 -62.59
C ALA A 1530 29.09 -10.60 -63.62
N ASP A 1531 29.46 -10.44 -64.89
CA ASP A 1531 28.74 -11.04 -66.02
C ASP A 1531 29.39 -12.37 -66.20
N CYS A 1532 28.60 -13.42 -66.27
CA CYS A 1532 29.19 -14.73 -66.48
C CYS A 1532 30.00 -14.75 -67.79
N GLY A 1533 31.27 -15.16 -67.66
CA GLY A 1533 32.22 -15.19 -68.78
C GLY A 1533 31.94 -16.25 -69.84
N GLN A 1534 32.27 -15.94 -71.08
CA GLN A 1534 32.15 -16.92 -72.16
C GLN A 1534 33.52 -17.17 -72.77
N MET A 1535 33.84 -18.45 -72.85
CA MET A 1535 35.10 -18.96 -73.38
C MET A 1535 35.02 -19.01 -74.90
N GLN A 1536 36.10 -18.67 -75.59
CA GLN A 1536 36.18 -18.82 -77.05
C GLN A 1536 36.44 -20.26 -77.43
N GLU A 1537 35.98 -20.64 -78.62
CA GLU A 1537 35.70 -22.02 -78.96
C GLU A 1537 36.91 -22.92 -79.03
N GLU A 1538 38.01 -22.41 -79.55
CA GLU A 1538 39.29 -23.12 -79.58
C GLU A 1538 40.33 -22.19 -80.16
N LEU A 1539 41.51 -22.70 -80.46
CA LEU A 1539 42.58 -21.88 -80.97
C LEU A 1539 42.21 -21.25 -82.30
N ASP A 1540 41.55 -22.02 -83.17
CA ASP A 1540 41.20 -21.48 -84.50
C ASP A 1540 39.70 -21.56 -84.83
N LEU A 1541 39.16 -20.44 -85.27
CA LEU A 1541 37.83 -20.37 -85.83
C LEU A 1541 37.87 -19.44 -87.03
N THR A 1542 39.02 -19.35 -87.67
CA THR A 1542 39.19 -18.37 -88.74
C THR A 1542 38.75 -17.02 -88.17
N ILE A 1543 39.27 -16.75 -86.98
CA ILE A 1543 39.23 -15.46 -86.37
C ILE A 1543 40.00 -14.51 -87.28
N SER A 1544 39.36 -13.41 -87.64
CA SER A 1544 40.01 -12.43 -88.49
C SER A 1544 40.72 -11.44 -87.60
N ALA A 1545 41.99 -11.16 -87.92
CA ALA A 1545 42.76 -10.10 -87.28
C ALA A 1545 41.91 -8.86 -86.90
N GLU A 1546 41.22 -8.32 -87.90
CA GLU A 1546 40.38 -7.10 -87.77
C GLU A 1546 39.43 -7.15 -86.58
N THR A 1547 38.54 -8.15 -86.60
CA THR A 1547 37.53 -8.40 -85.56
C THR A 1547 38.17 -8.40 -84.20
N ARG A 1548 39.12 -9.31 -84.04
CA ARG A 1548 39.88 -9.42 -82.84
C ARG A 1548 40.25 -8.04 -82.32
N LYS A 1549 40.92 -7.25 -83.16
CA LYS A 1549 41.38 -5.92 -82.79
C LYS A 1549 40.28 -4.88 -82.64
N GLN A 1550 39.12 -5.19 -83.20
CA GLN A 1550 37.88 -4.44 -82.98
C GLN A 1550 37.51 -4.52 -81.49
N THR A 1551 37.30 -5.75 -81.01
CA THR A 1551 37.03 -6.01 -79.58
C THR A 1551 38.26 -5.71 -78.74
N ALA A 1552 39.44 -5.96 -79.28
CA ALA A 1552 40.69 -5.58 -78.61
C ALA A 1552 40.76 -4.07 -78.39
N CYS A 1553 40.59 -3.31 -79.45
CA CYS A 1553 40.52 -1.86 -79.33
C CYS A 1553 39.10 -1.32 -79.12
N LYS A 1554 38.14 -2.21 -78.87
CA LYS A 1554 36.79 -1.82 -78.42
C LYS A 1554 36.96 -0.87 -77.22
N PRO A 1555 36.23 0.27 -77.21
CA PRO A 1555 36.41 1.28 -76.15
C PRO A 1555 36.30 0.73 -74.72
N GLU A 1556 35.52 -0.32 -74.52
CA GLU A 1556 35.35 -0.92 -73.20
C GLU A 1556 36.63 -1.61 -72.69
N ILE A 1557 37.25 -2.49 -73.48
CA ILE A 1557 38.54 -3.14 -73.14
C ILE A 1557 39.62 -2.17 -72.65
N ALA A 1558 40.43 -2.64 -71.71
CA ALA A 1558 41.53 -1.87 -71.17
C ALA A 1558 42.87 -2.57 -71.42
N TYR A 1559 42.91 -3.85 -71.14
CA TYR A 1559 44.16 -4.58 -71.22
C TYR A 1559 43.98 -5.85 -71.99
N ALA A 1560 44.75 -5.93 -73.05
CA ALA A 1560 44.79 -7.12 -73.83
C ALA A 1560 46.19 -7.69 -73.79
N TYR A 1561 46.37 -8.87 -73.15
CA TYR A 1561 47.68 -9.53 -73.09
C TYR A 1561 47.77 -10.99 -72.63
N LYS A 1562 48.89 -11.64 -72.98
CA LYS A 1562 49.11 -13.11 -72.88
C LYS A 1562 49.65 -13.59 -71.57
N VAL A 1563 48.86 -14.41 -70.90
CA VAL A 1563 49.25 -14.90 -69.62
C VAL A 1563 49.26 -16.42 -69.67
N SER A 1564 50.17 -17.00 -68.92
CA SER A 1564 50.05 -18.41 -68.63
C SER A 1564 49.61 -18.53 -67.18
N ILE A 1565 48.72 -19.48 -66.92
CA ILE A 1565 48.24 -19.74 -65.58
C ILE A 1565 49.31 -20.46 -64.76
N THR A 1566 49.18 -20.38 -63.45
CA THR A 1566 50.09 -21.09 -62.56
C THR A 1566 49.28 -21.71 -61.42
N SER A 1567 48.38 -20.92 -60.83
CA SER A 1567 47.60 -21.35 -59.66
C SER A 1567 46.09 -21.11 -59.79
N ILE A 1568 45.30 -21.97 -59.14
CA ILE A 1568 43.83 -21.85 -59.06
C ILE A 1568 43.34 -22.01 -57.61
N THR A 1569 42.69 -20.99 -57.06
CA THR A 1569 41.94 -21.08 -55.77
C THR A 1569 40.43 -21.12 -56.06
N VAL A 1570 39.59 -21.46 -55.06
CA VAL A 1570 38.11 -21.51 -55.20
C VAL A 1570 37.39 -21.10 -53.91
N GLU A 1571 37.16 -19.80 -53.74
CA GLU A 1571 36.87 -19.25 -52.42
C GLU A 1571 35.61 -18.37 -52.28
N ASN A 1572 34.56 -18.94 -51.67
CA ASN A 1572 33.31 -18.23 -51.32
C ASN A 1572 32.73 -17.42 -52.46
N VAL A 1573 32.23 -18.13 -53.49
CA VAL A 1573 31.60 -17.50 -54.65
C VAL A 1573 32.55 -17.25 -55.85
N PHE A 1574 33.84 -17.02 -55.61
CA PHE A 1574 34.83 -16.70 -56.66
C PHE A 1574 35.97 -17.70 -56.93
N VAL A 1575 36.68 -17.53 -58.05
CA VAL A 1575 37.70 -18.49 -58.48
C VAL A 1575 39.00 -17.84 -58.93
N LYS A 1576 39.83 -17.42 -57.97
CA LYS A 1576 41.12 -16.74 -58.25
C LYS A 1576 42.12 -17.51 -59.10
N TYR A 1577 42.71 -16.81 -60.07
CA TYR A 1577 43.68 -17.36 -61.03
C TYR A 1577 45.00 -16.59 -60.99
N LYS A 1578 46.03 -17.22 -60.41
CA LYS A 1578 47.35 -16.60 -60.34
C LYS A 1578 48.09 -16.91 -61.63
N ALA A 1579 48.35 -15.88 -62.43
CA ALA A 1579 48.97 -16.08 -63.73
C ALA A 1579 50.18 -15.19 -63.99
N THR A 1580 51.29 -15.85 -64.33
CA THR A 1580 52.56 -15.18 -64.72
C THR A 1580 52.49 -14.64 -66.16
N LEU A 1581 52.98 -13.42 -66.31
CA LEU A 1581 52.61 -12.56 -67.41
C LEU A 1581 53.70 -12.49 -68.49
N LEU A 1582 53.31 -12.76 -69.73
CA LEU A 1582 54.21 -12.69 -70.88
C LEU A 1582 54.00 -11.33 -71.60
N ASP A 1583 54.53 -11.14 -72.82
CA ASP A 1583 54.51 -9.79 -73.45
C ASP A 1583 53.09 -9.20 -73.73
N ILE A 1584 52.96 -7.87 -73.66
CA ILE A 1584 51.66 -7.19 -73.43
C ILE A 1584 50.64 -6.82 -74.57
N TYR A 1585 51.05 -6.12 -75.64
CA TYR A 1585 50.10 -5.76 -76.71
C TYR A 1585 49.29 -4.46 -76.47
N LYS A 1586 48.47 -4.45 -75.41
CA LYS A 1586 47.73 -3.24 -75.01
C LYS A 1586 47.67 -3.05 -73.47
N THR A 1587 48.25 -1.97 -72.97
CA THR A 1587 48.30 -1.72 -71.52
C THR A 1587 47.13 -0.93 -71.04
N GLY A 1588 46.66 -1.33 -69.86
CA GLY A 1588 45.50 -0.72 -69.25
C GLY A 1588 45.89 0.52 -68.48
N GLU A 1589 44.88 1.06 -67.78
CA GLU A 1589 45.04 2.14 -66.79
C GLU A 1589 46.03 1.66 -65.75
N ALA A 1590 45.55 0.81 -64.84
CA ALA A 1590 46.41 0.12 -63.90
C ALA A 1590 47.44 -0.74 -64.66
N VAL A 1591 48.63 -0.16 -64.89
CA VAL A 1591 49.72 -0.81 -65.64
C VAL A 1591 50.46 -1.90 -64.86
N ALA A 1592 50.33 -3.13 -65.34
CA ALA A 1592 51.08 -4.24 -64.81
C ALA A 1592 52.51 -4.26 -65.37
N GLU A 1593 53.42 -4.84 -64.57
CA GLU A 1593 54.81 -5.10 -64.93
C GLU A 1593 54.89 -6.22 -65.95
N LYS A 1594 56.10 -6.69 -66.24
CA LYS A 1594 56.28 -7.67 -67.31
C LYS A 1594 56.19 -9.14 -66.91
N ASP A 1595 57.14 -9.66 -66.15
CA ASP A 1595 57.03 -11.04 -65.71
C ASP A 1595 56.30 -11.16 -64.39
N SER A 1596 55.74 -10.02 -64.00
CA SER A 1596 54.69 -9.88 -63.00
C SER A 1596 53.64 -11.04 -62.93
N GLU A 1597 53.06 -11.22 -61.74
CA GLU A 1597 51.94 -12.17 -61.55
C GLU A 1597 50.60 -11.47 -61.22
N ILE A 1598 49.63 -11.54 -62.13
CA ILE A 1598 48.32 -10.94 -61.85
C ILE A 1598 47.35 -11.94 -61.23
N THR A 1599 46.26 -11.40 -60.67
CA THR A 1599 45.14 -12.21 -60.18
C THR A 1599 43.83 -11.94 -60.98
N PHE A 1600 43.28 -13.00 -61.57
CA PHE A 1600 41.99 -12.90 -62.24
C PHE A 1600 40.94 -13.60 -61.38
N ILE A 1601 39.74 -13.00 -61.30
CA ILE A 1601 38.56 -13.68 -60.75
C ILE A 1601 37.40 -13.78 -61.76
N LYS A 1602 36.77 -14.94 -61.81
CA LYS A 1602 35.40 -15.03 -62.31
C LYS A 1602 34.77 -16.08 -61.42
N LYS A 1603 33.54 -15.79 -60.98
CA LYS A 1603 32.92 -16.61 -59.94
C LYS A 1603 32.29 -17.89 -60.51
N VAL A 1604 31.98 -18.81 -59.60
CA VAL A 1604 31.87 -20.25 -59.84
C VAL A 1604 30.69 -20.63 -60.68
N THR A 1605 29.69 -19.75 -60.63
CA THR A 1605 28.45 -19.92 -61.37
C THR A 1605 28.78 -20.17 -62.86
N CYS A 1606 29.98 -19.76 -63.30
CA CYS A 1606 30.44 -19.85 -64.72
C CYS A 1606 31.11 -21.19 -65.10
N THR A 1607 30.78 -21.71 -66.29
CA THR A 1607 31.30 -23.01 -66.76
C THR A 1607 31.77 -23.07 -68.22
N ASN A 1608 31.46 -22.06 -69.02
CA ASN A 1608 32.24 -21.83 -70.23
C ASN A 1608 33.68 -21.52 -69.84
N ALA A 1609 33.86 -20.40 -69.12
CA ALA A 1609 35.17 -19.95 -68.63
C ALA A 1609 35.72 -20.96 -67.64
N GLU A 1610 36.43 -21.94 -68.20
CA GLU A 1610 37.02 -23.00 -67.43
C GLU A 1610 38.46 -23.10 -67.92
N LEU A 1611 39.38 -22.60 -67.09
CA LEU A 1611 40.76 -22.41 -67.49
C LEU A 1611 41.68 -23.55 -67.09
N VAL A 1612 42.67 -23.81 -67.94
CA VAL A 1612 43.60 -24.92 -67.75
C VAL A 1612 44.81 -24.44 -66.95
N LYS A 1613 45.16 -25.18 -65.88
CA LYS A 1613 46.40 -24.92 -65.14
C LYS A 1613 47.61 -24.88 -66.08
N GLY A 1614 48.42 -23.83 -65.95
CA GLY A 1614 49.68 -23.72 -66.68
C GLY A 1614 49.61 -23.68 -68.20
N ARG A 1615 48.41 -23.46 -68.74
CA ARG A 1615 48.17 -23.36 -70.18
C ARG A 1615 48.08 -21.90 -70.62
N GLN A 1616 48.87 -21.53 -71.65
CA GLN A 1616 48.99 -20.14 -72.13
C GLN A 1616 47.69 -19.59 -72.72
N TYR A 1617 47.11 -18.61 -72.04
CA TYR A 1617 45.88 -17.98 -72.50
C TYR A 1617 46.13 -16.56 -72.95
N LEU A 1618 45.56 -16.21 -74.10
CA LEU A 1618 45.38 -14.80 -74.40
C LEU A 1618 44.06 -14.44 -73.78
N ILE A 1619 44.06 -13.30 -73.11
CA ILE A 1619 42.86 -12.78 -72.50
C ILE A 1619 42.77 -11.32 -72.91
N MET A 1620 41.54 -10.90 -73.17
CA MET A 1620 41.28 -9.52 -73.49
C MET A 1620 40.44 -8.91 -72.39
N GLY A 1621 41.12 -8.62 -71.27
CA GLY A 1621 40.50 -8.20 -70.02
C GLY A 1621 40.05 -6.76 -70.01
N LYS A 1622 38.82 -6.55 -69.53
CA LYS A 1622 38.18 -5.24 -69.65
C LYS A 1622 38.44 -4.30 -68.51
N GLU A 1623 38.57 -4.86 -67.33
CA GLU A 1623 38.64 -4.00 -66.18
C GLU A 1623 39.93 -4.26 -65.49
N ALA A 1624 40.62 -3.18 -65.12
CA ALA A 1624 41.65 -3.33 -64.12
C ALA A 1624 41.03 -2.82 -62.84
N LEU A 1625 40.79 -3.73 -61.89
CA LEU A 1625 40.22 -3.37 -60.60
C LEU A 1625 41.34 -3.18 -59.58
N GLN A 1626 41.57 -1.93 -59.20
CA GLN A 1626 42.67 -1.60 -58.30
C GLN A 1626 42.17 -1.17 -56.92
N ILE A 1627 41.46 -2.08 -56.27
CA ILE A 1627 41.25 -2.05 -54.84
C ILE A 1627 42.58 -1.69 -54.16
N LYS A 1628 42.63 -0.55 -53.46
CA LYS A 1628 43.86 -0.21 -52.73
C LYS A 1628 43.69 -0.30 -51.21
N TYR A 1629 44.30 -1.33 -50.65
CA TYR A 1629 44.15 -1.67 -49.24
C TYR A 1629 45.52 -1.65 -48.51
N ASN A 1630 45.59 -0.92 -47.41
CA ASN A 1630 46.77 -0.84 -46.52
C ASN A 1630 48.06 -0.18 -47.09
N PHE A 1631 47.91 0.71 -48.06
CA PHE A 1631 49.05 1.36 -48.75
C PHE A 1631 49.82 0.40 -49.68
N SER A 1632 49.28 -0.80 -49.86
CA SER A 1632 49.76 -1.69 -50.89
C SER A 1632 48.66 -1.76 -51.95
N PHE A 1633 49.02 -1.56 -53.21
CA PHE A 1633 48.00 -1.47 -54.24
C PHE A 1633 48.09 -2.64 -55.19
N ARG A 1634 46.99 -3.39 -55.29
CA ARG A 1634 46.97 -4.56 -56.13
C ARG A 1634 45.95 -4.55 -57.24
N TYR A 1635 46.08 -5.47 -58.16
CA TYR A 1635 45.07 -5.60 -59.18
C TYR A 1635 44.40 -6.95 -59.10
N ILE A 1636 43.07 -6.91 -59.02
CA ILE A 1636 42.25 -8.01 -59.43
C ILE A 1636 41.69 -7.66 -60.82
N TYR A 1637 41.68 -8.64 -61.70
CA TYR A 1637 41.06 -8.48 -63.00
C TYR A 1637 39.83 -9.37 -62.97
N PRO A 1638 38.68 -8.88 -63.45
CA PRO A 1638 37.48 -9.69 -63.64
C PRO A 1638 37.32 -10.30 -65.04
N LEU A 1639 36.43 -11.29 -65.14
CA LEU A 1639 36.14 -11.94 -66.41
C LEU A 1639 34.66 -11.85 -66.74
N ASP A 1640 34.29 -10.66 -67.20
CA ASP A 1640 32.97 -10.37 -67.73
C ASP A 1640 32.72 -11.27 -68.95
N SER A 1641 31.45 -11.34 -69.35
CA SER A 1641 31.10 -12.01 -70.59
C SER A 1641 31.88 -11.41 -71.75
N LEU A 1642 31.99 -10.08 -71.69
CA LEU A 1642 32.74 -9.22 -72.63
C LEU A 1642 34.18 -9.68 -72.86
N THR A 1643 34.77 -10.25 -71.81
CA THR A 1643 36.15 -10.72 -71.79
C THR A 1643 36.42 -11.80 -72.84
N TRP A 1644 37.57 -11.67 -73.48
CA TRP A 1644 38.03 -12.65 -74.45
C TRP A 1644 38.86 -13.70 -73.74
N ILE A 1645 38.82 -14.92 -74.27
CA ILE A 1645 39.60 -16.06 -73.78
C ILE A 1645 40.03 -16.84 -75.01
N GLU A 1646 41.28 -17.28 -75.12
CA GLU A 1646 41.71 -18.08 -76.26
C GLU A 1646 43.00 -18.73 -75.88
N TYR A 1647 43.29 -19.91 -76.39
CA TYR A 1647 44.55 -20.53 -75.97
C TYR A 1647 45.43 -20.99 -77.09
N TRP A 1648 46.50 -20.22 -77.36
CA TRP A 1648 47.49 -20.67 -78.30
C TRP A 1648 48.62 -21.35 -77.59
N PRO A 1649 48.42 -22.66 -77.27
CA PRO A 1649 49.47 -23.48 -76.67
C PRO A 1649 50.80 -23.47 -77.45
N ARG A 1650 51.88 -23.71 -76.72
CA ARG A 1650 53.25 -23.80 -77.26
C ARG A 1650 53.48 -24.95 -78.26
N ASP A 1651 52.85 -26.09 -78.03
CA ASP A 1651 52.99 -27.27 -78.92
C ASP A 1651 52.87 -26.78 -80.36
N THR A 1652 53.77 -27.20 -81.23
CA THR A 1652 53.74 -26.70 -82.61
C THR A 1652 53.78 -27.81 -83.66
N THR A 1653 53.35 -27.48 -84.87
CA THR A 1653 53.48 -28.34 -86.05
C THR A 1653 52.53 -29.52 -85.95
N CYS A 1654 51.75 -29.51 -84.88
CA CYS A 1654 50.66 -30.47 -84.68
C CYS A 1654 49.47 -30.14 -85.61
N SER A 1655 49.69 -30.36 -86.90
CA SER A 1655 48.68 -30.18 -87.94
C SER A 1655 48.31 -28.71 -88.09
N SER A 1656 47.02 -28.42 -88.01
CA SER A 1656 46.47 -27.08 -88.20
C SER A 1656 46.83 -26.07 -87.09
N CYS A 1657 47.39 -26.55 -85.99
CA CYS A 1657 47.76 -25.68 -84.88
C CYS A 1657 48.74 -24.58 -85.31
N GLN A 1658 49.63 -24.89 -86.25
CA GLN A 1658 50.60 -23.91 -86.76
C GLN A 1658 49.94 -22.71 -87.43
N ALA A 1659 48.87 -22.96 -88.19
CA ALA A 1659 48.15 -21.90 -88.88
C ALA A 1659 47.62 -20.80 -87.94
N PHE A 1660 47.01 -21.18 -86.83
CA PHE A 1660 46.54 -20.19 -85.84
C PHE A 1660 47.63 -19.20 -85.43
N LEU A 1661 48.88 -19.66 -85.46
CA LEU A 1661 50.00 -18.85 -85.00
C LEU A 1661 50.25 -17.68 -85.96
N ALA A 1662 49.92 -17.88 -87.23
CA ALA A 1662 50.04 -16.85 -88.26
C ALA A 1662 49.17 -15.62 -88.00
N ASN A 1663 47.97 -15.83 -87.46
CA ASN A 1663 47.07 -14.71 -87.18
C ASN A 1663 47.33 -14.10 -85.82
N LEU A 1664 47.55 -14.95 -84.82
CA LEU A 1664 47.83 -14.45 -83.49
C LEU A 1664 48.96 -13.41 -83.57
N ASP A 1665 50.13 -13.85 -84.05
CA ASP A 1665 51.32 -12.98 -84.16
C ASP A 1665 51.06 -11.78 -85.05
N GLU A 1666 50.14 -11.93 -86.01
CA GLU A 1666 49.68 -10.83 -86.89
C GLU A 1666 49.05 -9.72 -86.06
N PHE A 1667 47.86 -9.98 -85.53
CA PHE A 1667 47.17 -9.12 -84.54
C PHE A 1667 48.12 -8.58 -83.47
N ALA A 1668 48.98 -9.46 -82.97
CA ALA A 1668 49.97 -9.13 -81.97
C ALA A 1668 50.80 -7.90 -82.35
N GLU A 1669 51.65 -8.07 -83.36
CA GLU A 1669 52.53 -7.01 -83.81
C GLU A 1669 51.79 -5.77 -84.31
N ASP A 1670 50.54 -5.97 -84.72
CA ASP A 1670 49.73 -4.89 -85.28
C ASP A 1670 49.43 -3.79 -84.26
N ILE A 1671 48.88 -4.20 -83.12
CA ILE A 1671 48.47 -3.27 -82.06
C ILE A 1671 49.67 -2.76 -81.23
N PHE A 1672 50.62 -3.67 -81.01
CA PHE A 1672 51.91 -3.37 -80.39
C PHE A 1672 52.57 -2.17 -81.06
N LEU A 1673 52.71 -2.21 -82.38
CA LEU A 1673 53.25 -1.10 -83.16
C LEU A 1673 52.29 0.07 -83.19
N ASN A 1674 51.11 -0.16 -83.78
CA ASN A 1674 50.08 0.87 -83.89
C ASN A 1674 48.92 0.67 -82.94
N GLY A 1675 48.52 1.77 -82.29
CA GLY A 1675 47.47 1.79 -81.25
C GLY A 1675 46.06 1.86 -81.76
N CYS A 1676 45.90 1.54 -83.05
CA CYS A 1676 44.60 1.41 -83.72
C CYS A 1676 44.20 2.60 -84.59
N CYS B 1 -19.50 20.66 110.63
CA CYS B 1 -18.90 21.67 109.71
C CYS B 1 -19.87 22.22 108.65
N PHE B 2 -19.97 23.56 108.56
CA PHE B 2 -20.69 24.23 107.46
C PHE B 2 -19.63 24.69 106.48
N CYS B 3 -19.52 24.00 105.34
CA CYS B 3 -18.47 24.27 104.35
C CYS B 3 -18.75 25.56 103.54
N ASP B 4 -20.02 25.94 103.47
CA ASP B 4 -20.40 27.18 102.79
C ASP B 4 -19.88 28.40 103.56
N HIS B 5 -19.30 28.16 104.74
CA HIS B 5 -18.61 29.21 105.49
C HIS B 5 -17.43 29.69 104.70
N TYR B 6 -16.85 28.78 103.90
CA TYR B 6 -15.78 29.10 102.94
C TYR B 6 -16.37 29.17 101.53
N ALA B 7 -16.48 30.42 101.03
CA ALA B 7 -17.20 30.76 99.79
C ALA B 7 -16.59 30.22 98.50
N TRP B 8 -17.47 29.81 97.57
CA TRP B 8 -17.05 29.46 96.21
C TRP B 8 -16.49 30.68 95.50
N THR B 9 -15.45 30.46 94.71
CA THR B 9 -15.01 31.43 93.72
C THR B 9 -16.04 31.40 92.63
N GLN B 10 -15.94 32.31 91.66
CA GLN B 10 -16.80 32.22 90.49
C GLN B 10 -16.32 31.10 89.59
N TRP B 11 -17.22 30.53 88.81
CA TRP B 11 -16.85 29.57 87.78
C TRP B 11 -15.90 30.21 86.81
N THR B 12 -14.90 29.45 86.34
CA THR B 12 -13.98 29.97 85.31
C THR B 12 -14.66 30.06 83.95
N SER B 13 -14.08 30.84 83.03
CA SER B 13 -14.52 30.88 81.63
C SER B 13 -14.14 29.57 80.95
N CYS B 14 -14.86 29.22 79.90
CA CYS B 14 -14.75 27.88 79.32
C CYS B 14 -13.42 27.61 78.62
N SER B 15 -12.90 26.38 78.77
CA SER B 15 -11.65 25.97 78.11
C SER B 15 -11.71 25.91 76.58
N LYS B 16 -12.92 25.81 76.01
CA LYS B 16 -13.14 25.92 74.56
C LYS B 16 -14.36 26.79 74.32
N THR B 17 -14.56 27.28 73.09
CA THR B 17 -15.77 28.07 72.74
C THR B 17 -16.85 27.23 72.03
N CYS B 18 -16.52 25.97 71.74
CA CYS B 18 -17.43 24.89 71.31
C CYS B 18 -16.70 23.53 71.22
N ASN B 19 -17.39 22.47 70.77
CA ASN B 19 -16.94 21.07 70.93
C ASN B 19 -16.70 20.67 72.40
N SER B 20 -17.33 21.43 73.31
CA SER B 20 -17.45 21.09 74.73
C SER B 20 -16.12 20.93 75.50
N GLY B 21 -15.75 21.97 76.25
CA GLY B 21 -14.60 21.89 77.14
C GLY B 21 -15.05 21.84 78.59
N THR B 22 -14.17 22.23 79.49
CA THR B 22 -14.48 22.21 80.93
C THR B 22 -14.30 23.60 81.58
N GLN B 23 -14.71 23.73 82.85
CA GLN B 23 -14.52 24.96 83.63
C GLN B 23 -14.58 24.61 85.11
N SER B 24 -14.00 25.45 85.96
CA SER B 24 -13.89 25.10 87.40
C SER B 24 -14.22 26.22 88.42
N ARG B 25 -14.54 25.79 89.65
CA ARG B 25 -14.68 26.66 90.82
C ARG B 25 -14.25 25.91 92.10
N HIS B 26 -13.72 26.66 93.06
CA HIS B 26 -13.15 26.08 94.27
C HIS B 26 -13.45 26.91 95.49
N ARG B 27 -13.60 26.25 96.64
CA ARG B 27 -13.80 26.98 97.88
C ARG B 27 -12.54 27.74 98.26
N GLN B 28 -12.72 28.94 98.84
CA GLN B 28 -11.60 29.75 99.35
C GLN B 28 -11.26 29.33 100.76
N ILE B 29 -10.47 28.27 100.85
CA ILE B 29 -10.15 27.61 102.10
C ILE B 29 -9.06 28.36 102.87
N VAL B 30 -9.31 28.56 104.15
CA VAL B 30 -8.32 29.05 105.10
C VAL B 30 -8.28 28.09 106.31
N VAL B 31 -7.09 27.59 106.63
CA VAL B 31 -6.93 26.48 107.55
C VAL B 31 -6.87 26.88 109.05
N ASP B 32 -7.97 27.42 109.58
CA ASP B 32 -8.02 28.02 110.93
C ASP B 32 -8.51 27.08 112.03
N LYS B 33 -8.97 27.63 113.16
CA LYS B 33 -9.45 26.82 114.30
C LYS B 33 -10.66 26.00 113.87
N TYR B 34 -11.64 26.68 113.29
CA TYR B 34 -12.90 26.11 112.82
C TYR B 34 -12.68 24.95 111.83
N TYR B 35 -11.78 25.13 110.86
CA TYR B 35 -11.44 24.13 109.84
C TYR B 35 -10.82 22.83 110.42
N GLN B 36 -9.77 22.96 111.23
CA GLN B 36 -9.07 21.83 111.85
C GLN B 36 -9.92 21.08 112.90
N GLU B 37 -10.77 21.82 113.62
CA GLU B 37 -11.54 21.25 114.73
C GLU B 37 -12.80 20.52 114.29
N ASN B 38 -13.50 21.07 113.30
CA ASN B 38 -14.78 20.50 112.86
C ASN B 38 -14.67 19.49 111.72
N PHE B 39 -13.43 19.05 111.46
CA PHE B 39 -13.08 18.09 110.42
C PHE B 39 -13.65 18.50 109.05
N CYS B 40 -13.56 19.79 108.74
CA CYS B 40 -14.05 20.28 107.44
C CYS B 40 -13.22 19.68 106.32
N GLU B 41 -11.95 19.40 106.61
CA GLU B 41 -11.02 18.79 105.65
C GLU B 41 -11.49 17.42 105.09
N GLN B 42 -12.20 16.64 105.91
CA GLN B 42 -12.72 15.32 105.53
C GLN B 42 -13.97 15.37 104.63
N ILE B 43 -14.89 16.27 104.95
CA ILE B 43 -16.22 16.28 104.34
C ILE B 43 -16.53 17.47 103.39
N CYS B 44 -15.57 18.35 103.14
CA CYS B 44 -15.86 19.54 102.32
C CYS B 44 -15.31 19.55 100.89
N SER B 45 -16.13 20.00 99.94
CA SER B 45 -15.77 20.01 98.52
C SER B 45 -14.76 21.11 98.18
N LYS B 46 -13.73 20.76 97.42
CA LYS B 46 -12.65 21.69 97.08
C LYS B 46 -12.61 22.10 95.61
N GLN B 47 -13.12 21.25 94.72
CA GLN B 47 -13.06 21.51 93.27
C GLN B 47 -14.27 21.00 92.45
N GLU B 48 -14.57 21.72 91.35
CA GLU B 48 -15.55 21.30 90.35
C GLU B 48 -15.02 21.62 88.94
N THR B 49 -15.03 20.62 88.05
CA THR B 49 -14.76 20.79 86.59
C THR B 49 -15.93 20.19 85.78
N ARG B 50 -16.31 20.82 84.66
CA ARG B 50 -17.55 20.43 83.95
C ARG B 50 -17.69 20.84 82.46
N GLU B 51 -18.81 20.42 81.85
CA GLU B 51 -19.23 20.82 80.48
C GLU B 51 -19.51 22.32 80.36
N CYS B 52 -18.80 22.96 79.44
CA CYS B 52 -19.15 24.29 78.97
C CYS B 52 -18.97 24.35 77.47
N ASN B 53 -19.57 25.36 76.83
CA ASN B 53 -19.69 25.46 75.37
C ASN B 53 -19.78 24.10 74.67
N TRP B 54 -20.87 23.45 75.06
CA TRP B 54 -21.29 22.09 74.84
C TRP B 54 -21.64 21.73 73.41
N GLN B 55 -22.48 22.57 72.80
CA GLN B 55 -22.94 22.38 71.42
C GLN B 55 -21.81 21.87 70.53
N ARG B 56 -22.12 21.09 69.48
CA ARG B 56 -21.12 20.76 68.47
C ARG B 56 -20.63 22.05 67.80
N CYS B 57 -19.31 22.13 67.60
CA CYS B 57 -18.73 23.25 66.88
C CYS B 57 -19.31 23.27 65.50
N PRO B 58 -19.73 24.46 65.03
CA PRO B 58 -20.29 24.54 63.68
C PRO B 58 -19.20 24.31 62.64
N ILE B 59 -19.60 23.80 61.49
CA ILE B 59 -18.66 23.58 60.41
C ILE B 59 -19.14 24.36 59.20
N ASN B 60 -18.30 25.26 58.71
CA ASN B 60 -18.58 26.04 57.52
C ASN B 60 -18.06 25.34 56.26
N CYS B 61 -18.69 25.68 55.14
CA CYS B 61 -18.43 25.07 53.83
C CYS B 61 -17.16 25.58 53.14
N LEU B 62 -16.36 24.68 52.59
CA LEU B 62 -15.05 25.04 52.04
C LEU B 62 -14.91 24.68 50.57
N LEU B 63 -14.85 25.73 49.75
CA LEU B 63 -14.75 25.63 48.30
C LEU B 63 -13.32 25.40 47.79
N GLY B 64 -13.18 25.24 46.47
CA GLY B 64 -11.88 25.22 45.81
C GLY B 64 -11.72 26.43 44.90
N ASP B 65 -10.46 26.77 44.62
CA ASP B 65 -10.15 27.72 43.56
C ASP B 65 -10.77 27.19 42.28
N PHE B 66 -10.96 28.07 41.29
CA PHE B 66 -11.49 27.65 40.01
C PHE B 66 -10.45 26.94 39.14
N GLY B 67 -10.93 26.13 38.19
CA GLY B 67 -10.07 25.43 37.23
C GLY B 67 -9.68 26.35 36.08
N PRO B 68 -8.84 25.86 35.14
CA PRO B 68 -8.49 26.75 34.03
C PRO B 68 -9.71 26.97 33.14
N TRP B 69 -9.87 28.18 32.62
CA TRP B 69 -10.92 28.50 31.66
C TRP B 69 -10.97 27.47 30.57
N SER B 70 -12.16 26.97 30.27
CA SER B 70 -12.38 25.89 29.27
C SER B 70 -12.82 26.43 27.91
N ASP B 71 -12.48 25.74 26.82
CA ASP B 71 -12.89 26.18 25.47
C ASP B 71 -14.34 26.60 25.55
N CYS B 72 -14.84 27.31 24.55
CA CYS B 72 -16.28 27.30 24.37
C CYS B 72 -16.60 26.91 22.96
N ASP B 73 -17.68 26.16 22.77
CA ASP B 73 -18.10 25.68 21.45
C ASP B 73 -19.41 24.94 21.57
N PRO B 74 -19.83 24.64 22.81
CA PRO B 74 -21.19 24.18 22.73
C PRO B 74 -21.86 25.13 21.76
N CYS B 75 -23.06 24.80 21.36
CA CYS B 75 -23.79 25.70 20.49
C CYS B 75 -24.38 26.82 21.37
N ILE B 76 -23.99 26.80 22.65
CA ILE B 76 -24.23 27.87 23.63
C ILE B 76 -22.88 28.44 24.03
N GLU B 77 -22.57 29.63 23.55
CA GLU B 77 -21.20 30.10 23.55
C GLU B 77 -20.87 31.06 24.68
N LYS B 78 -20.62 30.48 25.84
CA LYS B 78 -19.97 31.13 26.98
C LYS B 78 -18.83 30.19 27.36
N GLN B 79 -17.97 30.52 28.33
CA GLN B 79 -16.83 29.67 28.69
C GLN B 79 -17.02 28.92 30.03
N SER B 80 -16.74 27.60 30.05
CA SER B 80 -16.86 26.78 31.29
C SER B 80 -15.70 26.90 32.27
N LYS B 81 -15.99 27.03 33.56
CA LYS B 81 -14.97 27.10 34.60
C LYS B 81 -15.57 26.53 35.87
N VAL B 82 -14.84 25.65 36.52
CA VAL B 82 -15.42 24.85 37.59
C VAL B 82 -14.60 24.89 38.88
N ARG B 83 -15.29 24.88 40.03
CA ARG B 83 -14.66 24.63 41.33
C ARG B 83 -15.53 23.65 42.10
N SER B 84 -14.90 22.87 42.96
CA SER B 84 -15.60 21.82 43.73
C SER B 84 -15.32 21.88 45.23
N VAL B 85 -16.20 21.25 46.02
CA VAL B 85 -16.14 21.40 47.47
C VAL B 85 -15.10 20.56 48.18
N LEU B 86 -14.19 21.25 48.88
CA LEU B 86 -13.22 20.59 49.77
C LEU B 86 -13.88 20.08 51.07
N ARG B 87 -14.54 20.95 51.82
CA ARG B 87 -15.27 20.51 53.02
C ARG B 87 -16.72 21.01 53.02
N PRO B 88 -17.68 20.11 53.30
CA PRO B 88 -19.08 20.52 53.34
C PRO B 88 -19.53 21.08 54.68
N SER B 89 -20.42 22.06 54.59
CA SER B 89 -21.11 22.66 55.73
C SER B 89 -21.60 21.59 56.71
N GLN B 90 -21.37 21.80 58.00
CA GLN B 90 -21.94 20.88 58.98
C GLN B 90 -22.37 21.46 60.32
N PHE B 91 -23.35 20.78 60.92
CA PHE B 91 -23.83 21.13 62.23
C PHE B 91 -24.25 22.60 62.26
N GLY B 92 -24.93 23.03 61.19
CA GLY B 92 -25.46 24.39 61.08
C GLY B 92 -24.51 25.53 60.74
N GLY B 93 -23.21 25.24 60.59
CA GLY B 93 -22.20 26.25 60.17
C GLY B 93 -22.59 26.93 58.85
N GLN B 94 -21.80 27.88 58.36
CA GLN B 94 -22.22 28.60 57.16
C GLN B 94 -22.19 27.74 55.89
N PRO B 95 -23.34 27.60 55.20
CA PRO B 95 -23.43 26.75 54.00
C PRO B 95 -22.93 27.42 52.72
N CYS B 96 -22.71 26.64 51.66
CA CYS B 96 -22.28 27.17 50.35
C CYS B 96 -23.43 27.44 49.41
N THR B 97 -23.44 28.61 48.76
CA THR B 97 -24.24 28.82 47.53
C THR B 97 -23.50 29.66 46.51
N ALA B 98 -22.29 30.11 46.88
CA ALA B 98 -21.41 30.84 45.98
C ALA B 98 -21.04 29.98 44.75
N PRO B 99 -21.74 30.21 43.60
CA PRO B 99 -21.85 29.32 42.41
C PRO B 99 -20.73 28.29 42.17
N LEU B 100 -21.12 27.03 41.94
CA LEU B 100 -20.18 25.90 41.77
C LEU B 100 -19.46 25.98 40.43
N VAL B 101 -20.21 26.20 39.35
CA VAL B 101 -19.64 26.40 37.99
C VAL B 101 -20.07 27.74 37.35
N ALA B 102 -19.11 28.61 37.08
CA ALA B 102 -19.41 29.92 36.51
C ALA B 102 -18.86 30.11 35.09
N PHE B 103 -19.72 30.58 34.18
CA PHE B 103 -19.30 30.89 32.80
C PHE B 103 -19.62 32.32 32.28
N GLN B 104 -18.82 32.78 31.32
CA GLN B 104 -18.86 34.15 30.80
C GLN B 104 -18.70 34.15 29.26
N PRO B 105 -18.97 35.29 28.57
CA PRO B 105 -19.11 35.34 27.08
C PRO B 105 -17.92 34.84 26.23
N CYS B 106 -18.20 34.47 24.95
CA CYS B 106 -17.22 33.76 24.07
C CYS B 106 -17.42 33.73 22.50
N ILE B 107 -16.42 33.21 21.78
CA ILE B 107 -16.25 33.27 20.29
C ILE B 107 -16.19 31.91 19.57
N PRO B 108 -17.00 31.71 18.50
CA PRO B 108 -17.05 30.38 17.83
C PRO B 108 -15.94 30.09 16.83
N SER B 109 -14.97 29.28 17.24
CA SER B 109 -13.85 28.85 16.38
C SER B 109 -14.26 27.80 15.35
N LYS B 110 -15.32 27.07 15.67
CA LYS B 110 -16.00 26.20 14.74
C LYS B 110 -17.48 26.46 14.98
N LEU B 111 -18.27 26.60 13.92
CA LEU B 111 -19.70 26.75 14.17
C LEU B 111 -20.34 25.40 14.45
N CYS B 112 -21.22 25.42 15.45
CA CYS B 112 -21.95 24.27 15.93
C CYS B 112 -22.42 23.32 14.82
N LYS B 113 -22.21 22.01 15.04
CA LYS B 113 -22.62 20.89 14.17
C LYS B 113 -22.51 19.56 14.92
N ILE B 114 -23.07 18.48 14.36
CA ILE B 114 -22.86 17.15 14.95
C ILE B 114 -21.64 16.45 14.33
N GLU B 115 -20.92 15.67 15.13
CA GLU B 115 -19.65 15.05 14.71
C GLU B 115 -19.73 13.54 14.36
N GLU B 116 -18.97 13.11 13.35
CA GLU B 116 -18.78 11.68 13.04
C GLU B 116 -17.63 11.42 12.05
N ALA B 117 -17.44 10.15 11.70
CA ALA B 117 -16.75 9.76 10.46
C ALA B 117 -17.62 8.71 9.71
N ASP B 118 -17.29 8.45 8.45
CA ASP B 118 -17.95 7.41 7.64
C ASP B 118 -19.22 7.87 6.97
N CYS B 119 -19.35 9.17 6.78
CA CYS B 119 -20.51 9.70 6.08
C CYS B 119 -20.43 9.49 4.57
N LYS B 120 -19.39 8.76 4.13
CA LYS B 120 -19.15 8.49 2.71
C LYS B 120 -20.37 7.83 2.05
N ASN B 121 -20.89 6.82 2.75
CA ASN B 121 -21.95 5.95 2.23
C ASN B 121 -23.07 5.87 3.27
N LYS B 122 -23.77 7.00 3.40
CA LYS B 122 -24.83 7.22 4.39
C LYS B 122 -25.38 8.62 4.06
N PHE B 123 -26.59 8.93 4.55
CA PHE B 123 -27.14 10.29 4.37
C PHE B 123 -26.37 11.29 5.24
N ARG B 124 -26.71 12.57 5.10
CA ARG B 124 -26.21 13.59 6.02
C ARG B 124 -27.29 14.62 6.29
N CYS B 125 -27.78 14.59 7.53
CA CYS B 125 -28.63 15.65 8.06
C CYS B 125 -27.77 16.86 8.16
N ASP B 126 -28.31 18.01 7.77
CA ASP B 126 -27.54 19.24 7.89
C ASP B 126 -27.29 19.60 9.36
N SER B 127 -27.98 18.91 10.28
CA SER B 127 -27.68 19.02 11.72
C SER B 127 -26.35 18.34 12.07
N GLY B 128 -25.84 17.54 11.15
CA GLY B 128 -24.62 16.77 11.36
C GLY B 128 -24.85 15.27 11.44
N ARG B 129 -25.88 14.84 12.18
CA ARG B 129 -26.11 13.39 12.38
C ARG B 129 -26.18 12.66 11.05
N CYS B 130 -25.62 11.46 11.01
CA CYS B 130 -25.41 10.74 9.75
C CYS B 130 -26.23 9.46 9.71
N ILE B 131 -27.26 9.43 8.87
CA ILE B 131 -28.27 8.35 8.91
C ILE B 131 -28.33 7.43 7.67
N ALA B 132 -28.89 6.23 7.83
CA ALA B 132 -28.98 5.25 6.75
C ALA B 132 -29.95 5.67 5.62
N ARG B 133 -29.46 5.67 4.38
CA ARG B 133 -30.23 6.14 3.20
C ARG B 133 -31.68 5.64 3.11
N LYS B 134 -31.91 4.39 3.50
CA LYS B 134 -33.25 3.79 3.53
C LYS B 134 -34.27 4.76 4.12
N LEU B 135 -33.83 5.48 5.15
CA LEU B 135 -34.66 6.40 5.92
C LEU B 135 -34.97 7.74 5.19
N GLU B 136 -34.49 7.87 3.94
CA GLU B 136 -34.66 9.07 3.11
C GLU B 136 -35.98 9.04 2.34
N CYS B 137 -36.66 10.20 2.25
CA CYS B 137 -37.96 10.32 1.55
C CYS B 137 -38.96 9.23 1.93
N ASN B 138 -39.22 9.09 3.23
CA ASN B 138 -40.09 8.03 3.73
C ASN B 138 -41.23 8.52 4.65
N GLY B 139 -41.55 9.80 4.55
CA GLY B 139 -42.62 10.42 5.36
C GLY B 139 -42.44 10.35 6.87
N GLU B 140 -41.20 10.37 7.33
CA GLU B 140 -40.88 10.34 8.78
C GLU B 140 -39.63 11.14 9.09
N ASN B 141 -39.76 12.04 10.04
CA ASN B 141 -38.64 12.85 10.44
C ASN B 141 -37.62 11.96 11.11
N ASP B 142 -36.66 11.42 10.36
CA ASP B 142 -35.65 10.51 10.94
C ASP B 142 -34.40 11.22 11.43
N CYS B 143 -34.05 12.33 10.78
CA CYS B 143 -32.89 13.11 11.17
C CYS B 143 -33.11 13.86 12.48
N GLY B 144 -34.31 14.41 12.65
CA GLY B 144 -34.59 15.28 13.78
C GLY B 144 -34.94 16.62 13.18
N ASP B 145 -34.04 17.18 12.39
CA ASP B 145 -34.30 18.44 11.70
C ASP B 145 -35.20 18.28 10.46
N ASN B 146 -35.63 17.04 10.19
CA ASN B 146 -36.49 16.73 9.01
C ASN B 146 -35.83 16.94 7.62
N SER B 147 -34.51 17.13 7.62
CA SER B 147 -33.72 17.32 6.38
C SER B 147 -33.72 16.09 5.49
N ASP B 148 -33.85 14.93 6.11
CA ASP B 148 -33.95 13.65 5.41
C ASP B 148 -35.27 13.56 4.62
N GLU B 149 -36.12 14.57 4.73
CA GLU B 149 -37.37 14.62 3.99
C GLU B 149 -37.62 16.07 3.57
N ARG B 150 -36.54 16.83 3.59
CA ARG B 150 -36.53 18.19 3.08
C ARG B 150 -37.11 18.28 1.64
N ASP B 151 -36.58 17.50 0.73
CA ASP B 151 -37.03 17.59 -0.67
C ASP B 151 -37.34 16.21 -1.23
N CYS B 152 -38.63 15.89 -1.28
CA CYS B 152 -39.05 14.56 -1.67
C CYS B 152 -40.33 14.65 -2.46
N GLY B 153 -40.36 13.95 -3.59
CA GLY B 153 -41.52 13.94 -4.45
C GLY B 153 -42.41 12.75 -4.23
N ARG B 154 -41.82 11.56 -4.31
CA ARG B 154 -42.52 10.34 -3.97
C ARG B 154 -41.95 9.82 -2.66
N THR B 155 -42.83 9.38 -1.78
CA THR B 155 -42.40 8.97 -0.46
C THR B 155 -42.81 7.54 -0.13
N LYS B 156 -41.78 6.73 0.15
CA LYS B 156 -41.92 5.33 0.51
C LYS B 156 -42.25 5.22 2.00
N ALA B 157 -43.52 5.45 2.34
CA ALA B 157 -43.94 5.49 3.75
C ALA B 157 -43.65 4.16 4.45
N VAL B 158 -43.01 4.26 5.61
CA VAL B 158 -42.50 3.07 6.32
C VAL B 158 -43.62 2.25 6.94
N CYS B 159 -44.64 2.94 7.42
CA CYS B 159 -45.64 2.35 8.26
C CYS B 159 -46.98 2.66 7.57
N THR B 160 -47.62 1.64 6.99
CA THR B 160 -48.79 1.80 6.12
C THR B 160 -50.03 2.39 6.82
N ARG B 161 -49.99 2.39 8.15
CA ARG B 161 -51.13 2.76 9.00
C ARG B 161 -50.66 3.62 10.19
N LYS B 162 -51.43 4.65 10.56
CA LYS B 162 -51.14 5.46 11.76
C LYS B 162 -51.28 4.69 13.10
N TYR B 163 -50.15 4.53 13.82
CA TYR B 163 -50.13 3.94 15.17
C TYR B 163 -49.77 4.98 16.24
N ASN B 164 -49.98 4.63 17.51
CA ASN B 164 -49.78 5.57 18.62
C ASN B 164 -48.36 5.62 19.20
N PRO B 165 -47.99 6.76 19.83
CA PRO B 165 -46.74 6.85 20.63
C PRO B 165 -46.91 6.27 22.05
N ILE B 166 -45.99 5.39 22.47
CA ILE B 166 -46.03 4.84 23.83
C ILE B 166 -45.77 5.96 24.82
N PRO B 167 -46.65 6.11 25.83
CA PRO B 167 -46.47 7.24 26.72
C PRO B 167 -45.28 7.06 27.65
N SER B 168 -44.59 8.17 27.92
CA SER B 168 -43.37 8.25 28.74
C SER B 168 -42.19 7.45 28.19
N VAL B 169 -42.24 7.18 26.88
CA VAL B 169 -41.17 6.50 26.22
C VAL B 169 -39.85 7.24 26.37
N GLN B 170 -39.89 8.57 26.51
CA GLN B 170 -38.65 9.34 26.65
C GLN B 170 -37.97 9.13 28.00
N LEU B 171 -38.73 8.77 29.02
CA LEU B 171 -38.12 8.56 30.33
C LEU B 171 -37.34 7.25 30.42
N MET B 172 -37.47 6.40 29.40
CA MET B 172 -36.56 5.23 29.23
C MET B 172 -35.29 5.58 28.43
N GLY B 173 -35.22 6.81 27.96
CA GLY B 173 -34.09 7.30 27.21
C GLY B 173 -33.30 8.36 27.95
N ASN B 174 -33.79 8.74 29.13
CA ASN B 174 -33.09 9.70 29.97
C ASN B 174 -31.99 9.05 30.78
N GLY B 175 -31.04 9.87 31.18
CA GLY B 175 -29.91 9.42 31.95
C GLY B 175 -30.28 9.20 33.40
N PHE B 176 -29.49 8.36 34.06
CA PHE B 176 -29.66 8.11 35.47
C PHE B 176 -28.40 8.33 36.32
N HIS B 177 -28.45 9.35 37.18
CA HIS B 177 -27.34 9.75 38.06
C HIS B 177 -27.27 8.89 39.28
N PHE B 178 -26.26 8.02 39.35
CA PHE B 178 -26.21 6.99 40.40
C PHE B 178 -26.35 7.60 41.77
N LEU B 179 -25.34 8.37 42.16
CA LEU B 179 -25.25 8.91 43.51
C LEU B 179 -26.43 9.79 43.92
N ALA B 180 -27.06 10.45 42.97
CA ALA B 180 -28.20 11.30 43.27
C ALA B 180 -29.51 10.51 43.28
N GLY B 181 -29.52 9.38 42.57
CA GLY B 181 -30.72 8.57 42.42
C GLY B 181 -31.81 9.41 41.79
N GLU B 182 -31.42 10.15 40.76
CA GLU B 182 -32.27 11.15 40.15
C GLU B 182 -32.07 11.08 38.65
N PRO B 183 -33.17 11.01 37.88
CA PRO B 183 -33.07 10.99 36.41
C PRO B 183 -32.64 12.36 35.87
N ARG B 184 -31.77 12.37 34.86
CA ARG B 184 -31.20 13.63 34.34
C ARG B 184 -31.60 13.89 32.89
N GLY B 185 -30.74 14.58 32.14
CA GLY B 185 -30.98 14.91 30.73
C GLY B 185 -31.13 13.74 29.77
N GLU B 186 -31.79 14.03 28.64
CA GLU B 186 -32.03 13.05 27.57
C GLU B 186 -30.71 12.50 27.08
N VAL B 187 -30.56 11.18 27.14
CA VAL B 187 -29.33 10.56 26.68
C VAL B 187 -29.52 9.74 25.39
N LEU B 188 -30.67 9.09 25.28
CA LEU B 188 -31.06 8.41 24.06
C LEU B 188 -32.13 9.23 23.34
N ASP B 189 -32.07 9.22 22.01
CA ASP B 189 -33.21 9.66 21.22
C ASP B 189 -34.10 8.44 21.12
N ASN B 190 -35.32 8.54 21.64
CA ASN B 190 -36.21 7.38 21.60
C ASN B 190 -37.38 7.58 20.68
N SER B 191 -37.33 8.65 19.92
CA SER B 191 -38.27 8.86 18.83
C SER B 191 -37.76 8.23 17.53
N PHE B 192 -36.43 8.15 17.38
CA PHE B 192 -35.80 7.44 16.23
C PHE B 192 -36.44 6.07 16.08
N THR B 193 -36.75 5.74 14.84
CA THR B 193 -37.60 4.59 14.56
C THR B 193 -36.98 3.65 13.56
N GLY B 194 -35.85 4.06 13.00
CA GLY B 194 -35.05 3.18 12.16
C GLY B 194 -35.72 2.72 10.89
N GLY B 195 -36.86 3.32 10.56
CA GLY B 195 -37.59 2.97 9.34
C GLY B 195 -38.34 1.65 9.43
N ILE B 196 -37.92 0.78 10.34
CA ILE B 196 -38.67 -0.44 10.69
C ILE B 196 -39.98 -0.01 11.36
N CYS B 197 -41.10 -0.49 10.85
CA CYS B 197 -42.38 -0.20 11.48
C CYS B 197 -42.81 -1.37 12.38
N LYS B 198 -42.03 -1.58 13.44
CA LYS B 198 -42.30 -2.61 14.46
C LYS B 198 -43.37 -2.14 15.42
N THR B 199 -44.26 -3.05 15.74
CA THR B 199 -45.46 -2.66 16.41
C THR B 199 -45.84 -3.65 17.51
N VAL B 200 -46.72 -3.20 18.38
CA VAL B 200 -47.04 -3.93 19.58
C VAL B 200 -48.44 -3.53 20.00
N LYS B 201 -49.27 -4.54 20.29
CA LYS B 201 -50.69 -4.31 20.60
C LYS B 201 -51.02 -4.33 22.08
N SER B 202 -51.50 -3.19 22.53
CA SER B 202 -52.02 -3.02 23.86
C SER B 202 -53.39 -3.71 23.95
N SER B 203 -53.53 -4.51 24.99
CA SER B 203 -54.84 -4.94 25.45
C SER B 203 -55.39 -3.78 26.28
N ARG B 204 -56.69 -3.74 26.49
CA ARG B 204 -57.37 -2.59 27.11
C ARG B 204 -57.04 -1.22 26.50
N THR B 205 -56.67 -1.19 25.20
CA THR B 205 -56.47 0.07 24.46
C THR B 205 -56.51 0.03 22.92
N SER B 206 -57.57 -0.55 22.35
CA SER B 206 -57.84 -0.56 20.89
C SER B 206 -56.61 -0.68 19.98
N ASN B 207 -56.21 0.46 19.39
CA ASN B 207 -55.10 0.53 18.42
C ASN B 207 -53.67 0.27 18.95
N PRO B 208 -52.81 -0.33 18.10
CA PRO B 208 -51.47 -0.73 18.53
C PRO B 208 -50.56 0.46 18.78
N TYR B 209 -49.52 0.23 19.58
CA TYR B 209 -48.48 1.21 19.85
C TYR B 209 -47.26 0.96 18.96
N ARG B 210 -46.51 2.02 18.70
CA ARG B 210 -45.32 1.95 17.86
C ARG B 210 -44.04 1.84 18.71
N VAL B 211 -43.34 0.72 18.60
CA VAL B 211 -42.09 0.53 19.33
C VAL B 211 -40.99 1.31 18.59
N PRO B 212 -40.17 2.09 19.33
CA PRO B 212 -38.95 2.78 18.82
C PRO B 212 -37.79 1.82 18.50
N ALA B 213 -36.74 2.30 17.86
CA ALA B 213 -35.71 1.39 17.39
C ALA B 213 -34.70 0.89 18.44
N ASN B 214 -34.46 1.69 19.49
CA ASN B 214 -33.61 1.29 20.65
C ASN B 214 -34.17 0.09 21.43
N LEU B 215 -35.47 -0.10 21.32
CA LEU B 215 -36.17 -1.05 22.17
C LEU B 215 -36.39 -2.36 21.44
N GLU B 216 -35.76 -3.37 22.02
CA GLU B 216 -35.91 -4.73 21.61
C GLU B 216 -37.29 -5.26 22.00
N ASN B 217 -37.79 -4.85 23.18
CA ASN B 217 -39.04 -5.40 23.72
C ASN B 217 -39.86 -4.43 24.52
N VAL B 218 -41.18 -4.60 24.45
CA VAL B 218 -42.14 -3.85 25.25
C VAL B 218 -43.20 -4.87 25.67
N GLY B 219 -43.77 -4.71 26.88
CA GLY B 219 -44.88 -5.57 27.32
C GLY B 219 -45.90 -4.88 28.19
N PHE B 220 -47.13 -5.39 28.21
CA PHE B 220 -48.21 -4.68 28.91
C PHE B 220 -48.95 -5.45 30.01
N GLU B 221 -48.56 -6.70 30.29
CA GLU B 221 -49.34 -7.56 31.18
C GLU B 221 -49.26 -7.24 32.67
N VAL B 222 -50.40 -6.80 33.22
CA VAL B 222 -50.46 -6.19 34.55
C VAL B 222 -51.79 -6.37 35.30
N GLN B 223 -51.80 -7.31 36.26
CA GLN B 223 -52.92 -7.48 37.19
C GLN B 223 -52.50 -7.09 38.61
N THR B 224 -53.48 -6.83 39.47
CA THR B 224 -53.19 -6.40 40.85
C THR B 224 -53.79 -7.32 41.91
N ALA B 225 -53.06 -7.47 43.03
CA ALA B 225 -53.51 -8.26 44.18
C ALA B 225 -53.04 -7.64 45.50
N GLU B 226 -53.43 -8.25 46.63
CA GLU B 226 -53.03 -7.79 47.97
C GLU B 226 -51.52 -7.66 48.13
N ASP B 227 -50.80 -8.67 47.62
CA ASP B 227 -49.33 -8.69 47.62
C ASP B 227 -48.74 -7.34 47.30
N ASP B 228 -49.43 -6.57 46.46
CA ASP B 228 -48.98 -5.24 46.07
C ASP B 228 -49.08 -4.16 47.18
N LEU B 229 -50.03 -4.29 48.12
CA LEU B 229 -50.18 -3.33 49.24
C LEU B 229 -49.48 -3.75 50.56
N LYS B 230 -48.25 -3.28 50.77
CA LYS B 230 -47.42 -3.71 51.93
C LYS B 230 -47.07 -2.57 52.88
N THR B 231 -46.61 -2.93 54.08
CA THR B 231 -46.16 -1.97 55.10
C THR B 231 -44.89 -2.40 55.83
N ASP B 232 -44.08 -1.40 56.21
CA ASP B 232 -42.82 -1.59 56.94
C ASP B 232 -42.73 -0.66 58.17
N PHE B 233 -42.02 -1.09 59.20
CA PHE B 233 -41.80 -0.31 60.44
C PHE B 233 -40.33 0.09 60.57
N TYR B 234 -40.08 1.35 60.91
CA TYR B 234 -38.71 1.82 61.03
C TYR B 234 -38.37 2.36 62.41
N LYS B 235 -37.53 1.61 63.12
CA LYS B 235 -37.00 2.00 64.45
C LYS B 235 -36.37 3.39 64.34
N ASP B 236 -35.60 3.57 63.29
CA ASP B 236 -34.97 4.84 62.98
C ASP B 236 -34.74 4.92 61.49
N LEU B 237 -34.14 6.01 61.03
CA LEU B 237 -33.97 6.19 59.60
C LEU B 237 -32.73 5.52 59.02
N THR B 238 -31.89 4.92 59.87
CA THR B 238 -30.67 4.25 59.42
C THR B 238 -30.92 3.09 58.43
N SER B 239 -32.12 2.52 58.44
CA SER B 239 -32.49 1.42 57.53
C SER B 239 -32.33 1.67 56.03
N LEU B 240 -32.71 2.88 55.58
CA LEU B 240 -32.70 3.18 54.14
C LEU B 240 -31.31 3.10 53.47
N GLY B 241 -30.25 3.47 54.19
CA GLY B 241 -28.87 3.34 53.68
C GLY B 241 -28.32 1.94 53.43
N HIS B 242 -28.69 0.98 54.29
CA HIS B 242 -28.07 -0.38 54.36
C HIS B 242 -28.07 -1.25 53.11
N ASN B 243 -29.23 -1.42 52.48
CA ASN B 243 -29.35 -2.31 51.31
C ASN B 243 -28.75 -1.77 49.99
N GLU B 244 -28.87 -0.46 49.73
CA GLU B 244 -28.38 0.16 48.48
C GLU B 244 -26.90 0.61 48.49
N ASN B 245 -26.19 0.43 49.60
CA ASN B 245 -24.78 0.81 49.68
C ASN B 245 -23.78 -0.21 49.07
N GLN B 246 -23.78 -0.33 47.75
CA GLN B 246 -22.70 -1.04 47.01
C GLN B 246 -22.15 -0.19 45.87
N GLN B 247 -21.56 0.95 46.23
CA GLN B 247 -20.86 1.82 45.29
C GLN B 247 -19.62 1.12 44.68
N GLY B 248 -18.90 0.36 45.50
CA GLY B 248 -17.80 -0.49 45.04
C GLY B 248 -16.68 0.33 44.44
N VAL B 260 -14.54 -1.33 42.30
CA VAL B 260 -14.91 -2.35 41.34
C VAL B 260 -15.87 -1.80 40.26
N PRO B 261 -16.12 -2.58 39.18
CA PRO B 261 -17.10 -2.15 38.16
C PRO B 261 -18.50 -2.02 38.78
N ILE B 262 -19.33 -1.09 38.30
CA ILE B 262 -20.59 -0.77 39.00
C ILE B 262 -21.91 -0.74 38.18
N PHE B 263 -22.36 -1.87 37.63
CA PHE B 263 -23.73 -1.95 37.07
C PHE B 263 -24.64 -2.58 38.15
N TYR B 264 -25.97 -2.35 38.15
CA TYR B 264 -26.84 -2.82 39.27
C TYR B 264 -28.37 -2.91 39.04
N SER B 265 -29.08 -3.53 39.99
CA SER B 265 -30.56 -3.65 39.97
C SER B 265 -31.29 -2.81 41.05
N SER B 266 -32.41 -2.18 40.67
CA SER B 266 -33.12 -1.21 41.54
C SER B 266 -34.12 -1.81 42.52
N LYS B 267 -34.09 -3.13 42.66
CA LYS B 267 -34.85 -3.81 43.70
C LYS B 267 -34.05 -3.65 45.01
N ARG B 268 -32.76 -3.37 44.86
CA ARG B 268 -31.80 -3.35 45.94
C ARG B 268 -31.73 -2.07 46.81
N SER B 269 -31.85 -0.87 46.21
CA SER B 269 -31.78 0.40 46.97
C SER B 269 -32.95 0.65 47.96
N GLU B 270 -34.18 0.43 47.50
CA GLU B 270 -35.39 0.67 48.31
C GLU B 270 -35.38 2.05 48.95
N ASN B 271 -34.62 2.94 48.34
CA ASN B 271 -34.72 4.35 48.65
C ASN B 271 -35.15 5.16 47.42
N ILE B 272 -36.48 5.23 47.26
CA ILE B 272 -37.16 6.15 46.35
C ILE B 272 -37.23 7.51 47.08
N ASN B 273 -36.06 8.10 47.34
CA ASN B 273 -35.96 9.29 48.19
C ASN B 273 -35.55 10.54 47.41
N HIS B 274 -36.47 11.48 47.30
CA HIS B 274 -36.25 12.76 46.62
C HIS B 274 -35.42 13.70 47.44
N ASN B 275 -35.07 14.83 46.84
CA ASN B 275 -34.31 15.92 47.46
C ASN B 275 -34.85 16.24 48.85
N SER B 276 -36.14 16.57 48.90
CA SER B 276 -36.79 16.82 50.16
C SER B 276 -37.53 15.57 50.67
N ALA B 277 -37.46 14.47 49.93
CA ALA B 277 -38.11 13.23 50.37
C ALA B 277 -37.40 12.61 51.57
N PHE B 278 -36.08 12.60 51.50
CA PHE B 278 -35.25 12.10 52.56
C PHE B 278 -35.01 13.25 53.54
N LYS B 279 -34.66 14.41 53.01
CA LYS B 279 -34.36 15.59 53.85
C LYS B 279 -35.48 15.99 54.83
N GLN B 280 -36.74 15.91 54.39
CA GLN B 280 -37.88 16.24 55.27
C GLN B 280 -37.94 15.29 56.44
N ALA B 281 -37.64 14.04 56.17
CA ALA B 281 -37.68 12.97 57.15
C ALA B 281 -36.58 13.14 58.19
N ILE B 282 -35.36 13.40 57.72
CA ILE B 282 -34.23 13.66 58.60
C ILE B 282 -34.48 14.93 59.44
N GLN B 283 -34.95 15.98 58.78
CA GLN B 283 -35.22 17.27 59.43
C GLN B 283 -36.41 17.17 60.40
N ALA B 284 -37.43 16.40 60.03
CA ALA B 284 -38.51 16.06 60.95
C ALA B 284 -38.00 15.22 62.13
N SER B 285 -37.07 14.30 61.89
CA SER B 285 -36.55 13.42 62.95
C SER B 285 -35.80 14.15 64.08
N HIS B 286 -35.35 15.38 63.82
CA HIS B 286 -34.70 16.21 64.84
C HIS B 286 -35.67 16.78 65.85
N LYS B 287 -36.94 16.98 65.44
CA LYS B 287 -38.05 17.54 66.27
C LYS B 287 -38.41 16.74 67.53
N LYS B 288 -38.25 15.41 67.50
CA LYS B 288 -38.50 14.53 68.66
C LYS B 288 -38.17 13.08 68.35
N ASP B 289 -37.83 12.31 69.38
CA ASP B 289 -37.55 10.88 69.23
C ASP B 289 -38.66 10.32 68.36
N SER B 290 -38.31 9.96 67.13
CA SER B 290 -39.31 9.52 66.15
C SER B 290 -39.08 8.11 65.62
N SER B 291 -40.19 7.42 65.36
CA SER B 291 -40.20 6.21 64.56
C SER B 291 -41.04 6.45 63.29
N PHE B 292 -40.84 5.61 62.28
CA PHE B 292 -41.47 5.80 60.98
C PHE B 292 -42.19 4.56 60.46
N ILE B 293 -43.36 4.76 59.87
CA ILE B 293 -44.11 3.65 59.25
C ILE B 293 -44.33 3.87 57.77
N ARG B 294 -43.79 2.95 56.95
CA ARG B 294 -43.89 3.00 55.48
C ARG B 294 -45.05 2.12 55.00
N ILE B 295 -45.76 2.63 53.99
CA ILE B 295 -46.76 1.87 53.26
C ILE B 295 -46.61 2.18 51.76
N HIS B 296 -46.56 1.15 50.92
CA HIS B 296 -46.39 1.31 49.47
C HIS B 296 -47.25 0.38 48.65
N LYS B 297 -47.57 0.78 47.42
CA LYS B 297 -48.30 -0.06 46.43
C LYS B 297 -47.91 0.22 44.99
N VAL B 298 -47.25 -0.76 44.37
CA VAL B 298 -46.79 -0.63 43.00
C VAL B 298 -47.92 -0.84 42.00
N MET B 299 -47.86 -0.07 40.93
CA MET B 299 -48.85 -0.14 39.86
C MET B 299 -48.07 -0.19 38.56
N LYS B 300 -47.85 -1.43 38.10
CA LYS B 300 -47.04 -1.68 36.92
C LYS B 300 -47.82 -1.37 35.63
N VAL B 301 -47.11 -0.89 34.60
CA VAL B 301 -47.75 -0.56 33.32
C VAL B 301 -47.20 -1.42 32.18
N LEU B 302 -45.87 -1.46 32.03
CA LEU B 302 -45.20 -2.17 30.93
C LEU B 302 -43.74 -2.57 31.17
N ASN B 303 -43.27 -3.64 30.53
CA ASN B 303 -41.82 -3.66 30.46
C ASN B 303 -41.26 -3.31 29.14
N PHE B 304 -39.94 -3.02 29.26
CA PHE B 304 -39.06 -2.66 28.18
C PHE B 304 -37.65 -3.22 28.30
N THR B 305 -37.15 -3.67 27.17
CA THR B 305 -35.77 -4.08 27.04
C THR B 305 -35.10 -3.21 26.01
N THR B 306 -34.14 -2.41 26.46
CA THR B 306 -33.32 -1.63 25.57
C THR B 306 -32.41 -2.60 24.84
N LYS B 307 -32.49 -2.56 23.51
CA LYS B 307 -31.69 -3.42 22.65
C LYS B 307 -30.19 -3.23 22.94
N ALA B 308 -29.41 -4.30 22.83
CA ALA B 308 -28.04 -4.32 23.32
C ALA B 308 -27.01 -3.48 22.55
N LYS B 309 -27.02 -3.54 21.22
CA LYS B 309 -26.02 -2.84 20.39
C LYS B 309 -26.64 -1.94 19.30
N ASP B 310 -25.86 -0.99 18.80
CA ASP B 310 -26.29 -0.01 17.80
C ASP B 310 -27.40 0.89 18.34
N LEU B 311 -27.20 1.30 19.58
CA LEU B 311 -28.13 2.18 20.22
C LEU B 311 -28.14 3.56 19.56
N HIS B 312 -29.28 4.23 19.60
CA HIS B 312 -29.40 5.54 18.96
C HIS B 312 -29.42 6.73 19.92
N LEU B 313 -28.28 7.40 20.01
CA LEU B 313 -28.09 8.48 20.98
C LEU B 313 -28.73 9.78 20.55
N SER B 314 -28.99 10.64 21.53
CA SER B 314 -29.73 11.88 21.34
C SER B 314 -28.84 12.99 20.83
N ASP B 315 -29.45 13.99 20.22
CA ASP B 315 -28.67 15.10 19.72
C ASP B 315 -28.02 15.87 20.86
N VAL B 316 -28.80 16.32 21.84
CA VAL B 316 -28.25 17.09 22.95
C VAL B 316 -27.04 16.42 23.56
N PHE B 317 -27.11 15.10 23.74
CA PHE B 317 -26.04 14.30 24.34
C PHE B 317 -24.82 14.17 23.43
N LEU B 318 -25.05 13.68 22.21
CA LEU B 318 -23.98 13.48 21.22
C LEU B 318 -23.20 14.79 21.09
N LYS B 319 -23.95 15.89 21.10
CA LYS B 319 -23.44 17.27 21.17
C LYS B 319 -22.41 17.45 22.29
N ALA B 320 -22.87 17.40 23.55
CA ALA B 320 -21.99 17.65 24.72
C ALA B 320 -20.91 16.61 24.84
N LEU B 321 -21.24 15.39 24.40
CA LEU B 321 -20.29 14.29 24.32
C LEU B 321 -19.15 14.56 23.32
N ASN B 322 -19.24 15.68 22.61
CA ASN B 322 -18.23 16.01 21.61
C ASN B 322 -17.34 17.13 21.96
N HIS B 323 -17.95 18.19 22.48
CA HIS B 323 -17.21 19.31 22.98
C HIS B 323 -16.31 18.91 24.15
N LEU B 324 -15.97 17.62 24.21
CA LEU B 324 -15.04 17.06 25.18
C LEU B 324 -13.60 17.07 24.66
N PRO B 325 -12.67 17.75 25.38
CA PRO B 325 -11.21 17.78 25.09
C PRO B 325 -10.64 16.38 24.96
N LEU B 326 -9.53 16.22 24.24
CA LEU B 326 -8.92 14.89 24.11
C LEU B 326 -8.19 14.54 25.40
N GLU B 327 -7.33 15.45 25.82
CA GLU B 327 -6.57 15.25 27.03
C GLU B 327 -7.50 15.24 28.26
N TYR B 328 -7.27 14.28 29.16
CA TYR B 328 -8.11 14.11 30.36
C TYR B 328 -8.19 15.44 31.06
N ASN B 329 -9.40 15.80 31.46
CA ASN B 329 -9.62 16.98 32.24
C ASN B 329 -10.78 16.71 33.18
N SER B 330 -10.44 16.29 34.40
CA SER B 330 -11.43 15.95 35.41
C SER B 330 -12.51 17.03 35.49
N ALA B 331 -12.09 18.29 35.33
CA ALA B 331 -12.98 19.45 35.41
C ALA B 331 -14.15 19.35 34.43
N LEU B 332 -13.84 19.36 33.13
CA LEU B 332 -14.84 19.36 32.08
C LEU B 332 -15.53 18.02 31.86
N TYR B 333 -14.91 16.94 32.31
CA TYR B 333 -15.49 15.63 32.16
C TYR B 333 -16.58 15.37 33.17
N SER B 334 -16.24 15.57 34.45
CA SER B 334 -17.22 15.52 35.54
C SER B 334 -18.54 16.18 35.12
N ARG B 335 -18.42 17.33 34.43
CA ARG B 335 -19.55 18.12 33.98
C ARG B 335 -20.70 17.30 33.43
N ILE B 336 -20.38 16.29 32.60
CA ILE B 336 -21.41 15.52 31.88
C ILE B 336 -22.22 14.60 32.80
N PHE B 337 -21.58 14.10 33.84
CA PHE B 337 -22.29 13.36 34.85
C PHE B 337 -23.36 14.22 35.53
N ASP B 338 -23.01 15.44 35.94
CA ASP B 338 -23.96 16.39 36.56
C ASP B 338 -25.16 16.64 35.65
N ASP B 339 -24.90 16.74 34.35
CA ASP B 339 -25.90 17.12 33.35
C ASP B 339 -26.71 15.92 32.81
N PHE B 340 -26.03 14.83 32.50
CA PHE B 340 -26.67 13.71 31.79
C PHE B 340 -26.84 12.48 32.62
N GLY B 341 -25.95 12.27 33.58
CA GLY B 341 -26.07 11.14 34.47
C GLY B 341 -24.89 10.19 34.41
N THR B 342 -25.17 8.93 34.78
CA THR B 342 -24.17 7.94 35.13
C THR B 342 -24.47 6.59 34.52
N HIS B 343 -25.77 6.27 34.45
CA HIS B 343 -26.27 4.99 33.91
C HIS B 343 -27.51 5.18 33.07
N TYR B 344 -27.86 4.17 32.30
CA TYR B 344 -29.04 4.24 31.46
C TYR B 344 -29.78 2.91 31.55
N PHE B 345 -31.08 2.93 31.28
CA PHE B 345 -31.87 1.72 31.49
C PHE B 345 -31.74 0.69 30.37
N THR B 346 -31.19 -0.46 30.70
CA THR B 346 -31.26 -1.62 29.80
C THR B 346 -32.67 -2.22 29.84
N SER B 347 -33.29 -2.16 31.02
CA SER B 347 -34.59 -2.78 31.29
C SER B 347 -35.28 -2.17 32.52
N GLY B 348 -36.61 -2.17 32.53
CA GLY B 348 -37.36 -1.68 33.68
C GLY B 348 -38.88 -1.68 33.52
N SER B 349 -39.56 -1.05 34.47
CA SER B 349 -41.03 -0.84 34.43
C SER B 349 -41.38 0.64 34.50
N LEU B 350 -42.64 0.91 34.23
CA LEU B 350 -43.10 2.25 34.09
C LEU B 350 -44.48 2.23 34.66
N GLY B 351 -44.79 3.22 35.47
CA GLY B 351 -46.08 3.26 36.15
C GLY B 351 -46.09 4.19 37.32
N GLY B 352 -46.58 3.70 38.45
CA GLY B 352 -46.72 4.51 39.63
C GLY B 352 -46.60 3.71 40.90
N VAL B 353 -46.34 4.43 41.99
CA VAL B 353 -46.22 3.85 43.30
C VAL B 353 -46.93 4.74 44.31
N TYR B 354 -47.88 4.15 45.04
CA TYR B 354 -48.43 4.76 46.26
C TYR B 354 -47.44 4.49 47.39
N ASP B 355 -46.72 5.53 47.82
CA ASP B 355 -45.60 5.38 48.75
C ASP B 355 -45.64 6.52 49.76
N LEU B 356 -45.89 6.16 51.03
CA LEU B 356 -45.97 7.15 52.11
C LEU B 356 -45.21 6.76 53.38
N LEU B 357 -44.58 7.75 53.99
CA LEU B 357 -43.77 7.57 55.18
C LEU B 357 -44.40 8.37 56.32
N TYR B 358 -44.87 7.65 57.35
CA TYR B 358 -45.60 8.25 58.50
C TYR B 358 -44.72 8.46 59.75
N GLN B 359 -44.77 9.66 60.31
CA GLN B 359 -43.91 10.04 61.45
C GLN B 359 -44.62 10.08 62.79
N PHE B 360 -44.23 9.17 63.68
CA PHE B 360 -44.82 9.04 65.02
C PHE B 360 -43.79 9.33 66.10
N SER B 361 -44.20 10.10 67.11
CA SER B 361 -43.34 10.36 68.26
C SER B 361 -43.36 9.08 69.08
N SER B 362 -42.18 8.53 69.35
CA SER B 362 -42.05 7.24 70.03
C SER B 362 -42.71 7.21 71.41
N GLU B 363 -42.93 8.40 71.98
CA GLU B 363 -43.64 8.54 73.25
C GLU B 363 -45.11 8.18 73.07
N GLU B 364 -45.70 8.64 71.96
CA GLU B 364 -47.06 8.31 71.56
C GLU B 364 -47.28 6.81 71.35
N LEU B 365 -46.36 6.18 70.62
CA LEU B 365 -46.45 4.75 70.35
C LEU B 365 -46.39 3.94 71.65
N LYS B 366 -45.45 4.28 72.53
CA LYS B 366 -45.35 3.65 73.85
C LYS B 366 -46.64 3.83 74.65
N ASN B 367 -47.23 5.02 74.56
CA ASN B 367 -48.56 5.31 75.12
C ASN B 367 -49.73 4.49 74.50
N SER B 368 -49.62 4.17 73.21
CA SER B 368 -50.64 3.37 72.49
C SER B 368 -50.51 1.90 72.86
N GLY B 369 -49.27 1.50 73.15
CA GLY B 369 -48.92 0.16 73.57
C GLY B 369 -49.01 -0.92 72.51
N LEU B 370 -49.20 -0.55 71.25
CA LEU B 370 -49.37 -1.55 70.20
C LEU B 370 -48.03 -2.26 69.90
N THR B 371 -48.09 -3.52 69.45
CA THR B 371 -46.89 -4.23 68.97
C THR B 371 -46.57 -3.78 67.56
N GLU B 372 -45.31 -3.93 67.13
CA GLU B 372 -44.92 -3.55 65.78
C GLU B 372 -45.93 -4.11 64.76
N GLU B 373 -46.28 -5.39 64.92
CA GLU B 373 -47.23 -6.06 64.03
C GLU B 373 -48.63 -5.44 64.06
N GLU B 374 -49.06 -5.03 65.25
CA GLU B 374 -50.31 -4.30 65.40
C GLU B 374 -50.27 -2.95 64.68
N ALA B 375 -49.24 -2.13 64.96
CA ALA B 375 -49.13 -0.77 64.40
C ALA B 375 -49.09 -0.77 62.87
N LYS B 376 -48.18 -1.57 62.31
CA LYS B 376 -48.13 -1.78 60.88
C LYS B 376 -49.48 -2.18 60.29
N HIS B 377 -50.22 -3.03 60.99
CA HIS B 377 -51.51 -3.51 60.48
C HIS B 377 -52.60 -2.47 60.54
N CYS B 378 -52.64 -1.68 61.62
CA CYS B 378 -53.63 -0.59 61.77
C CYS B 378 -53.52 0.43 60.63
N VAL B 379 -52.30 0.67 60.16
CA VAL B 379 -52.08 1.50 58.98
C VAL B 379 -52.47 0.76 57.69
N ARG B 380 -52.23 -0.56 57.66
CA ARG B 380 -52.56 -1.39 56.50
C ARG B 380 -54.08 -1.38 56.23
N ILE B 381 -54.83 -1.73 57.28
CA ILE B 381 -56.29 -1.77 57.19
C ILE B 381 -56.96 -0.39 57.20
N GLU B 382 -56.37 0.61 57.89
CA GLU B 382 -56.96 1.96 57.88
C GLU B 382 -56.87 2.63 56.52
N THR B 383 -55.72 2.49 55.85
CA THR B 383 -55.56 2.93 54.45
C THR B 383 -56.64 2.29 53.58
N LYS B 384 -56.84 0.98 53.77
CA LYS B 384 -57.86 0.22 53.06
C LYS B 384 -59.27 0.84 53.16
N LYS B 385 -59.66 1.21 54.39
CA LYS B 385 -60.96 1.83 54.67
C LYS B 385 -61.04 3.25 54.10
N ARG B 386 -60.00 4.04 54.34
CA ARG B 386 -59.99 5.50 54.18
C ARG B 386 -59.59 6.05 52.81
N VAL B 387 -58.66 5.39 52.13
CA VAL B 387 -58.14 5.90 50.86
C VAL B 387 -58.43 4.94 49.70
N LEU B 388 -58.31 3.64 49.95
CA LEU B 388 -58.49 2.61 48.91
C LEU B 388 -59.91 2.42 48.38
N PHE B 389 -60.92 2.89 49.13
CA PHE B 389 -62.35 2.90 48.73
C PHE B 389 -63.08 1.54 48.68
N ALA B 390 -62.35 0.45 48.95
CA ALA B 390 -62.89 -0.90 48.88
C ALA B 390 -63.86 -1.14 50.02
N LYS B 391 -64.98 -1.79 49.71
CA LYS B 391 -65.83 -2.36 50.73
C LYS B 391 -64.85 -3.32 51.42
N LYS B 392 -64.78 -3.26 52.75
CA LYS B 392 -63.53 -3.57 53.44
C LYS B 392 -63.55 -4.65 54.51
N THR B 393 -62.36 -5.21 54.76
CA THR B 393 -62.11 -6.08 55.89
C THR B 393 -62.62 -5.40 57.15
N LYS B 394 -63.29 -6.16 58.02
CA LYS B 394 -63.83 -5.62 59.27
C LYS B 394 -62.74 -5.02 60.16
N VAL B 395 -62.91 -3.76 60.59
CA VAL B 395 -61.92 -3.08 61.44
C VAL B 395 -61.68 -3.87 62.74
N GLU B 396 -60.65 -3.50 63.48
CA GLU B 396 -60.48 -4.03 64.82
C GLU B 396 -60.46 -2.86 65.80
N HIS B 397 -61.31 -2.92 66.82
CA HIS B 397 -61.41 -1.85 67.82
C HIS B 397 -60.15 -1.72 68.62
N ARG B 398 -59.26 -2.68 68.40
CA ARG B 398 -57.87 -2.63 68.85
C ARG B 398 -57.15 -1.42 68.22
N CYS B 399 -57.52 -1.11 66.97
CA CYS B 399 -56.97 0.01 66.20
C CYS B 399 -57.80 1.29 66.27
N THR B 400 -58.92 1.26 67.00
CA THR B 400 -59.90 2.35 67.00
C THR B 400 -60.04 2.98 68.39
N THR B 401 -59.91 2.14 69.41
CA THR B 401 -60.15 2.56 70.78
C THR B 401 -58.96 2.30 71.71
N ASN B 402 -57.75 2.24 71.16
CA ASN B 402 -56.55 2.28 72.00
C ASN B 402 -56.27 3.73 72.43
N LYS B 403 -55.42 3.92 73.44
CA LYS B 403 -55.18 5.25 74.02
C LYS B 403 -54.69 6.33 73.04
N LEU B 404 -54.05 5.93 71.94
CA LEU B 404 -53.64 6.90 70.94
C LEU B 404 -54.74 7.21 69.90
N SER B 405 -55.25 6.18 69.23
CA SER B 405 -56.32 6.37 68.21
C SER B 405 -57.53 7.05 68.81
N GLU B 406 -57.81 6.76 70.07
CA GLU B 406 -58.89 7.38 70.83
C GLU B 406 -58.84 8.91 70.84
N LYS B 407 -57.63 9.48 70.76
CA LYS B 407 -57.42 10.94 70.79
C LYS B 407 -57.43 11.60 69.40
N HIS B 408 -57.82 10.82 68.38
CA HIS B 408 -57.85 11.30 67.01
C HIS B 408 -59.00 10.70 66.23
N GLU B 409 -60.20 10.77 66.82
CA GLU B 409 -61.45 10.24 66.22
C GLU B 409 -61.38 8.76 65.84
N GLY B 410 -60.63 7.97 66.60
CA GLY B 410 -60.47 6.55 66.34
C GLY B 410 -59.46 6.18 65.27
N SER B 411 -58.80 7.19 64.68
CA SER B 411 -57.80 7.01 63.62
C SER B 411 -56.39 6.86 64.18
N PHE B 412 -55.65 5.90 63.62
CA PHE B 412 -54.25 5.68 63.97
C PHE B 412 -53.40 6.64 63.14
N ILE B 413 -53.74 6.73 61.85
CA ILE B 413 -53.07 7.59 60.89
C ILE B 413 -53.02 9.07 61.29
N GLN B 414 -54.16 9.66 61.63
CA GLN B 414 -54.22 11.06 62.07
C GLN B 414 -53.46 11.35 63.37
N GLY B 415 -52.94 10.28 63.99
CA GLY B 415 -52.14 10.37 65.21
C GLY B 415 -50.76 10.94 64.95
N ALA B 416 -50.33 10.90 63.69
CA ALA B 416 -48.98 11.27 63.29
C ALA B 416 -48.71 12.77 63.37
N GLU B 417 -47.45 13.11 63.64
CA GLU B 417 -46.96 14.49 63.61
C GLU B 417 -47.12 14.99 62.19
N LYS B 418 -46.71 14.13 61.25
CA LYS B 418 -46.99 14.28 59.82
C LYS B 418 -46.59 13.02 58.99
N SER B 419 -46.88 13.07 57.68
CA SER B 419 -46.45 12.04 56.72
C SER B 419 -45.65 12.68 55.56
N ILE B 420 -44.84 11.87 54.90
CA ILE B 420 -44.11 12.31 53.73
C ILE B 420 -44.53 11.45 52.54
N SER B 421 -44.75 12.09 51.39
CA SER B 421 -45.14 11.37 50.19
C SER B 421 -43.95 11.02 49.31
N LEU B 422 -43.80 9.74 49.02
CA LEU B 422 -42.81 9.26 48.06
C LEU B 422 -43.48 8.71 46.82
N ILE B 423 -44.69 9.24 46.57
CA ILE B 423 -45.48 8.86 45.41
C ILE B 423 -44.79 9.31 44.14
N ARG B 424 -44.51 8.33 43.28
CA ARG B 424 -44.05 8.58 41.92
C ARG B 424 -45.22 8.25 40.98
N GLY B 425 -45.49 9.15 40.04
CA GLY B 425 -46.44 8.88 38.95
C GLY B 425 -47.74 9.68 38.90
N GLY B 426 -48.41 9.58 37.74
CA GLY B 426 -49.73 10.19 37.51
C GLY B 426 -49.75 11.71 37.50
N ARG B 427 -50.97 12.25 37.41
CA ARG B 427 -51.17 13.70 37.40
C ARG B 427 -50.94 14.25 38.83
N SER B 428 -50.08 15.27 38.93
CA SER B 428 -49.72 15.89 40.22
C SER B 428 -50.89 16.43 41.06
N GLU B 429 -51.95 16.91 40.41
CA GLU B 429 -53.21 17.28 41.10
C GLU B 429 -53.65 16.16 42.03
N TYR B 430 -53.85 14.96 41.47
CA TYR B 430 -54.37 13.80 42.21
C TYR B 430 -53.39 13.24 43.23
N GLY B 431 -52.10 13.27 42.89
CA GLY B 431 -51.05 12.80 43.78
C GLY B 431 -50.97 13.65 45.04
N ALA B 432 -50.89 14.97 44.84
CA ALA B 432 -50.76 15.95 45.93
C ALA B 432 -51.85 15.79 47.00
N ALA B 433 -53.07 15.49 46.54
CA ALA B 433 -54.23 15.25 47.41
C ALA B 433 -54.05 14.05 48.34
N LEU B 434 -53.35 13.01 47.89
CA LEU B 434 -53.14 11.81 48.70
C LEU B 434 -52.20 12.03 49.90
N ALA B 435 -51.28 12.99 49.77
CA ALA B 435 -50.50 13.47 50.89
C ALA B 435 -51.41 14.22 51.87
N TRP B 436 -51.13 14.11 53.17
CA TRP B 436 -51.91 14.84 54.19
C TRP B 436 -51.87 16.34 54.05
N GLU B 437 -53.06 16.92 53.96
CA GLU B 437 -53.28 18.37 54.04
C GLU B 437 -54.71 18.56 54.58
N LYS B 438 -54.95 19.65 55.30
CA LYS B 438 -56.30 19.94 55.80
C LYS B 438 -57.27 20.16 54.62
N GLY B 439 -56.74 20.76 53.56
CA GLY B 439 -57.46 20.94 52.29
C GLY B 439 -57.85 19.63 51.65
N SER B 440 -56.92 18.68 51.60
CA SER B 440 -57.23 17.31 51.23
C SER B 440 -57.83 16.55 52.44
N SER B 441 -57.94 17.25 53.57
CA SER B 441 -58.32 16.64 54.87
C SER B 441 -59.75 16.09 54.90
N GLY B 442 -60.63 16.69 54.12
CA GLY B 442 -61.95 16.10 53.86
C GLY B 442 -62.01 15.61 52.43
N LEU B 443 -60.86 15.19 51.89
CA LEU B 443 -60.70 14.78 50.48
C LEU B 443 -61.49 13.52 50.10
N GLU B 444 -61.50 13.15 48.82
CA GLU B 444 -62.39 12.08 48.33
C GLU B 444 -61.64 10.78 47.97
N GLU B 445 -62.19 9.64 48.37
CA GLU B 445 -61.67 8.34 47.91
C GLU B 445 -61.73 8.31 46.39
N LYS B 446 -62.78 8.93 45.86
CA LYS B 446 -62.89 9.29 44.46
C LYS B 446 -61.54 9.72 43.89
N THR B 447 -60.88 10.69 44.54
CA THR B 447 -59.51 11.13 44.21
C THR B 447 -58.57 9.97 43.83
N PHE B 448 -58.47 8.97 44.70
CA PHE B 448 -57.52 7.87 44.51
C PHE B 448 -57.72 7.04 43.24
N SER B 449 -58.98 6.68 42.93
CA SER B 449 -59.26 5.89 41.72
C SER B 449 -58.93 6.69 40.45
N GLU B 450 -59.25 7.98 40.46
CA GLU B 450 -58.96 8.90 39.36
C GLU B 450 -57.45 9.00 39.11
N TRP B 451 -56.68 9.13 40.20
CA TRP B 451 -55.22 9.06 40.14
C TRP B 451 -54.75 7.81 39.44
N LEU B 452 -55.36 6.67 39.75
CA LEU B 452 -54.93 5.37 39.20
C LEU B 452 -54.99 5.32 37.67
N GLU B 453 -56.03 5.92 37.08
CA GLU B 453 -56.13 6.01 35.61
C GLU B 453 -55.02 6.94 35.07
N SER B 454 -54.95 8.15 35.63
CA SER B 454 -53.86 9.12 35.42
C SER B 454 -52.46 8.51 35.28
N VAL B 455 -52.17 7.53 36.13
CA VAL B 455 -50.87 6.84 36.18
C VAL B 455 -50.54 6.08 34.89
N LYS B 456 -51.55 5.59 34.18
CA LYS B 456 -51.32 4.87 32.92
C LYS B 456 -51.11 5.85 31.78
N GLU B 457 -51.69 7.04 31.89
CA GLU B 457 -51.42 8.14 30.95
C GLU B 457 -50.17 9.00 31.29
N ASN B 458 -49.64 8.91 32.52
CA ASN B 458 -48.48 9.74 32.93
C ASN B 458 -47.41 9.04 33.81
N PRO B 459 -46.93 7.84 33.42
CA PRO B 459 -46.07 7.02 34.29
C PRO B 459 -44.70 7.57 34.67
N ALA B 460 -44.04 6.87 35.60
CA ALA B 460 -42.67 7.15 35.96
C ALA B 460 -41.88 5.85 36.12
N VAL B 461 -40.57 5.92 35.93
CA VAL B 461 -39.79 4.71 35.88
C VAL B 461 -39.58 4.15 37.27
N ILE B 462 -39.93 2.89 37.45
CA ILE B 462 -39.75 2.21 38.73
C ILE B 462 -39.15 0.83 38.44
N ASP B 463 -38.68 0.12 39.47
CA ASP B 463 -38.33 -1.28 39.29
C ASP B 463 -37.45 -1.54 38.01
N PHE B 464 -36.24 -0.97 37.94
CA PHE B 464 -35.43 -0.89 36.68
C PHE B 464 -33.93 -1.31 36.77
N GLU B 465 -33.37 -1.91 35.72
CA GLU B 465 -31.92 -2.21 35.69
C GLU B 465 -31.07 -1.19 34.92
N LEU B 466 -29.82 -1.00 35.37
CA LEU B 466 -28.95 0.06 34.85
C LEU B 466 -27.71 -0.51 34.21
N ALA B 467 -26.91 0.38 33.63
CA ALA B 467 -25.66 0.04 32.95
C ALA B 467 -24.94 1.36 32.70
N PRO B 468 -23.57 1.36 32.75
CA PRO B 468 -22.77 2.60 32.78
C PRO B 468 -22.93 3.48 31.54
N ILE B 469 -23.18 4.78 31.73
CA ILE B 469 -23.44 5.74 30.62
C ILE B 469 -22.26 5.78 29.66
N VAL B 470 -21.14 5.27 30.15
CA VAL B 470 -19.91 5.28 29.42
C VAL B 470 -19.93 4.24 28.29
N ASP B 471 -20.54 3.07 28.50
CA ASP B 471 -20.63 2.02 27.47
C ASP B 471 -21.39 2.53 26.27
N LEU B 472 -22.08 3.67 26.45
CA LEU B 472 -22.88 4.28 25.40
C LEU B 472 -22.03 4.97 24.35
N VAL B 473 -21.00 5.69 24.79
CA VAL B 473 -20.15 6.46 23.87
C VAL B 473 -19.22 5.54 23.08
N ARG B 474 -19.70 5.06 21.94
CA ARG B 474 -18.95 4.07 21.17
C ARG B 474 -18.60 4.47 19.74
N ASN B 475 -19.33 5.40 19.12
CA ASN B 475 -19.05 5.72 17.71
C ASN B 475 -19.01 7.21 17.36
N ILE B 476 -18.24 7.95 18.13
CA ILE B 476 -18.11 9.39 17.96
C ILE B 476 -16.79 9.61 17.19
N PRO B 477 -16.23 10.86 17.17
CA PRO B 477 -14.95 11.00 16.48
C PRO B 477 -13.89 10.21 17.21
N CYS B 478 -13.69 10.56 18.47
CA CYS B 478 -12.62 9.94 19.18
C CYS B 478 -13.22 9.08 20.31
N ALA B 479 -13.77 7.93 19.92
CA ALA B 479 -14.50 7.09 20.87
C ALA B 479 -13.53 6.52 21.90
N VAL B 480 -12.66 5.62 21.43
CA VAL B 480 -11.68 4.94 22.25
C VAL B 480 -10.94 5.93 23.15
N THR B 481 -10.60 7.09 22.59
CA THR B 481 -9.96 8.14 23.39
C THR B 481 -10.89 8.68 24.47
N LYS B 482 -12.10 9.12 24.10
CA LYS B 482 -13.02 9.74 25.06
C LYS B 482 -13.69 8.74 26.04
N ARG B 483 -13.92 7.51 25.57
CA ARG B 483 -14.49 6.45 26.42
C ARG B 483 -13.53 6.06 27.54
N ASN B 484 -12.24 5.93 27.25
CA ASN B 484 -11.27 5.60 28.30
C ASN B 484 -10.92 6.81 29.13
N ASN B 485 -11.01 7.97 28.51
CA ASN B 485 -10.84 9.22 29.23
C ASN B 485 -11.91 9.37 30.28
N LEU B 486 -13.04 8.68 30.08
CA LEU B 486 -14.23 8.89 30.91
C LEU B 486 -14.34 7.91 32.06
N ARG B 487 -13.94 6.65 31.85
CA ARG B 487 -13.88 5.67 32.94
C ARG B 487 -12.98 6.21 34.05
N LYS B 488 -11.87 6.84 33.67
CA LYS B 488 -10.91 7.41 34.61
C LYS B 488 -11.59 8.55 35.34
N ALA B 489 -12.23 9.42 34.57
CA ALA B 489 -12.95 10.56 35.11
C ALA B 489 -14.08 10.12 36.00
N LEU B 490 -14.51 8.87 35.84
CA LEU B 490 -15.66 8.33 36.55
C LEU B 490 -15.31 8.05 38.00
N GLN B 491 -14.10 7.49 38.18
CA GLN B 491 -13.50 7.19 39.48
C GLN B 491 -13.44 8.43 40.35
N GLU B 492 -12.72 9.44 39.86
CA GLU B 492 -12.48 10.69 40.57
C GLU B 492 -13.80 11.36 40.95
N TYR B 493 -14.80 11.23 40.08
CA TYR B 493 -16.12 11.84 40.28
C TYR B 493 -16.84 11.20 41.43
N ALA B 494 -16.68 9.89 41.53
CA ALA B 494 -17.28 9.09 42.62
C ALA B 494 -16.90 9.52 44.06
N ALA B 495 -15.65 9.95 44.21
CA ALA B 495 -15.09 10.24 45.54
C ALA B 495 -15.75 11.43 46.24
N LYS B 496 -16.15 12.44 45.47
CA LYS B 496 -16.75 13.66 46.02
C LYS B 496 -18.11 13.36 46.61
N PHE B 497 -18.83 12.45 45.95
CA PHE B 497 -20.18 12.05 46.36
C PHE B 497 -20.20 11.27 47.68
N ASP B 498 -19.16 10.48 47.95
CA ASP B 498 -19.08 9.72 49.20
C ASP B 498 -19.16 10.62 50.45
N PRO B 499 -19.88 10.16 51.49
CA PRO B 499 -20.05 10.83 52.77
C PRO B 499 -18.99 10.51 53.81
N CYS B 500 -17.93 9.81 53.42
CA CYS B 500 -16.82 9.56 54.33
C CYS B 500 -16.27 10.87 54.89
N GLN B 501 -16.21 11.88 54.03
CA GLN B 501 -15.71 13.19 54.46
C GLN B 501 -16.50 13.87 55.58
N CYS B 502 -17.79 13.63 55.71
CA CYS B 502 -18.54 14.17 56.86
C CYS B 502 -17.90 13.84 58.20
N ALA B 503 -17.81 14.82 59.09
CA ALA B 503 -17.32 14.60 60.46
C ALA B 503 -18.38 13.78 61.21
N PRO B 504 -18.00 13.01 62.25
CA PRO B 504 -19.00 12.07 62.78
C PRO B 504 -20.12 12.77 63.53
N CYS B 505 -21.24 12.06 63.69
CA CYS B 505 -22.36 12.60 64.44
C CYS B 505 -22.37 12.11 65.87
N PRO B 506 -22.62 13.02 66.82
CA PRO B 506 -22.66 12.79 68.24
C PRO B 506 -22.98 11.36 68.69
N ASN B 507 -24.01 10.72 68.12
CA ASN B 507 -24.46 9.49 68.72
C ASN B 507 -24.65 8.30 67.82
N ASN B 508 -23.55 7.60 67.56
CA ASN B 508 -23.52 6.55 66.54
C ASN B 508 -24.33 6.96 65.33
N GLY B 509 -24.62 8.27 65.28
CA GLY B 509 -25.38 8.87 64.21
C GLY B 509 -24.61 8.65 62.93
N ARG B 510 -25.33 8.18 61.91
CA ARG B 510 -24.70 8.01 60.63
C ARG B 510 -24.98 9.24 59.77
N PRO B 511 -23.94 10.05 59.54
CA PRO B 511 -24.02 11.31 58.80
C PRO B 511 -24.29 11.06 57.33
N THR B 512 -25.26 11.75 56.74
CA THR B 512 -25.43 11.56 55.31
C THR B 512 -25.33 12.83 54.50
N LEU B 513 -24.64 12.73 53.37
CA LEU B 513 -24.46 13.86 52.49
C LEU B 513 -25.65 14.07 51.55
N SER B 514 -26.03 15.33 51.42
CA SER B 514 -26.75 15.78 50.25
C SER B 514 -26.18 17.15 49.86
N GLY B 515 -25.70 17.23 48.61
CA GLY B 515 -25.15 18.45 48.05
C GLY B 515 -23.84 18.81 48.72
N THR B 516 -23.82 19.98 49.35
CA THR B 516 -22.62 20.45 50.07
C THR B 516 -22.72 20.33 51.60
N GLU B 517 -23.76 19.64 52.08
CA GLU B 517 -23.96 19.52 53.51
C GLU B 517 -24.21 18.10 54.03
N CYS B 518 -23.65 17.87 55.21
CA CYS B 518 -23.92 16.70 56.02
C CYS B 518 -24.97 17.03 57.08
N LEU B 519 -26.18 16.52 56.90
CA LEU B 519 -27.15 16.43 57.99
C LEU B 519 -27.03 15.05 58.67
N CYS B 520 -27.19 15.05 59.99
CA CYS B 520 -26.95 13.85 60.77
C CYS B 520 -28.19 12.97 60.84
N VAL B 521 -28.02 11.67 60.55
CA VAL B 521 -29.11 10.68 60.74
C VAL B 521 -29.04 10.04 62.16
N CYS B 522 -30.15 10.10 62.91
CA CYS B 522 -30.21 9.71 64.34
C CYS B 522 -30.57 8.26 64.65
N GLN B 523 -29.90 7.69 65.66
CA GLN B 523 -30.25 6.37 66.19
C GLN B 523 -31.52 6.46 67.03
N SER B 524 -32.29 5.37 67.04
CA SER B 524 -33.58 5.28 67.76
C SER B 524 -33.46 5.62 69.24
N GLY B 525 -34.23 6.60 69.68
CA GLY B 525 -34.18 7.05 71.07
C GLY B 525 -33.40 8.33 71.27
N THR B 526 -32.81 8.86 70.18
CA THR B 526 -32.11 10.15 70.19
C THR B 526 -32.77 11.13 69.22
N TYR B 527 -32.75 12.43 69.52
CA TYR B 527 -33.15 13.46 68.56
C TYR B 527 -32.31 14.72 68.72
N GLY B 528 -32.86 15.85 68.31
CA GLY B 528 -32.09 17.09 68.34
C GLY B 528 -31.28 17.25 67.07
N GLU B 529 -30.73 18.44 66.90
CA GLU B 529 -30.21 18.88 65.61
C GLU B 529 -29.09 18.02 65.04
N ASN B 530 -28.30 17.41 65.94
CA ASN B 530 -27.22 16.51 65.57
C ASN B 530 -27.27 15.24 66.41
N CYS B 531 -28.49 14.83 66.76
CA CYS B 531 -28.71 13.62 67.57
C CYS B 531 -28.01 13.67 68.92
N GLU B 532 -27.90 14.87 69.48
CA GLU B 532 -27.30 15.07 70.79
C GLU B 532 -28.31 14.79 71.93
N LYS B 533 -29.54 15.26 71.76
CA LYS B 533 -30.62 15.06 72.75
C LYS B 533 -31.02 13.59 72.83
N GLN B 534 -31.36 13.14 74.04
CA GLN B 534 -32.01 11.83 74.20
C GLN B 534 -32.98 11.84 75.37
N SER B 535 -34.19 11.32 75.14
CA SER B 535 -35.11 11.07 76.23
C SER B 535 -34.52 9.93 77.06
N PRO B 536 -34.82 9.88 78.37
CA PRO B 536 -34.21 8.87 79.26
C PRO B 536 -34.44 7.42 78.82
N ASP B 537 -35.25 7.23 77.78
CA ASP B 537 -35.42 5.91 77.16
C ASP B 537 -34.13 5.35 76.55
N TYR B 538 -33.33 6.21 75.89
CA TYR B 538 -32.02 5.80 75.37
C TYR B 538 -31.11 5.50 76.53
N LYS B 539 -30.56 4.29 76.49
CA LYS B 539 -29.90 3.70 77.61
C LYS B 539 -28.61 3.08 77.09
N SER B 540 -27.87 3.82 76.27
CA SER B 540 -26.65 3.27 75.67
C SER B 540 -25.56 4.24 75.23
N ASN B 541 -24.32 3.86 75.52
CA ASN B 541 -23.12 4.43 74.91
C ASN B 541 -22.14 3.37 74.41
N ALA B 542 -22.59 2.74 73.34
CA ALA B 542 -21.75 1.96 72.48
C ALA B 542 -21.57 2.81 71.22
N VAL B 543 -20.37 2.77 70.65
CA VAL B 543 -20.11 3.49 69.40
C VAL B 543 -19.60 2.53 68.34
N ASP B 544 -20.12 2.67 67.12
CA ASP B 544 -19.71 1.87 65.97
C ASP B 544 -18.64 2.61 65.21
N GLY B 545 -17.66 1.88 64.71
CA GLY B 545 -16.62 2.45 63.83
C GLY B 545 -17.06 2.79 62.41
N GLN B 546 -16.55 3.88 61.86
CA GLN B 546 -16.75 4.18 60.45
C GLN B 546 -15.46 4.76 59.85
N TRP B 547 -15.17 4.36 58.59
CA TRP B 547 -13.92 4.74 57.89
C TRP B 547 -13.68 6.19 57.83
N GLY B 548 -12.40 6.56 57.87
CA GLY B 548 -11.99 7.86 57.34
C GLY B 548 -12.13 7.74 55.83
N CYS B 549 -12.05 8.85 55.12
CA CYS B 549 -12.00 8.78 53.66
C CYS B 549 -10.75 8.02 53.22
N TRP B 550 -10.68 7.65 51.94
CA TRP B 550 -9.46 6.99 51.42
C TRP B 550 -8.25 7.86 51.43
N SER B 551 -7.12 7.26 51.04
CA SER B 551 -5.88 8.00 50.92
C SER B 551 -5.75 8.55 49.52
N SER B 552 -4.76 9.41 49.32
CA SER B 552 -4.31 9.71 47.97
C SER B 552 -3.39 8.59 47.55
N TRP B 553 -3.49 8.20 46.28
CA TRP B 553 -2.71 7.11 45.75
C TRP B 553 -1.24 7.36 45.95
N SER B 554 -0.50 6.29 46.27
CA SER B 554 0.97 6.32 46.29
C SER B 554 1.47 6.36 44.85
N THR B 555 2.58 7.05 44.59
CA THR B 555 3.07 7.14 43.21
C THR B 555 3.30 5.75 42.61
N CYS B 556 3.15 5.61 41.28
CA CYS B 556 3.32 4.29 40.67
C CYS B 556 4.69 3.68 40.94
N ASP B 557 4.74 2.35 41.01
CA ASP B 557 5.85 1.67 41.68
C ASP B 557 6.86 0.98 40.77
N ALA B 558 7.86 0.39 41.44
CA ALA B 558 8.77 -0.59 40.88
C ALA B 558 8.05 -1.70 40.13
N THR B 559 6.85 -2.06 40.61
CA THR B 559 5.93 -2.94 39.90
C THR B 559 4.77 -2.12 39.34
N TYR B 560 3.77 -2.81 38.76
CA TYR B 560 2.55 -2.11 38.39
C TYR B 560 2.03 -1.43 39.65
N LYS B 561 2.36 -2.00 40.79
CA LYS B 561 1.59 -1.79 42.02
C LYS B 561 1.52 -0.33 42.54
N ARG B 562 0.39 0.00 43.17
CA ARG B 562 0.09 1.31 43.77
C ARG B 562 -0.69 1.13 45.08
N SER B 563 -0.62 2.10 46.00
CA SER B 563 -1.22 1.94 47.32
C SER B 563 -2.22 3.02 47.74
N ARG B 564 -3.30 2.58 48.36
CA ARG B 564 -4.28 3.47 48.98
C ARG B 564 -4.64 2.96 50.38
N THR B 565 -5.07 3.86 51.28
CA THR B 565 -5.34 3.48 52.69
C THR B 565 -6.38 4.32 53.42
N ARG B 566 -7.18 3.62 54.23
CA ARG B 566 -8.06 4.26 55.21
C ARG B 566 -7.74 3.67 56.58
N GLU B 567 -8.13 4.40 57.62
CA GLU B 567 -8.11 3.81 58.94
C GLU B 567 -9.47 3.96 59.58
N CYS B 568 -9.77 3.02 60.47
CA CYS B 568 -11.10 2.87 61.09
C CYS B 568 -11.40 3.93 62.17
N ASN B 569 -11.16 5.20 61.85
CA ASN B 569 -11.18 6.24 62.89
C ASN B 569 -12.20 7.37 62.80
N ASN B 570 -13.08 7.44 61.81
CA ASN B 570 -13.97 8.61 61.79
C ASN B 570 -14.81 8.73 63.07
N PRO B 571 -15.41 7.62 63.45
CA PRO B 571 -15.99 7.27 64.72
C PRO B 571 -15.44 5.92 65.18
N ALA B 572 -14.13 5.91 65.44
CA ALA B 572 -13.43 4.76 65.90
C ALA B 572 -14.24 4.25 67.05
N PRO B 573 -14.39 2.93 67.05
CA PRO B 573 -15.25 2.12 67.89
C PRO B 573 -14.93 2.25 69.38
N GLN B 574 -15.97 2.17 70.21
CA GLN B 574 -15.82 2.25 71.66
C GLN B 574 -16.84 1.40 72.43
N ARG B 575 -16.43 0.94 73.61
CA ARG B 575 -17.26 0.18 74.53
C ARG B 575 -18.23 -0.75 73.86
N GLY B 576 -17.70 -1.50 72.90
CA GLY B 576 -18.42 -2.59 72.27
C GLY B 576 -19.22 -2.20 71.05
N GLY B 577 -18.73 -1.22 70.30
CA GLY B 577 -19.39 -0.85 69.06
C GLY B 577 -18.85 -1.68 67.92
N LYS B 578 -19.64 -1.82 66.85
CA LYS B 578 -19.24 -2.63 65.68
C LYS B 578 -17.93 -2.11 65.08
N ARG B 579 -16.99 -3.04 64.86
CA ARG B 579 -15.75 -2.76 64.16
C ARG B 579 -16.08 -2.45 62.72
N CYS B 580 -15.45 -1.43 62.15
CA CYS B 580 -15.81 -1.08 60.79
C CYS B 580 -15.30 -2.18 59.83
N GLU B 581 -16.09 -2.47 58.79
CA GLU B 581 -15.87 -3.61 57.89
C GLU B 581 -15.47 -3.16 56.50
N GLY B 582 -14.42 -3.81 55.97
CA GLY B 582 -13.87 -3.51 54.64
C GLY B 582 -12.35 -3.66 54.50
N GLU B 583 -11.76 -2.75 53.76
CA GLU B 583 -10.32 -2.80 53.48
C GLU B 583 -9.67 -1.65 54.23
N LYS B 584 -8.55 -1.94 54.91
CA LYS B 584 -7.70 -0.85 55.40
C LYS B 584 -6.88 -0.32 54.21
N ARG B 585 -6.59 -1.23 53.29
CA ARG B 585 -5.61 -1.00 52.24
C ARG B 585 -6.15 -1.48 50.90
N GLN B 586 -5.54 -1.01 49.81
CA GLN B 586 -5.95 -1.34 48.46
C GLN B 586 -4.81 -1.28 47.44
N GLU B 587 -4.49 -2.44 46.87
CA GLU B 587 -3.58 -2.54 45.75
C GLU B 587 -4.39 -2.66 44.46
N GLU B 588 -4.18 -1.70 43.58
CA GLU B 588 -4.48 -1.85 42.18
C GLU B 588 -3.13 -1.70 41.51
N ASP B 589 -2.99 -2.23 40.29
CA ASP B 589 -1.77 -2.03 39.52
C ASP B 589 -1.87 -0.80 38.61
N CYS B 590 -0.73 -0.18 38.32
CA CYS B 590 -0.70 1.14 37.65
C CYS B 590 0.42 1.31 36.68
N THR B 591 0.36 2.45 35.97
CA THR B 591 1.29 2.78 34.91
C THR B 591 1.74 4.27 34.79
N PHE B 592 2.66 4.46 33.85
CA PHE B 592 3.41 5.69 33.61
C PHE B 592 3.42 5.92 32.10
N SER B 593 3.62 7.16 31.70
CA SER B 593 3.51 7.52 30.30
C SER B 593 4.87 7.97 29.77
N ILE B 594 5.31 7.38 28.67
CA ILE B 594 6.73 7.45 28.33
C ILE B 594 7.10 7.92 26.93
N MET B 595 6.27 7.60 25.95
CA MET B 595 6.71 7.68 24.56
C MET B 595 6.49 9.01 23.90
N GLU B 596 5.33 9.59 24.16
CA GLU B 596 4.81 10.64 23.29
C GLU B 596 5.02 12.03 23.82
N ASN B 597 4.99 12.98 22.90
CA ASN B 597 4.98 14.39 23.19
C ASN B 597 3.83 15.03 22.45
N ASN B 598 3.88 14.95 21.12
CA ASN B 598 2.96 15.67 20.24
C ASN B 598 1.46 15.51 20.51
N GLY B 599 0.90 14.38 20.13
CA GLY B 599 -0.52 14.27 19.87
C GLY B 599 -1.52 14.54 20.96
N GLN B 600 -1.41 13.82 22.08
CA GLN B 600 -2.61 13.34 22.79
C GLN B 600 -3.57 12.84 21.69
N PRO B 601 -3.39 11.58 21.29
CA PRO B 601 -3.86 11.07 20.01
C PRO B 601 -5.35 10.78 20.01
N CYS B 602 -5.84 10.47 18.83
CA CYS B 602 -7.19 10.02 18.72
C CYS B 602 -7.22 8.68 18.02
N ILE B 603 -7.51 7.63 18.79
CA ILE B 603 -7.98 6.39 18.17
C ILE B 603 -9.48 6.32 18.35
N ASN B 604 -10.13 5.72 17.37
CA ASN B 604 -11.57 5.61 17.31
C ASN B 604 -11.89 4.15 17.07
N ASP B 605 -13.08 3.72 17.50
CA ASP B 605 -13.44 2.33 17.46
C ASP B 605 -13.25 1.70 16.08
N ASP B 606 -12.01 1.32 15.80
CA ASP B 606 -11.65 0.74 14.53
C ASP B 606 -11.91 -0.74 14.65
N GLU B 607 -11.71 -1.47 13.56
CA GLU B 607 -11.81 -2.90 13.65
C GLU B 607 -10.58 -3.64 13.17
N GLU B 608 -9.95 -4.35 14.12
CA GLU B 608 -8.74 -5.12 13.90
C GLU B 608 -8.95 -6.20 12.82
N MET B 609 -7.87 -6.68 12.20
CA MET B 609 -7.95 -7.80 11.26
C MET B 609 -6.62 -8.48 11.03
N LYS B 610 -6.62 -9.81 11.16
CA LYS B 610 -5.45 -10.60 10.78
C LYS B 610 -5.10 -10.20 9.34
N GLU B 611 -3.82 -9.92 9.14
CA GLU B 611 -3.34 -9.37 7.88
C GLU B 611 -3.61 -10.21 6.61
N VAL B 612 -3.53 -11.53 6.72
CA VAL B 612 -3.63 -12.41 5.54
C VAL B 612 -4.95 -12.21 4.79
N ASP B 613 -6.02 -11.94 5.54
CA ASP B 613 -7.41 -12.01 5.04
C ASP B 613 -7.85 -10.86 4.13
N LEU B 614 -7.14 -9.73 4.17
CA LEU B 614 -7.43 -8.62 3.28
C LEU B 614 -6.41 -8.54 2.15
N PRO B 615 -6.77 -9.01 0.92
CA PRO B 615 -5.98 -8.92 -0.31
C PRO B 615 -6.78 -8.37 -1.49
N GLU B 616 -6.84 -7.05 -1.64
CA GLU B 616 -7.94 -6.48 -2.39
C GLU B 616 -7.78 -5.44 -3.50
N ILE B 617 -6.72 -4.64 -3.53
CA ILE B 617 -6.73 -3.57 -4.56
C ILE B 617 -5.56 -3.61 -5.55
N GLU B 618 -5.86 -3.44 -6.84
CA GLU B 618 -4.82 -3.45 -7.89
C GLU B 618 -4.80 -2.19 -8.80
N ALA B 619 -5.77 -1.30 -8.55
CA ALA B 619 -5.98 -0.10 -9.35
C ALA B 619 -4.67 0.67 -9.43
N ASP B 620 -3.88 0.52 -8.37
CA ASP B 620 -2.62 1.19 -8.18
C ASP B 620 -1.65 0.86 -9.31
N SER B 621 -1.70 -0.38 -9.77
CA SER B 621 -0.92 -0.81 -10.96
C SER B 621 0.56 -1.18 -10.72
N GLY B 622 1.05 -1.04 -9.49
CA GLY B 622 2.31 -1.68 -9.10
C GLY B 622 2.26 -3.22 -9.20
N CYS B 623 3.42 -3.85 -9.32
CA CYS B 623 3.50 -5.31 -9.36
C CYS B 623 3.33 -5.97 -7.98
N PRO B 624 2.60 -7.10 -7.93
CA PRO B 624 2.47 -7.88 -6.71
C PRO B 624 3.83 -8.44 -6.29
N GLN B 625 3.92 -8.99 -5.08
CA GLN B 625 5.14 -9.71 -4.68
C GLN B 625 5.46 -10.82 -5.70
N PRO B 626 6.70 -10.87 -6.20
CA PRO B 626 7.08 -11.88 -7.18
C PRO B 626 7.56 -13.18 -6.55
N VAL B 627 7.97 -14.14 -7.39
CA VAL B 627 8.35 -15.48 -6.93
C VAL B 627 9.84 -15.65 -6.87
N PRO B 628 10.41 -15.76 -5.65
CA PRO B 628 11.86 -16.01 -5.55
C PRO B 628 12.22 -17.34 -6.17
N PRO B 629 13.48 -17.52 -6.59
CA PRO B 629 13.82 -18.82 -7.16
C PRO B 629 14.16 -19.79 -6.05
N GLU B 630 14.03 -21.08 -6.35
CA GLU B 630 14.31 -22.19 -5.43
C GLU B 630 15.56 -21.97 -4.60
N ASN B 631 15.42 -22.10 -3.28
CA ASN B 631 16.50 -21.79 -2.32
C ASN B 631 16.81 -20.30 -2.08
N GLY B 632 15.99 -19.40 -2.60
CA GLY B 632 16.20 -17.97 -2.39
C GLY B 632 15.02 -17.24 -1.81
N PHE B 633 15.18 -15.95 -1.61
CA PHE B 633 14.13 -15.14 -1.02
C PHE B 633 14.25 -13.71 -1.53
N ILE B 634 13.16 -12.96 -1.45
CA ILE B 634 13.21 -11.55 -1.73
C ILE B 634 13.72 -10.81 -0.49
N ARG B 635 14.72 -9.96 -0.70
CA ARG B 635 15.33 -9.15 0.36
C ARG B 635 14.38 -8.10 0.89
N ASN B 636 13.34 -7.82 0.12
CA ASN B 636 12.60 -6.60 0.32
C ASN B 636 11.09 -6.69 0.16
N GLU B 637 10.41 -7.00 1.27
CA GLU B 637 8.97 -7.29 1.25
C GLU B 637 8.07 -6.05 1.14
N LYS B 638 7.07 -6.16 0.27
CA LYS B 638 5.89 -5.26 0.23
C LYS B 638 4.68 -6.04 -0.33
N GLN B 639 3.50 -5.43 -0.26
CA GLN B 639 2.34 -5.92 -1.01
C GLN B 639 2.37 -5.39 -2.44
N LEU B 640 2.46 -4.07 -2.58
CA LEU B 640 2.62 -3.38 -3.86
C LEU B 640 3.97 -2.68 -4.03
N TYR B 641 4.60 -2.88 -5.18
CA TYR B 641 5.74 -2.10 -5.60
C TYR B 641 5.36 -1.20 -6.76
N LEU B 642 5.79 0.05 -6.68
CA LEU B 642 5.58 0.99 -7.77
C LEU B 642 6.29 0.47 -9.04
N VAL B 643 5.71 0.78 -10.20
CA VAL B 643 6.35 0.48 -11.46
C VAL B 643 7.77 1.04 -11.52
N GLY B 644 8.75 0.23 -11.94
CA GLY B 644 10.16 0.65 -12.03
C GLY B 644 11.03 0.46 -10.78
N GLU B 645 10.41 0.00 -9.70
CA GLU B 645 11.09 -0.44 -8.48
C GLU B 645 11.84 -1.76 -8.74
N ASP B 646 13.00 -1.95 -8.11
CA ASP B 646 13.66 -3.26 -8.17
C ASP B 646 13.46 -3.97 -6.85
N VAL B 647 13.34 -5.30 -6.90
CA VAL B 647 13.46 -6.10 -5.67
C VAL B 647 14.63 -6.99 -5.83
N GLU B 648 15.39 -7.16 -4.76
CA GLU B 648 16.63 -7.88 -4.86
C GLU B 648 16.47 -9.31 -4.34
N ILE B 649 16.86 -10.29 -5.15
CA ILE B 649 16.85 -11.68 -4.74
C ILE B 649 18.21 -12.01 -4.18
N SER B 650 18.22 -12.67 -3.03
CA SER B 650 19.45 -13.22 -2.45
C SER B 650 19.17 -14.64 -2.13
N CYS B 651 20.16 -15.37 -1.63
CA CYS B 651 19.91 -16.76 -1.42
C CYS B 651 19.91 -17.16 0.06
N LEU B 652 19.16 -18.22 0.36
CA LEU B 652 19.17 -18.90 1.68
C LEU B 652 20.57 -19.33 2.06
N THR B 653 20.74 -19.65 3.34
CA THR B 653 22.04 -20.05 3.85
C THR B 653 22.60 -21.25 3.08
N GLY B 654 23.91 -21.24 2.83
CA GLY B 654 24.63 -22.36 2.19
C GLY B 654 24.52 -22.40 0.68
N PHE B 655 23.77 -21.41 0.16
CA PHE B 655 23.60 -21.15 -1.26
C PHE B 655 23.96 -19.68 -1.50
N GLU B 656 24.53 -19.38 -2.66
CA GLU B 656 24.94 -18.01 -3.00
C GLU B 656 24.47 -17.65 -4.41
N THR B 657 24.24 -16.35 -4.61
CA THR B 657 23.72 -15.83 -5.88
C THR B 657 24.63 -16.14 -7.07
N VAL B 658 24.03 -16.59 -8.16
CA VAL B 658 24.75 -16.73 -9.42
C VAL B 658 23.96 -15.92 -10.40
N GLY B 659 24.51 -14.76 -10.74
CA GLY B 659 23.99 -13.90 -11.81
C GLY B 659 23.18 -12.68 -11.43
N TYR B 660 22.33 -12.29 -12.35
CA TYR B 660 21.52 -11.12 -12.18
C TYR B 660 20.46 -11.27 -11.08
N GLN B 661 20.68 -10.44 -10.07
CA GLN B 661 20.08 -10.51 -8.76
C GLN B 661 18.75 -9.75 -8.62
N TYR B 662 18.28 -9.11 -9.70
CA TYR B 662 17.11 -8.20 -9.64
C TYR B 662 15.91 -8.54 -10.53
N PHE B 663 14.70 -8.27 -10.04
CA PHE B 663 13.54 -8.20 -10.91
C PHE B 663 13.12 -6.73 -10.94
N ARG B 664 12.68 -6.26 -12.12
CA ARG B 664 12.09 -4.92 -12.22
C ARG B 664 10.61 -4.99 -12.55
N CYS B 665 9.88 -4.15 -11.84
CA CYS B 665 8.45 -3.95 -11.98
C CYS B 665 8.16 -3.15 -13.25
N LEU B 666 7.36 -3.76 -14.12
CA LEU B 666 6.98 -3.16 -15.40
C LEU B 666 5.60 -2.51 -15.30
N PRO B 667 5.32 -1.48 -16.11
CA PRO B 667 4.00 -0.82 -16.06
C PRO B 667 2.91 -1.83 -16.43
N ASP B 668 3.34 -2.77 -17.27
CA ASP B 668 2.74 -4.06 -17.51
C ASP B 668 1.98 -4.60 -16.30
N GLY B 669 2.56 -4.43 -15.12
CA GLY B 669 2.16 -5.15 -13.92
C GLY B 669 3.08 -6.35 -13.74
N THR B 670 3.81 -6.70 -14.82
CA THR B 670 4.68 -7.90 -14.94
C THR B 670 6.11 -7.67 -14.44
N TRP B 671 6.80 -8.77 -14.12
CA TRP B 671 8.19 -8.68 -13.70
C TRP B 671 9.17 -9.04 -14.79
N ARG B 672 10.17 -8.19 -15.01
CA ARG B 672 11.36 -8.63 -15.76
C ARG B 672 12.19 -9.52 -14.86
N GLN B 673 12.43 -10.76 -15.30
CA GLN B 673 13.05 -11.74 -14.43
C GLN B 673 14.47 -12.20 -14.78
N GLY B 674 15.35 -12.00 -13.81
CA GLY B 674 16.79 -12.11 -13.96
C GLY B 674 17.39 -13.45 -14.27
N ASP B 675 18.64 -13.36 -14.69
CA ASP B 675 19.50 -14.47 -15.03
C ASP B 675 19.94 -15.25 -13.77
N VAL B 676 19.09 -15.31 -12.74
CA VAL B 676 19.54 -15.63 -11.38
C VAL B 676 19.37 -17.10 -11.00
N GLU B 677 20.37 -17.65 -10.30
CA GLU B 677 20.27 -18.98 -9.65
C GLU B 677 20.80 -18.98 -8.20
N CYS B 678 20.44 -20.00 -7.42
CA CYS B 678 21.03 -20.22 -6.09
C CYS B 678 21.85 -21.51 -6.04
N GLN B 679 22.84 -21.62 -6.91
CA GLN B 679 23.86 -22.66 -6.77
C GLN B 679 24.68 -22.35 -5.52
N ARG B 680 24.93 -23.37 -4.70
CA ARG B 680 26.03 -23.34 -3.74
C ARG B 680 26.02 -24.61 -2.99
N THR B 681 27.22 -25.02 -2.64
CA THR B 681 27.42 -26.28 -1.99
C THR B 681 28.00 -26.03 -0.58
N GLU B 682 27.10 -25.93 0.40
CA GLU B 682 27.44 -25.95 1.83
C GLU B 682 26.34 -26.60 2.62
N CYS B 683 26.44 -27.92 2.81
CA CYS B 683 25.41 -28.68 3.50
C CYS B 683 25.28 -28.11 4.93
N ILE B 684 24.05 -28.07 5.46
CA ILE B 684 23.82 -27.66 6.85
C ILE B 684 23.54 -28.89 7.69
N LYS B 685 23.37 -28.70 9.02
CA LYS B 685 23.16 -29.84 9.94
C LYS B 685 21.82 -30.50 9.71
N PRO B 686 21.84 -31.75 9.20
CA PRO B 686 20.65 -32.46 8.72
C PRO B 686 19.47 -32.61 9.69
N VAL B 687 18.36 -33.12 9.14
CA VAL B 687 17.07 -33.24 9.83
C VAL B 687 17.22 -34.13 11.10
N VAL B 688 17.46 -33.46 12.22
CA VAL B 688 17.92 -34.10 13.47
C VAL B 688 16.84 -34.83 14.23
N GLN B 689 17.03 -36.13 14.36
CA GLN B 689 16.21 -36.92 15.24
C GLN B 689 16.82 -36.96 16.64
N GLU B 690 16.00 -36.59 17.62
CA GLU B 690 16.44 -36.46 19.02
C GLU B 690 17.37 -37.59 19.47
N VAL B 691 17.13 -38.79 18.96
CA VAL B 691 17.89 -39.98 19.34
C VAL B 691 19.39 -39.90 18.97
N LEU B 692 19.72 -39.71 17.68
CA LEU B 692 21.13 -39.73 17.20
C LEU B 692 21.97 -38.53 17.66
N THR B 693 23.28 -38.56 17.35
CA THR B 693 24.19 -37.41 17.54
C THR B 693 25.29 -37.37 16.47
N ILE B 694 25.29 -36.35 15.62
CA ILE B 694 26.30 -36.27 14.54
C ILE B 694 27.67 -35.78 14.96
N THR B 695 28.70 -36.18 14.21
CA THR B 695 30.08 -35.83 14.51
C THR B 695 30.86 -35.69 13.22
N PRO B 696 31.60 -34.57 13.07
CA PRO B 696 31.66 -33.43 13.99
C PRO B 696 30.41 -32.55 13.96
N PHE B 697 30.19 -31.81 15.04
CA PHE B 697 29.01 -30.98 15.15
C PHE B 697 29.33 -29.52 14.74
N GLN B 698 28.86 -29.09 13.57
CA GLN B 698 29.14 -27.74 13.04
C GLN B 698 27.85 -27.04 12.59
N ARG B 699 27.86 -25.72 12.43
CA ARG B 699 26.72 -25.02 11.81
C ARG B 699 26.59 -25.26 10.29
N LEU B 700 27.75 -25.23 9.58
CA LEU B 700 27.85 -25.54 8.13
C LEU B 700 28.99 -26.45 7.75
N TYR B 701 28.70 -27.35 6.83
CA TYR B 701 29.63 -28.36 6.39
C TYR B 701 30.08 -28.06 4.98
N ARG B 702 31.32 -28.44 4.70
CA ARG B 702 31.94 -28.20 3.42
C ARG B 702 31.68 -29.31 2.42
N ILE B 703 31.57 -28.96 1.14
CA ILE B 703 31.54 -29.95 0.07
C ILE B 703 32.70 -30.92 0.24
N GLY B 704 32.36 -32.16 0.60
CA GLY B 704 33.34 -33.23 0.77
C GLY B 704 33.63 -33.66 2.21
N GLU B 705 32.96 -33.05 3.18
CA GLU B 705 33.10 -33.47 4.58
C GLU B 705 32.03 -34.47 4.91
N SER B 706 32.39 -35.44 5.73
CA SER B 706 31.47 -36.50 6.11
C SER B 706 31.13 -36.41 7.56
N ILE B 707 29.89 -36.74 7.85
CA ILE B 707 29.39 -36.75 9.22
C ILE B 707 29.24 -38.20 9.64
N GLU B 708 29.34 -38.45 10.94
CA GLU B 708 29.20 -39.80 11.48
C GLU B 708 28.08 -39.87 12.51
N LEU B 709 26.99 -40.53 12.14
CA LEU B 709 25.87 -40.73 13.03
C LEU B 709 26.18 -41.84 13.99
N THR B 710 26.14 -41.52 15.28
CA THR B 710 26.42 -42.49 16.34
C THR B 710 25.28 -42.50 17.36
N CYS B 711 25.08 -43.65 18.00
CA CYS B 711 24.08 -43.82 19.05
C CYS B 711 24.68 -44.49 20.30
N PRO B 712 23.94 -44.46 21.44
CA PRO B 712 24.30 -45.21 22.65
C PRO B 712 24.63 -46.71 22.44
N LYS B 713 25.16 -47.35 23.49
CA LYS B 713 25.78 -48.69 23.39
C LYS B 713 24.87 -49.83 22.89
N GLY B 714 23.70 -49.99 23.49
CA GLY B 714 22.80 -51.08 23.11
C GLY B 714 22.29 -51.02 21.69
N PHE B 715 22.54 -49.89 21.02
CA PHE B 715 21.86 -49.57 19.76
C PHE B 715 22.81 -49.27 18.59
N VAL B 716 22.31 -49.40 17.35
CA VAL B 716 22.99 -48.94 16.10
C VAL B 716 22.00 -48.31 15.08
N VAL B 717 22.55 -47.58 14.11
CA VAL B 717 21.79 -46.76 13.13
C VAL B 717 20.95 -47.54 12.11
N ALA B 718 19.67 -47.16 11.96
CA ALA B 718 18.74 -47.78 10.99
C ALA B 718 19.19 -47.67 9.52
N GLY B 719 19.48 -46.44 9.09
CA GLY B 719 20.10 -46.18 7.79
C GLY B 719 21.63 -46.25 7.87
N PRO B 720 22.31 -45.70 6.84
CA PRO B 720 23.76 -45.69 6.87
C PRO B 720 24.33 -44.72 7.91
N SER B 721 25.61 -44.87 8.21
CA SER B 721 26.25 -44.17 9.34
C SER B 721 27.09 -42.97 8.91
N ARG B 722 27.38 -42.90 7.63
CA ARG B 722 28.30 -41.89 7.11
C ARG B 722 27.71 -41.26 5.86
N TYR B 723 27.27 -40.01 5.99
CA TYR B 723 26.84 -39.29 4.82
C TYR B 723 27.94 -38.32 4.43
N THR B 724 28.02 -38.00 3.14
CA THR B 724 29.00 -37.06 2.60
C THR B 724 28.32 -35.91 1.87
N CYS B 725 28.94 -34.73 1.95
CA CYS B 725 28.38 -33.53 1.34
C CYS B 725 28.86 -33.27 -0.11
N GLN B 726 28.04 -33.69 -1.09
CA GLN B 726 28.32 -33.41 -2.49
C GLN B 726 27.32 -32.40 -3.03
N GLY B 727 26.98 -32.53 -4.33
CA GLY B 727 26.08 -31.64 -5.10
C GLY B 727 24.85 -31.06 -4.43
N ASN B 728 25.11 -30.13 -3.51
CA ASN B 728 24.16 -29.47 -2.58
C ASN B 728 23.29 -30.39 -1.68
N SER B 729 23.43 -31.70 -1.84
CA SER B 729 22.70 -32.67 -1.07
C SER B 729 23.70 -33.50 -0.28
N TRP B 730 23.22 -34.35 0.62
CA TRP B 730 24.09 -35.38 1.15
C TRP B 730 24.00 -36.63 0.31
N THR B 731 23.96 -37.81 0.93
CA THR B 731 23.86 -39.07 0.17
C THR B 731 23.00 -40.15 0.82
N PRO B 732 21.70 -39.90 1.05
CA PRO B 732 20.87 -38.74 1.42
C PRO B 732 20.25 -39.02 2.81
N PRO B 733 20.08 -37.99 3.68
CA PRO B 733 19.67 -38.28 5.05
C PRO B 733 18.19 -38.60 5.12
N ILE B 734 17.85 -39.53 6.00
CA ILE B 734 16.52 -40.13 6.05
C ILE B 734 15.35 -39.16 6.17
N SER B 735 15.59 -38.05 6.88
CA SER B 735 14.53 -37.14 7.25
C SER B 735 13.36 -37.94 7.85
N ASN B 736 13.63 -38.57 8.99
CA ASN B 736 12.63 -39.29 9.80
C ASN B 736 12.57 -40.81 9.59
N SER B 737 13.33 -41.31 8.61
CA SER B 737 13.39 -42.74 8.34
C SER B 737 14.57 -43.43 9.05
N LEU B 738 15.13 -42.79 10.08
CA LEU B 738 16.35 -43.28 10.74
C LEU B 738 16.49 -42.91 12.22
N THR B 739 16.61 -43.96 13.05
CA THR B 739 16.90 -43.91 14.51
C THR B 739 17.58 -45.24 14.94
N CYS B 740 17.99 -45.36 16.19
CA CYS B 740 18.72 -46.56 16.65
C CYS B 740 17.93 -47.47 17.62
N GLU B 741 17.40 -48.57 17.10
CA GLU B 741 16.66 -49.57 17.91
C GLU B 741 17.39 -50.91 17.89
N LYS B 742 17.57 -51.51 19.06
CA LYS B 742 18.33 -52.75 19.22
C LYS B 742 17.43 -53.98 19.06
N ASP B 743 17.93 -55.02 18.37
CA ASP B 743 17.25 -56.33 18.30
C ASP B 743 16.62 -56.77 19.64
N THR B 744 15.52 -57.53 19.56
CA THR B 744 14.72 -57.97 20.73
C THR B 744 14.29 -56.83 21.69
N LEU B 745 13.90 -55.68 21.11
CA LEU B 745 13.48 -54.46 21.84
C LEU B 745 12.91 -54.75 23.22
N GLY B 750 15.42 -57.46 33.03
CA GLY B 750 15.90 -58.83 33.07
C GLY B 750 15.87 -59.49 31.70
N HIS B 751 16.92 -59.26 30.92
CA HIS B 751 17.11 -59.91 29.61
C HIS B 751 16.86 -61.38 29.64
N CYS B 752 16.26 -61.89 28.57
CA CYS B 752 15.89 -63.29 28.47
C CYS B 752 16.79 -63.99 27.45
N GLN B 753 16.94 -65.31 27.61
CA GLN B 753 17.87 -66.08 26.79
C GLN B 753 17.45 -66.21 25.34
N LEU B 754 18.38 -66.69 24.52
CA LEU B 754 18.25 -66.64 23.07
C LEU B 754 17.05 -67.40 22.49
N GLY B 755 16.50 -68.35 23.24
CA GLY B 755 15.28 -69.02 22.79
C GLY B 755 14.00 -68.22 22.98
N GLN B 756 14.07 -67.19 23.83
CA GLN B 756 12.87 -66.56 24.38
C GLN B 756 12.78 -65.07 24.06
N LYS B 757 11.65 -64.46 24.44
CA LYS B 757 11.47 -63.00 24.41
C LYS B 757 10.72 -62.55 25.65
N GLN B 758 10.75 -61.25 25.93
CA GLN B 758 10.03 -60.71 27.08
C GLN B 758 8.64 -60.24 26.71
N SER B 759 7.64 -60.68 27.49
CA SER B 759 6.22 -60.37 27.22
C SER B 759 5.34 -60.56 28.48
N GLY B 760 5.36 -59.54 29.35
CA GLY B 760 4.60 -59.55 30.60
C GLY B 760 5.47 -59.42 31.84
N SER B 761 6.65 -58.84 31.67
CA SER B 761 7.71 -58.76 32.70
C SER B 761 8.09 -60.15 33.25
N GLU B 762 8.01 -61.15 32.37
CA GLU B 762 8.38 -62.52 32.69
C GLU B 762 8.82 -63.23 31.42
N CYS B 763 10.02 -63.82 31.47
CA CYS B 763 10.66 -64.45 30.31
C CYS B 763 9.99 -65.75 29.88
N ILE B 764 9.15 -65.65 28.84
CA ILE B 764 8.52 -66.82 28.21
C ILE B 764 8.81 -66.84 26.69
N CYS B 765 8.80 -68.04 26.13
CA CYS B 765 9.19 -68.30 24.74
C CYS B 765 8.51 -67.48 23.66
N MET B 766 9.25 -67.12 22.63
CA MET B 766 8.66 -66.54 21.43
C MET B 766 8.04 -67.63 20.57
N SER B 767 6.85 -67.35 20.02
CA SER B 767 6.12 -68.34 19.21
C SER B 767 6.74 -68.48 17.83
N PRO B 768 6.90 -69.74 17.34
CA PRO B 768 7.51 -69.96 16.03
C PRO B 768 6.78 -69.23 14.90
N GLU B 769 5.48 -69.48 14.80
CA GLU B 769 4.64 -68.94 13.75
C GLU B 769 4.60 -67.41 13.74
N GLU B 770 4.39 -66.83 14.93
CA GLU B 770 4.04 -65.41 15.04
C GLU B 770 5.23 -64.45 14.93
N ASP B 771 6.14 -64.53 15.90
CA ASP B 771 7.16 -63.51 16.12
C ASP B 771 8.30 -63.54 15.10
N CYS B 772 8.44 -64.68 14.44
CA CYS B 772 9.54 -64.85 13.50
C CYS B 772 9.18 -64.51 12.07
N SER B 773 10.02 -63.66 11.49
CA SER B 773 9.65 -62.82 10.37
C SER B 773 10.86 -61.99 9.91
N HIS B 774 11.61 -61.46 10.86
CA HIS B 774 12.83 -60.70 10.55
C HIS B 774 13.95 -61.65 10.23
N HIS B 775 14.61 -61.43 9.09
CA HIS B 775 15.55 -62.38 8.47
C HIS B 775 16.87 -62.59 9.18
N SER B 776 16.93 -63.62 10.02
CA SER B 776 18.19 -64.10 10.58
C SER B 776 18.91 -64.98 9.56
N GLU B 777 20.09 -65.47 9.93
CA GLU B 777 20.91 -66.30 9.03
C GLU B 777 20.27 -67.66 8.76
N ASP B 778 20.46 -68.18 7.56
CA ASP B 778 20.15 -69.58 7.29
C ASP B 778 21.02 -70.41 8.21
N LEU B 779 20.40 -71.14 9.14
CA LEU B 779 21.12 -72.11 9.96
C LEU B 779 20.85 -73.54 9.48
N CYS B 780 21.64 -74.49 10.00
CA CYS B 780 21.45 -75.89 9.70
C CYS B 780 21.08 -76.57 11.00
N VAL B 781 20.11 -77.49 10.98
CA VAL B 781 19.68 -78.13 12.23
C VAL B 781 19.31 -79.59 12.11
N PHE B 782 19.65 -80.37 13.12
CA PHE B 782 19.29 -81.77 13.13
C PHE B 782 18.06 -81.99 13.98
N ASP B 783 17.19 -82.89 13.52
CA ASP B 783 15.86 -83.19 14.11
C ASP B 783 15.68 -84.69 14.45
N THR B 784 15.65 -85.04 15.74
CA THR B 784 15.58 -86.44 16.23
C THR B 784 14.32 -87.20 15.78
N ASP B 785 13.23 -86.47 15.54
CA ASP B 785 11.97 -87.04 15.04
C ASP B 785 12.03 -87.40 13.56
N SER B 786 12.84 -86.64 12.83
CA SER B 786 12.98 -86.86 11.42
C SER B 786 14.11 -87.86 11.15
N ASN B 787 15.17 -87.77 11.94
CA ASN B 787 16.40 -88.56 11.76
C ASN B 787 17.15 -88.08 10.51
N ASP B 788 17.02 -86.79 10.24
CA ASP B 788 17.63 -86.13 9.10
C ASP B 788 17.86 -84.70 9.58
N TYR B 789 18.04 -83.77 8.66
CA TYR B 789 18.20 -82.38 9.03
C TYR B 789 17.41 -81.49 8.10
N PHE B 790 17.31 -80.21 8.48
CA PHE B 790 16.85 -79.19 7.54
C PHE B 790 17.50 -77.82 7.77
N THR B 791 17.74 -77.13 6.66
CA THR B 791 18.15 -75.74 6.69
C THR B 791 16.98 -74.90 7.17
N SER B 792 17.23 -74.02 8.12
CA SER B 792 16.16 -73.29 8.75
C SER B 792 16.61 -71.91 9.19
N PRO B 793 15.75 -70.89 9.00
CA PRO B 793 15.99 -69.57 9.61
C PRO B 793 16.32 -69.71 11.10
N ALA B 794 16.99 -68.72 11.67
CA ALA B 794 17.44 -68.82 13.06
C ALA B 794 16.34 -68.55 14.07
N CYS B 795 15.66 -67.41 13.91
CA CYS B 795 14.56 -67.03 14.77
C CYS B 795 13.65 -68.24 15.02
N LYS B 796 13.15 -68.83 13.93
CA LYS B 796 12.25 -69.98 13.98
C LYS B 796 12.83 -71.15 14.76
N PHE B 797 14.15 -71.34 14.61
CA PHE B 797 14.83 -72.38 15.35
C PHE B 797 14.78 -72.12 16.85
N LEU B 798 15.24 -70.94 17.28
CA LEU B 798 15.30 -70.63 18.72
C LEU B 798 13.96 -70.67 19.42
N ALA B 799 12.89 -70.51 18.66
CA ALA B 799 11.55 -70.75 19.15
C ALA B 799 11.37 -72.24 19.34
N GLU B 800 11.53 -72.99 18.25
CA GLU B 800 11.34 -74.42 18.29
C GLU B 800 12.20 -75.12 19.34
N LYS B 801 13.21 -74.45 19.89
CA LYS B 801 13.93 -75.00 21.06
C LYS B 801 12.95 -75.22 22.22
N CYS B 802 12.23 -74.17 22.59
CA CYS B 802 11.23 -74.25 23.64
C CYS B 802 10.38 -75.50 23.58
N LEU B 803 9.68 -75.68 22.48
CA LEU B 803 8.79 -76.80 22.25
C LEU B 803 9.55 -78.14 22.22
N ASN B 804 10.30 -78.35 21.15
CA ASN B 804 10.88 -79.65 20.86
C ASN B 804 12.39 -79.73 21.03
N ASN B 805 13.00 -78.94 21.91
CA ASN B 805 14.47 -78.87 21.92
C ASN B 805 15.12 -80.24 22.00
N GLN B 806 14.62 -81.07 22.90
CA GLN B 806 15.14 -82.44 23.04
C GLN B 806 15.05 -83.21 21.72
N GLN B 807 14.17 -82.77 20.82
CA GLN B 807 14.12 -83.27 19.43
C GLN B 807 15.11 -82.55 18.51
N LEU B 808 15.07 -81.21 18.51
CA LEU B 808 15.81 -80.34 17.56
C LEU B 808 17.08 -79.65 18.11
N HIS B 809 18.23 -80.08 17.58
CA HIS B 809 19.52 -79.55 18.01
C HIS B 809 20.11 -78.56 17.04
N PHE B 810 21.01 -77.72 17.56
CA PHE B 810 21.84 -76.75 16.79
C PHE B 810 23.07 -77.49 16.26
N LEU B 811 23.51 -77.07 15.08
CA LEU B 811 24.36 -77.92 14.29
C LEU B 811 25.54 -77.18 13.71
N HIS B 812 25.29 -76.07 13.05
CA HIS B 812 26.24 -75.62 12.05
C HIS B 812 25.69 -74.36 11.48
N ILE B 813 26.42 -73.26 11.62
CA ILE B 813 26.00 -71.98 11.02
C ILE B 813 26.12 -71.97 9.48
N GLY B 814 25.28 -71.18 8.81
CA GLY B 814 25.24 -71.16 7.33
C GLY B 814 24.24 -72.16 6.80
N SER B 815 23.93 -72.15 5.50
CA SER B 815 23.01 -73.16 4.98
C SER B 815 23.73 -74.51 5.03
N CYS B 816 22.95 -75.58 5.21
CA CYS B 816 23.51 -76.91 5.38
C CYS B 816 24.45 -77.27 4.22
N GLN B 817 25.60 -77.84 4.56
CA GLN B 817 26.65 -78.13 3.59
C GLN B 817 27.59 -79.22 4.09
N ASP B 818 28.04 -80.08 3.18
CA ASP B 818 28.93 -81.19 3.52
C ASP B 818 30.34 -80.78 3.88
N GLY B 819 30.90 -81.54 4.81
CA GLY B 819 32.30 -81.42 5.18
C GLY B 819 32.48 -82.03 6.55
N ARG B 820 33.65 -81.81 7.15
CA ARG B 820 33.84 -82.17 8.54
C ARG B 820 32.76 -81.48 9.35
N GLN B 821 32.46 -80.25 8.99
CA GLN B 821 31.41 -79.45 9.64
C GLN B 821 30.16 -80.27 9.92
N LEU B 822 29.71 -80.95 8.88
CA LEU B 822 28.44 -81.63 8.88
C LEU B 822 28.52 -82.98 9.53
N GLU B 823 29.46 -83.81 9.09
CA GLU B 823 29.68 -85.09 9.75
C GLU B 823 29.85 -84.85 11.24
N TRP B 824 30.45 -83.71 11.59
CA TRP B 824 30.76 -83.41 12.97
C TRP B 824 29.58 -83.03 13.78
N GLY B 825 28.84 -82.01 13.36
CA GLY B 825 27.60 -81.65 14.03
C GLY B 825 26.65 -82.83 14.22
N LEU B 826 26.76 -83.82 13.33
CA LEU B 826 25.99 -85.05 13.38
C LEU B 826 26.42 -85.85 14.60
N GLU B 827 27.72 -86.13 14.68
CA GLU B 827 28.31 -86.75 15.86
C GLU B 827 27.94 -85.98 17.10
N ARG B 828 28.13 -84.66 17.03
CA ARG B 828 27.84 -83.72 18.10
C ARG B 828 26.57 -84.05 18.88
N THR B 829 25.49 -84.30 18.14
CA THR B 829 24.20 -84.54 18.75
C THR B 829 23.80 -86.00 18.69
N ARG B 830 24.77 -86.84 18.36
CA ARG B 830 24.64 -88.29 18.50
C ARG B 830 25.28 -88.69 19.82
N LEU B 831 26.28 -87.89 20.22
CA LEU B 831 26.96 -88.06 21.48
C LEU B 831 26.24 -87.24 22.53
N SER B 832 25.02 -86.83 22.22
CA SER B 832 24.29 -85.91 23.06
C SER B 832 23.82 -86.50 24.39
N SER B 833 23.46 -87.79 24.41
CA SER B 833 22.85 -88.43 25.60
C SER B 833 23.75 -88.46 26.82
N ASN B 834 24.99 -88.91 26.63
CA ASN B 834 25.88 -89.10 27.77
C ASN B 834 26.38 -87.78 28.37
N SER B 835 26.52 -86.75 27.56
CA SER B 835 26.92 -85.43 28.02
C SER B 835 26.10 -84.88 29.19
N THR B 836 26.78 -84.71 30.31
CA THR B 836 26.17 -84.22 31.53
C THR B 836 26.04 -82.70 31.57
N LYS B 837 26.84 -82.00 30.76
CA LYS B 837 26.90 -80.54 30.79
C LYS B 837 26.80 -79.92 29.40
N LYS B 838 25.65 -79.33 29.07
CA LYS B 838 25.54 -78.57 27.83
C LYS B 838 25.21 -77.08 28.06
N GLU B 839 26.13 -76.21 27.62
CA GLU B 839 26.21 -74.75 27.93
C GLU B 839 25.25 -73.74 27.28
N SER B 840 25.04 -73.82 25.95
CA SER B 840 24.08 -72.94 25.22
C SER B 840 24.30 -71.39 25.24
N CYS B 841 25.38 -70.91 24.63
CA CYS B 841 25.58 -69.46 24.45
C CYS B 841 24.86 -68.87 23.22
N GLY B 842 25.45 -69.01 22.03
CA GLY B 842 24.78 -68.69 20.77
C GLY B 842 24.34 -69.95 20.04
N TYR B 843 25.00 -71.04 20.42
CA TYR B 843 24.82 -72.37 19.90
C TYR B 843 23.74 -73.03 20.74
N ASP B 844 23.13 -74.11 20.30
CA ASP B 844 22.15 -74.75 21.19
C ASP B 844 22.84 -75.11 22.51
N THR B 845 24.11 -75.49 22.38
CA THR B 845 24.86 -76.13 23.43
C THR B 845 26.34 -76.05 23.14
N CYS B 846 27.15 -76.15 24.18
CA CYS B 846 28.56 -76.44 24.04
C CYS B 846 28.74 -77.81 24.66
N TYR B 847 29.61 -78.61 24.06
CA TYR B 847 29.87 -79.95 24.56
C TYR B 847 30.18 -79.93 26.06
N ASP B 848 29.93 -81.05 26.73
CA ASP B 848 30.42 -81.28 28.09
C ASP B 848 31.88 -80.84 28.18
N TRP B 849 32.63 -81.07 27.11
CA TRP B 849 34.06 -80.80 27.06
C TRP B 849 34.46 -79.41 26.62
N GLU B 850 33.58 -78.67 25.96
CA GLU B 850 33.93 -77.34 25.47
C GLU B 850 33.50 -76.16 26.33
N LYS B 851 34.07 -75.00 26.02
CA LYS B 851 33.81 -73.72 26.71
C LYS B 851 33.22 -72.75 25.69
N CYS B 852 32.22 -71.95 26.05
CA CYS B 852 31.82 -70.91 25.10
C CYS B 852 32.86 -69.80 25.08
N SER B 853 33.24 -69.34 23.89
CA SER B 853 34.59 -68.77 23.66
C SER B 853 34.76 -67.25 23.58
N ALA B 854 34.40 -66.55 24.66
CA ALA B 854 34.62 -65.10 24.78
C ALA B 854 34.00 -64.26 23.64
N SER B 855 32.75 -64.57 23.29
CA SER B 855 31.99 -63.83 22.29
C SER B 855 32.10 -64.42 20.90
N THR B 856 32.97 -65.42 20.74
CA THR B 856 33.04 -66.14 19.47
C THR B 856 31.67 -66.72 19.32
N SER B 857 31.11 -67.16 20.46
CA SER B 857 29.74 -67.69 20.54
C SER B 857 29.65 -69.11 19.96
N LYS B 858 30.75 -69.83 20.11
CA LYS B 858 30.95 -71.15 19.54
C LYS B 858 31.95 -71.80 20.46
N CYS B 859 31.96 -73.12 20.45
CA CYS B 859 32.66 -73.89 21.46
C CYS B 859 33.90 -74.58 20.83
N VAL B 860 34.88 -74.96 21.66
CA VAL B 860 36.16 -75.45 21.14
C VAL B 860 36.58 -76.81 21.75
N CYS B 861 36.82 -77.81 20.88
CA CYS B 861 37.22 -79.18 21.27
C CYS B 861 38.34 -79.07 22.28
N LEU B 862 38.14 -79.59 23.47
CA LEU B 862 39.13 -79.41 24.52
C LEU B 862 40.39 -80.27 24.43
N LEU B 863 41.48 -79.78 25.01
CA LEU B 863 42.61 -80.62 25.40
C LEU B 863 42.06 -81.70 26.35
N PRO B 864 42.32 -82.99 26.04
CA PRO B 864 41.91 -84.05 26.97
C PRO B 864 42.29 -83.80 28.43
N PRO B 865 43.56 -83.39 28.72
CA PRO B 865 43.90 -83.04 30.09
C PRO B 865 42.81 -82.26 30.81
N GLN B 866 42.24 -81.25 30.16
CA GLN B 866 41.41 -80.23 30.82
C GLN B 866 40.22 -80.66 31.72
N CYS B 867 39.66 -81.85 31.50
CA CYS B 867 38.51 -82.29 32.31
C CYS B 867 38.77 -83.65 32.92
N PHE B 868 38.58 -83.81 34.22
CA PHE B 868 38.72 -85.12 34.86
C PHE B 868 38.50 -85.06 36.35
N LYS B 869 37.31 -85.49 36.76
CA LYS B 869 37.05 -86.10 38.09
C LYS B 869 35.70 -86.77 38.08
N GLY B 870 35.59 -87.73 37.16
CA GLY B 870 34.34 -88.40 36.87
C GLY B 870 34.37 -89.91 36.91
N GLY B 871 33.16 -90.48 36.99
CA GLY B 871 32.93 -91.92 36.98
C GLY B 871 31.84 -92.25 35.99
N ASN B 872 32.06 -91.85 34.74
CA ASN B 872 31.24 -92.25 33.61
C ASN B 872 32.11 -92.99 32.61
N GLN B 873 32.76 -94.05 33.09
CA GLN B 873 33.86 -94.69 32.39
C GLN B 873 33.39 -95.62 31.28
N LEU B 874 33.76 -95.23 30.06
CA LEU B 874 33.73 -96.13 28.93
C LEU B 874 35.19 -96.50 28.67
N TYR B 875 35.80 -97.04 29.74
CA TYR B 875 37.23 -97.28 29.86
C TYR B 875 37.96 -97.33 28.54
N CYS B 876 37.99 -98.53 27.96
CA CYS B 876 39.07 -98.93 27.08
C CYS B 876 38.94 -98.40 25.68
N VAL B 877 39.90 -97.54 25.32
CA VAL B 877 39.96 -96.92 24.02
C VAL B 877 41.33 -97.18 23.42
N LYS B 878 41.35 -97.99 22.36
CA LYS B 878 42.53 -98.10 21.53
C LYS B 878 42.77 -96.77 20.84
N MET B 879 43.89 -96.65 20.13
CA MET B 879 44.19 -95.42 19.41
C MET B 879 44.46 -95.59 17.92
N GLY B 880 44.76 -96.80 17.49
CA GLY B 880 45.01 -97.09 16.08
C GLY B 880 46.43 -96.80 15.63
N SER B 881 46.94 -95.62 15.98
CA SER B 881 48.36 -95.29 15.81
C SER B 881 49.19 -95.68 17.04
N SER B 882 48.64 -95.43 18.24
CA SER B 882 49.29 -95.73 19.51
C SER B 882 49.22 -97.22 19.87
N THR B 883 48.07 -97.85 19.63
CA THR B 883 47.86 -99.29 19.84
C THR B 883 48.10 -99.79 21.29
N SER B 884 47.54 -99.06 22.25
CA SER B 884 47.66 -99.41 23.67
C SER B 884 46.37 -99.05 24.40
N GLU B 885 46.06 -99.86 25.42
CA GLU B 885 44.72 -99.87 26.05
C GLU B 885 44.59 -99.03 27.34
N LYS B 886 44.09 -97.81 27.20
CA LYS B 886 43.96 -96.84 28.31
C LYS B 886 42.56 -96.80 28.92
N THR B 887 42.34 -95.86 29.84
CA THR B 887 41.06 -95.75 30.56
C THR B 887 40.52 -94.31 30.62
N LEU B 888 39.25 -94.12 30.26
CA LEU B 888 38.74 -92.77 29.93
C LEU B 888 37.35 -92.37 30.45
N ASN B 889 37.13 -91.05 30.52
CA ASN B 889 35.83 -90.40 30.81
C ASN B 889 35.13 -90.08 29.52
N ILE B 890 33.85 -89.74 29.58
CA ILE B 890 33.14 -89.34 28.37
C ILE B 890 33.73 -88.06 27.82
N CYS B 891 34.05 -87.13 28.72
CA CYS B 891 34.65 -85.88 28.32
C CYS B 891 35.98 -86.15 27.63
N GLU B 892 36.70 -87.16 28.11
CA GLU B 892 37.92 -87.60 27.47
C GLU B 892 37.60 -88.16 26.08
N VAL B 893 36.77 -89.21 25.99
CA VAL B 893 36.43 -89.81 24.69
C VAL B 893 35.95 -88.79 23.69
N GLY B 894 35.10 -87.90 24.16
CA GLY B 894 34.60 -86.82 23.35
C GLY B 894 35.77 -86.08 22.79
N THR B 895 36.47 -85.35 23.67
CA THR B 895 37.64 -84.60 23.26
C THR B 895 38.52 -85.38 22.27
N ILE B 896 38.75 -86.67 22.52
CA ILE B 896 39.58 -87.48 21.60
C ILE B 896 38.95 -87.52 20.23
N ARG B 897 37.66 -87.81 20.21
CA ARG B 897 36.96 -87.94 18.95
C ARG B 897 36.80 -86.58 18.27
N CYS B 898 36.67 -85.51 19.06
CA CYS B 898 36.31 -84.18 18.54
C CYS B 898 37.21 -83.75 17.41
N ALA B 899 38.49 -83.61 17.71
CA ALA B 899 39.48 -83.38 16.68
C ALA B 899 39.78 -84.71 16.00
N ASN B 900 40.62 -85.50 16.66
CA ASN B 900 41.23 -86.68 16.07
C ASN B 900 40.23 -87.80 15.84
N ARG B 901 40.73 -88.89 15.28
CA ARG B 901 39.90 -89.95 14.74
C ARG B 901 40.47 -91.31 15.11
N LYS B 902 39.88 -92.36 14.55
CA LYS B 902 40.33 -93.74 14.71
C LYS B 902 40.51 -94.24 16.16
N MET B 903 39.68 -93.74 17.04
CA MET B 903 39.51 -94.36 18.35
C MET B 903 38.51 -95.51 18.27
N GLU B 904 38.92 -96.66 18.78
CA GLU B 904 38.08 -97.85 18.82
C GLU B 904 37.70 -98.09 20.28
N ILE B 905 36.41 -98.31 20.54
CA ILE B 905 35.95 -98.68 21.89
C ILE B 905 35.89 -100.19 22.05
N LEU B 906 36.85 -100.72 22.80
CA LEU B 906 36.97 -102.15 23.06
C LEU B 906 35.95 -102.61 24.06
N HIS B 907 35.74 -101.83 25.13
CA HIS B 907 34.94 -102.28 26.26
C HIS B 907 34.29 -101.16 27.04
N PRO B 908 32.97 -101.26 27.30
CA PRO B 908 32.26 -100.28 28.12
C PRO B 908 32.39 -100.71 29.57
N GLY B 909 33.41 -100.19 30.24
CA GLY B 909 33.93 -100.81 31.46
C GLY B 909 35.34 -101.29 31.16
N LYS B 910 36.03 -101.84 32.17
CA LYS B 910 37.51 -102.05 32.19
C LYS B 910 38.30 -102.46 30.92
N CYS B 911 39.62 -102.21 30.96
CA CYS B 911 40.55 -102.51 29.87
C CYS B 911 41.02 -103.98 29.81
N LEU B 912 42.30 -104.19 29.43
CA LEU B 912 43.01 -105.48 29.61
C LEU B 912 43.84 -105.50 30.91
N ALA B 913 43.19 -105.08 32.00
CA ALA B 913 43.68 -105.14 33.38
C ALA B 913 42.56 -104.57 34.25
#